data_8B7E
#
_entry.id   8B7E
#
_cell.length_a   154.360
_cell.length_b   69.990
_cell.length_c   158.320
_cell.angle_alpha   90.000
_cell.angle_beta   112.550
_cell.angle_gamma   90.000
#
_symmetry.space_group_name_H-M   'P 1 2 1'
#
loop_
_entity.id
_entity.type
_entity.pdbx_description
1 polymer 'DNA polymerase epsilon catalytic subunit A'
2 polymer 'Primer DNA sequence'
3 polymer 'Template DNA sequence'
4 non-polymer "URIDINE 5'-TRIPHOSPHATE"
5 non-polymer 'CALCIUM ION'
6 non-polymer GLYCEROL
7 water water
#
loop_
_entity_poly.entity_id
_entity_poly.type
_entity_poly.pdbx_seq_one_letter_code
_entity_poly.pdbx_strand_id
1 'polypeptide(L)'
;GGDPHMMFGKKKNNGGSSTARYSAGNKYNTLSNNYALSAQQLLNASKIDDIDSMMGFERYVPPQYNGRFDAKDIDQIPGR
VGWLTNMHATLVSQETLSSGSNGGGNSNDGERVTTNQGISGVDFYFLDEEGGSFKSTVVYDPYFFIACNDESRVNDVEEL
VKKYLESCLKSLQIIRKEDLTMDNHLLGLQKTLIKLSFVNSNQLFEARKLLRPILQDNANNNVQRNIYNVAANGSEKVDA
KHLIEDIREYDVPYHVRVSIDKDIRVGKWYKVTQQGFIEDTRKIAFADPVVMAFAIATTKPPLKFPDSAVDQIMMISYMI
DGEGFLITNREIISEDIEDFEYTPKPEYPGFFTIFNENDEVALLQRFFEHIRDVRPTVISTFNGDFFDWPFIHNRSKIHG
LDMFDEIGFAPDAEGEYKSSYCSHMDCFRWVKRDSYLPQGSQGLKAVTQSKLGYNPIELDPELMTPYAFEKPQHLSEYSV
SDAVATYYLYMKYVHPFIFSLCTIIPLNPDETLRKGTGTLCEMLLMVQAYQHNILLPNKHTDPIERFYDGHLLESETYVG
GHVESLEAGVFRSDLKNEFKIDPSAIDELLQELPEALKFSVEVENKSSVDKVTNFEEIKNQITQKLLELKENNIRNELPL
IYHVDVASMYPNIMTTNRLQPDSIKAERDCASCDFNRPGKTCARKLKWAWRGEFFPSKMDEYNMIKRALQNETFPNKNKF
SKKKVLTFDELSYADQVIHIKKRLTEYSRKVYHRVKVSEIVEREAIVCQRENPFYVDTVKSFRDRRYEFKGLAKTWKGNL
SKIDPSDKHARDEAKKMIVLYDSLQLAHKVILVSFYGYVMRKGSRWYSMEMAGITCLTGATIIQMARALVERVGRPLELD
TDGIWCILPKSFPETYFFTLENGKKLYLSYPCSMLNYRVHQKFTNHQYQELKDPLNYIYETHSENTIFFEVDGPYKAMIL
PSSKEEGKGIKKRYAVFNEDGSLAELKGFELKRRGELQLIKNFQSDIFKVFLEGDTLEGCYSAVASVCNRWLDVLDSHGL
MLEDEDLVSLICENRSMSKTLKEYEGQKSTSITTARRLGDFLGEDMVKDKGLQCKYIISSKPFNAPVTERAIPVAIFSAD
IPIKRSFLRRWTLDPSLEDLDIRTIIDWGYYRERLGSAIQKIITIPAALQGVSNPVPRVEHPDWLKRKIAT
;
A,B
2 'polydeoxyribonucleotide' (DT)(DA)(DA)(DC)(DC)(DG)(DC)(DG)(DT)(DT)(DOC) C,P
3 'polydeoxyribonucleotide' (DC)(DT)(DC)(DT)(DA)(DG)(DA)(DA)(DC)(DG)(DC)(DG)(DG)(DT)(DT)(DA) D,T
#
loop_
_chem_comp.id
_chem_comp.type
_chem_comp.name
_chem_comp.formula
CA non-polymer 'CALCIUM ION' 'Ca 2'
DA DNA linking 2'-DEOXYADENOSINE-5'-MONOPHOSPHATE 'C10 H14 N5 O6 P'
DC DNA linking 2'-DEOXYCYTIDINE-5'-MONOPHOSPHATE 'C9 H14 N3 O7 P'
DG DNA linking 2'-DEOXYGUANOSINE-5'-MONOPHOSPHATE 'C10 H14 N5 O7 P'
DOC DNA linking 2',3'-DIDEOXYCYTIDINE-5'-MONOPHOSPHATE 'C9 H14 N3 O6 P'
DT DNA linking THYMIDINE-5'-MONOPHOSPHATE 'C10 H15 N2 O8 P'
GOL non-polymer GLYCEROL 'C3 H8 O3'
UTP non-polymer 'URIDINE 5'-TRIPHOSPHATE' 'C9 H15 N2 O15 P3'
#
# COMPACT_ATOMS: atom_id res chain seq x y z
N ALA A 36 56.12 -28.04 4.16
CA ALA A 36 57.48 -27.55 3.98
C ALA A 36 57.55 -26.04 4.19
N LEU A 37 56.43 -25.46 4.65
CA LEU A 37 56.34 -24.02 4.89
C LEU A 37 57.39 -23.52 5.88
N SER A 38 58.09 -24.42 6.56
CA SER A 38 59.14 -23.99 7.48
C SER A 38 60.13 -23.08 6.78
N ALA A 39 60.41 -23.36 5.49
CA ALA A 39 61.36 -22.56 4.73
C ALA A 39 61.02 -21.08 4.78
N GLN A 40 59.80 -20.72 4.38
CA GLN A 40 59.36 -19.34 4.49
C GLN A 40 59.56 -18.81 5.90
N GLN A 41 59.17 -19.61 6.91
CA GLN A 41 59.30 -19.20 8.30
C GLN A 41 60.76 -19.05 8.70
N LEU A 42 61.59 -20.04 8.38
CA LEU A 42 63.00 -19.93 8.70
C LEU A 42 63.64 -18.78 7.95
N LEU A 43 63.14 -18.48 6.75
CA LEU A 43 63.62 -17.34 5.99
C LEU A 43 63.28 -16.04 6.68
N ASN A 44 62.00 -15.85 7.01
CA ASN A 44 61.57 -14.68 7.76
C ASN A 44 62.40 -14.48 9.02
N ALA A 45 62.72 -15.56 9.73
CA ALA A 45 63.54 -15.44 10.93
C ALA A 45 64.86 -14.75 10.64
N SER A 46 65.55 -15.16 9.58
CA SER A 46 66.83 -14.55 9.24
C SER A 46 66.65 -13.11 8.79
N LYS A 47 65.62 -12.85 7.96
CA LYS A 47 65.31 -11.48 7.58
C LYS A 47 65.05 -10.62 8.81
N ILE A 48 64.19 -11.10 9.72
CA ILE A 48 63.89 -10.35 10.93
C ILE A 48 65.16 -10.15 11.76
N ASP A 49 66.00 -11.17 11.85
CA ASP A 49 67.23 -11.05 12.63
C ASP A 49 68.12 -9.92 12.11
N ASP A 50 68.26 -9.82 10.79
CA ASP A 50 69.14 -8.81 10.25
C ASP A 50 68.51 -7.43 10.35
N ILE A 51 67.18 -7.33 10.16
CA ILE A 51 66.47 -6.07 10.38
C ILE A 51 66.65 -5.61 11.82
N ASP A 52 66.43 -6.51 12.78
CA ASP A 52 66.59 -6.14 14.18
C ASP A 52 67.99 -5.61 14.45
N SER A 53 69.01 -6.29 13.95
CA SER A 53 70.39 -5.89 14.20
C SER A 53 70.68 -4.52 13.60
N MET A 54 70.14 -4.25 12.41
CA MET A 54 70.26 -2.91 11.84
C MET A 54 69.73 -1.85 12.79
N MET A 55 68.62 -2.14 13.47
CA MET A 55 67.99 -1.16 14.35
C MET A 55 68.43 -1.29 15.80
N GLY A 56 69.57 -1.94 16.05
CA GLY A 56 70.16 -1.97 17.37
C GLY A 56 69.70 -3.07 18.28
N PHE A 57 69.07 -4.12 17.74
CA PHE A 57 68.59 -5.27 18.53
C PHE A 57 69.37 -6.50 18.12
N GLU A 58 70.58 -6.63 18.66
CA GLU A 58 71.38 -7.82 18.43
C GLU A 58 71.01 -8.87 19.48
N ARG A 59 71.11 -10.14 19.08
CA ARG A 59 70.78 -11.24 19.97
C ARG A 59 71.82 -11.36 21.08
N TYR A 60 71.39 -11.20 22.33
CA TYR A 60 72.27 -11.25 23.48
C TYR A 60 72.13 -12.59 24.20
N VAL A 61 73.28 -13.17 24.56
CA VAL A 61 73.33 -14.42 25.30
C VAL A 61 74.05 -14.17 26.61
N PRO A 62 73.46 -14.51 27.76
CA PRO A 62 74.07 -14.18 29.04
C PRO A 62 75.20 -15.13 29.37
N PRO A 63 76.16 -14.70 30.21
CA PRO A 63 77.26 -15.57 30.62
C PRO A 63 76.76 -16.84 31.32
N GLN A 64 77.66 -17.80 31.46
CA GLN A 64 77.34 -19.01 32.20
C GLN A 64 77.44 -18.76 33.69
N TYR A 65 76.67 -19.52 34.46
CA TYR A 65 76.70 -19.40 35.92
C TYR A 65 76.26 -20.72 36.54
N ASN A 66 77.10 -21.25 37.43
CA ASN A 66 76.80 -22.47 38.17
C ASN A 66 76.36 -22.10 39.58
N GLY A 67 75.25 -22.67 40.03
CA GLY A 67 74.62 -22.23 41.25
C GLY A 67 73.43 -21.33 40.96
N ARG A 68 72.94 -20.68 42.02
CA ARG A 68 71.92 -19.63 41.91
C ARG A 68 71.64 -19.02 43.27
N PHE A 69 71.42 -17.70 43.32
CA PHE A 69 70.89 -17.05 44.51
C PHE A 69 69.38 -16.90 44.44
N ASP A 70 68.76 -17.47 43.40
CA ASP A 70 67.32 -17.66 43.30
C ASP A 70 66.57 -16.34 43.46
N ALA A 71 66.96 -15.35 42.67
CA ALA A 71 66.33 -14.03 42.64
C ALA A 71 66.49 -13.25 43.96
N LYS A 72 67.14 -13.83 44.97
CA LYS A 72 67.37 -13.11 46.21
C LYS A 72 68.51 -12.11 46.06
N ASP A 73 69.59 -12.50 45.37
CA ASP A 73 70.71 -11.61 45.04
C ASP A 73 70.89 -11.72 43.52
N ILE A 74 70.07 -10.97 42.80
CA ILE A 74 70.20 -10.94 41.35
C ILE A 74 71.50 -10.24 40.95
N ASP A 75 71.92 -9.25 41.74
CA ASP A 75 73.10 -8.46 41.41
C ASP A 75 74.33 -9.33 41.21
N GLN A 76 74.34 -10.53 41.77
CA GLN A 76 75.49 -11.42 41.63
C GLN A 76 75.37 -12.37 40.45
N ILE A 77 74.16 -12.64 39.99
CA ILE A 77 73.99 -13.52 38.83
C ILE A 77 74.37 -12.77 37.55
N PRO A 78 75.23 -13.34 36.69
CA PRO A 78 75.68 -12.60 35.51
C PRO A 78 74.57 -12.50 34.48
N GLY A 79 74.59 -11.39 33.75
CA GLY A 79 73.64 -11.15 32.70
C GLY A 79 73.41 -9.66 32.50
N ARG A 80 72.33 -9.37 31.77
CA ARG A 80 72.01 -8.01 31.36
C ARG A 80 70.60 -7.65 31.81
N VAL A 81 70.41 -6.41 32.25
CA VAL A 81 69.13 -5.90 32.71
C VAL A 81 68.50 -5.07 31.60
N GLY A 82 67.23 -5.33 31.31
CA GLY A 82 66.52 -4.54 30.31
C GLY A 82 65.05 -4.38 30.65
N TRP A 83 64.46 -3.32 30.09
CA TRP A 83 63.02 -3.09 30.17
C TRP A 83 62.36 -3.80 28.99
N LEU A 84 61.46 -4.74 29.29
CA LEU A 84 60.86 -5.52 28.23
C LEU A 84 59.86 -4.67 27.43
N THR A 85 60.13 -4.51 26.14
CA THR A 85 59.39 -3.58 25.31
C THR A 85 58.59 -4.26 24.21
N ASN A 86 58.83 -5.54 23.94
CA ASN A 86 58.20 -6.27 22.84
C ASN A 86 58.53 -7.75 22.95
N MET A 87 57.78 -8.56 22.21
CA MET A 87 58.08 -9.98 22.09
C MET A 87 57.41 -10.53 20.84
N HIS A 88 58.06 -11.49 20.20
CA HIS A 88 57.51 -12.12 19.00
C HIS A 88 57.90 -13.59 18.94
N ALA A 89 57.01 -14.41 18.42
CA ALA A 89 57.32 -15.81 18.17
C ALA A 89 58.25 -15.91 16.97
N THR A 90 59.23 -16.81 17.06
CA THR A 90 60.22 -16.96 16.00
C THR A 90 60.59 -18.45 15.90
N LEU A 91 61.51 -18.73 14.98
CA LEU A 91 62.07 -20.05 14.78
C LEU A 91 63.58 -19.90 14.83
N VAL A 92 64.25 -20.70 15.66
CA VAL A 92 65.69 -20.62 15.82
C VAL A 92 66.29 -21.95 15.42
N SER A 93 67.60 -21.95 15.19
CA SER A 93 68.32 -23.13 14.76
C SER A 93 69.27 -23.58 15.87
N GLN A 94 69.95 -24.70 15.62
CA GLN A 94 70.80 -25.33 16.63
C GLN A 94 71.77 -24.33 17.27
N GLU A 95 72.44 -23.51 16.44
CA GLU A 95 73.28 -22.35 16.87
C GLU A 95 74.19 -22.56 18.10
N ASN A 116 67.30 -30.52 12.03
CA ASN A 116 67.14 -29.89 10.72
C ASN A 116 65.98 -28.90 10.70
N GLN A 117 64.88 -29.24 11.37
CA GLN A 117 63.73 -28.34 11.40
C GLN A 117 63.99 -27.16 12.34
N GLY A 118 63.16 -26.13 12.20
CA GLY A 118 63.28 -24.99 13.08
C GLY A 118 62.87 -25.32 14.50
N ILE A 119 63.35 -24.51 15.45
CA ILE A 119 63.05 -24.68 16.86
C ILE A 119 62.20 -23.49 17.30
N SER A 120 60.99 -23.76 17.79
CA SER A 120 60.12 -22.67 18.22
C SER A 120 60.70 -21.93 19.42
N GLY A 121 60.58 -20.61 19.39
CA GLY A 121 61.05 -19.79 20.48
C GLY A 121 60.38 -18.44 20.39
N VAL A 122 60.70 -17.59 21.36
CA VAL A 122 60.18 -16.23 21.41
C VAL A 122 61.36 -15.28 21.53
N ASP A 123 61.35 -14.21 20.71
CA ASP A 123 62.29 -13.12 20.85
C ASP A 123 61.72 -12.10 21.82
N PHE A 124 62.58 -11.57 22.70
CA PHE A 124 62.18 -10.55 23.65
C PHE A 124 63.09 -9.34 23.50
N TYR A 125 62.48 -8.17 23.31
CA TYR A 125 63.19 -6.95 22.95
C TYR A 125 63.28 -6.05 24.18
N PHE A 126 64.49 -5.71 24.58
CA PHE A 126 64.72 -4.96 25.81
C PHE A 126 65.42 -3.63 25.51
N LEU A 127 65.08 -2.61 26.29
CA LEU A 127 65.89 -1.41 26.40
C LEU A 127 66.67 -1.49 27.69
N ASP A 128 67.97 -1.25 27.61
CA ASP A 128 68.83 -1.38 28.78
C ASP A 128 68.93 -0.03 29.51
N GLU A 129 69.69 -0.02 30.60
CA GLU A 129 69.84 1.18 31.42
C GLU A 129 70.96 2.08 30.94
N GLU A 130 71.73 1.69 29.92
CA GLU A 130 72.81 2.51 29.40
C GLU A 130 72.45 3.18 28.08
N GLY A 131 71.16 3.26 27.74
CA GLY A 131 70.72 3.88 26.51
C GLY A 131 70.72 2.99 25.29
N GLY A 132 71.12 1.71 25.41
CA GLY A 132 71.14 0.79 24.30
C GLY A 132 69.97 -0.19 24.32
N SER A 133 69.87 -0.95 23.23
CA SER A 133 68.84 -1.98 23.12
C SER A 133 69.49 -3.32 22.81
N PHE A 134 68.72 -4.38 23.01
CA PHE A 134 69.14 -5.76 22.75
C PHE A 134 67.90 -6.64 22.85
N LYS A 135 67.99 -7.81 22.21
CA LYS A 135 66.94 -8.81 22.31
C LYS A 135 67.53 -10.12 22.84
N SER A 136 66.65 -10.95 23.41
CA SER A 136 67.03 -12.28 23.90
C SER A 136 65.94 -13.28 23.56
N THR A 137 66.36 -14.53 23.44
CA THR A 137 65.49 -15.58 22.92
C THR A 137 65.31 -16.69 23.94
N VAL A 138 64.06 -17.11 24.09
CA VAL A 138 63.72 -18.27 24.90
C VAL A 138 63.05 -19.29 23.99
N VAL A 139 63.54 -20.54 24.04
CA VAL A 139 62.89 -21.65 23.33
C VAL A 139 62.02 -22.39 24.32
N TYR A 140 60.94 -22.99 23.80
CA TYR A 140 59.97 -23.64 24.67
C TYR A 140 59.11 -24.52 23.79
N ASP A 141 59.09 -25.82 24.09
CA ASP A 141 58.38 -26.79 23.24
C ASP A 141 56.89 -26.53 23.21
N PRO A 142 56.28 -26.28 22.04
CA PRO A 142 54.82 -26.25 21.97
C PRO A 142 54.21 -27.54 22.48
N TYR A 143 52.97 -27.48 22.96
CA TYR A 143 52.33 -28.68 23.49
C TYR A 143 50.82 -28.50 23.53
N PHE A 144 50.11 -29.61 23.39
CA PHE A 144 48.70 -29.70 23.76
C PHE A 144 48.50 -31.02 24.49
N PHE A 145 47.27 -31.29 24.91
CA PHE A 145 46.98 -32.52 25.65
C PHE A 145 46.03 -33.41 24.87
N ILE A 146 46.12 -34.70 25.19
CA ILE A 146 45.11 -35.69 24.79
C ILE A 146 44.43 -36.15 26.07
N ALA A 147 43.10 -36.20 26.04
CA ALA A 147 42.31 -36.73 27.15
C ALA A 147 41.80 -38.11 26.78
N CYS A 148 41.47 -38.89 27.81
CA CYS A 148 41.05 -40.27 27.63
C CYS A 148 39.68 -40.47 28.27
N ASN A 149 38.96 -41.47 27.75
CA ASN A 149 37.68 -41.86 28.32
C ASN A 149 37.80 -42.96 29.36
N ASP A 150 39.01 -43.46 29.59
CA ASP A 150 39.23 -44.47 30.64
C ASP A 150 40.68 -44.32 31.08
N GLU A 151 40.87 -43.70 32.25
CA GLU A 151 42.20 -43.47 32.79
C GLU A 151 42.92 -44.76 33.19
N SER A 152 42.25 -45.91 33.17
CA SER A 152 42.88 -47.20 33.41
C SER A 152 43.61 -47.73 32.19
N ARG A 153 43.69 -46.97 31.09
CA ARG A 153 44.43 -47.41 29.91
C ARG A 153 45.18 -46.26 29.25
N VAL A 154 45.50 -45.21 30.03
CA VAL A 154 46.20 -44.07 29.47
C VAL A 154 47.51 -44.49 28.82
N ASN A 155 48.20 -45.46 29.44
CA ASN A 155 49.46 -45.96 28.90
C ASN A 155 49.25 -46.61 27.53
N ASP A 156 48.04 -47.11 27.26
CA ASP A 156 47.77 -47.70 25.96
C ASP A 156 47.78 -46.64 24.86
N VAL A 157 46.96 -45.59 25.03
CA VAL A 157 46.96 -44.46 24.12
C VAL A 157 48.38 -43.95 23.92
N GLU A 158 49.16 -43.96 25.00
CA GLU A 158 50.53 -43.46 24.94
C GLU A 158 51.36 -44.24 23.93
N GLU A 159 51.23 -45.57 23.93
CA GLU A 159 51.98 -46.38 22.97
C GLU A 159 51.38 -46.28 21.57
N LEU A 160 50.08 -46.01 21.48
CA LEU A 160 49.48 -45.81 20.17
C LEU A 160 49.96 -44.50 19.54
N VAL A 161 49.84 -43.39 20.28
CA VAL A 161 50.22 -42.10 19.72
C VAL A 161 51.73 -41.97 19.57
N LYS A 162 52.49 -42.61 20.46
CA LYS A 162 53.95 -42.62 20.33
C LYS A 162 54.37 -43.13 18.96
N LYS A 163 53.70 -44.17 18.46
CA LYS A 163 53.97 -44.72 17.15
C LYS A 163 53.20 -43.99 16.05
N TYR A 164 51.95 -43.59 16.35
CA TYR A 164 51.13 -42.96 15.31
C TYR A 164 51.63 -41.58 14.95
N LEU A 165 52.12 -40.83 15.93
CA LEU A 165 52.62 -39.47 15.72
C LEU A 165 54.13 -39.42 15.66
N GLU A 166 54.80 -40.56 15.46
CA GLU A 166 56.24 -40.60 15.57
C GLU A 166 56.93 -39.69 14.56
N SER A 167 56.25 -39.33 13.47
CA SER A 167 56.85 -38.47 12.46
C SER A 167 57.12 -37.07 13.00
N CYS A 168 56.23 -36.56 13.85
CA CYS A 168 56.30 -35.18 14.31
C CYS A 168 56.45 -35.03 15.82
N LEU A 169 56.35 -36.11 16.59
CA LEU A 169 56.34 -36.01 18.04
C LEU A 169 57.75 -35.94 18.59
N LYS A 170 57.96 -35.05 19.57
CA LYS A 170 59.25 -34.96 20.24
C LYS A 170 59.28 -35.67 21.58
N SER A 171 58.18 -35.65 22.33
CA SER A 171 58.20 -36.15 23.69
C SER A 171 56.78 -36.41 24.15
N LEU A 172 56.66 -37.28 25.15
CA LEU A 172 55.38 -37.68 25.70
C LEU A 172 55.49 -37.70 27.23
N GLN A 173 54.34 -37.58 27.90
CA GLN A 173 54.33 -37.42 29.35
C GLN A 173 52.90 -37.41 29.88
N ILE A 174 52.66 -38.06 31.03
CA ILE A 174 51.34 -38.08 31.66
C ILE A 174 51.32 -37.03 32.76
N ILE A 175 50.31 -36.17 32.73
CA ILE A 175 50.16 -35.09 33.71
C ILE A 175 48.73 -35.07 34.22
N ARG A 176 48.54 -34.35 35.33
CA ARG A 176 47.22 -34.19 35.92
C ARG A 176 46.90 -32.72 36.08
N LYS A 177 45.67 -32.37 35.72
CA LYS A 177 45.17 -31.03 35.93
C LYS A 177 43.79 -31.16 36.55
N GLU A 178 43.26 -30.03 37.01
CA GLU A 178 41.95 -30.01 37.63
C GLU A 178 40.93 -29.66 36.55
N ASP A 179 39.90 -30.49 36.46
CA ASP A 179 38.79 -30.32 35.53
C ASP A 179 37.56 -29.91 36.31
N LEU A 180 37.11 -28.68 36.10
CA LEU A 180 35.91 -28.16 36.76
C LEU A 180 34.64 -28.83 36.26
N THR A 181 34.73 -29.67 35.24
CA THR A 181 33.59 -30.43 34.72
C THR A 181 33.62 -31.88 35.18
N MET A 182 34.44 -32.21 36.17
CA MET A 182 34.63 -33.59 36.61
C MET A 182 34.08 -33.78 38.02
N ASP A 183 33.37 -34.90 38.22
CA ASP A 183 32.81 -35.21 39.53
C ASP A 183 33.91 -35.38 40.56
N ASN A 184 33.66 -34.84 41.76
CA ASN A 184 34.55 -34.92 42.91
C ASN A 184 35.85 -34.15 42.74
N HIS A 185 35.91 -33.20 41.81
CA HIS A 185 37.14 -32.43 41.62
C HIS A 185 37.39 -31.50 42.79
N LEU A 186 36.36 -31.18 43.59
CA LEU A 186 36.54 -30.38 44.79
C LEU A 186 37.20 -31.14 45.93
N LEU A 187 37.32 -32.48 45.83
CA LEU A 187 38.02 -33.28 46.82
C LEU A 187 39.45 -33.60 46.43
N GLY A 188 39.91 -33.12 45.27
CA GLY A 188 41.28 -33.33 44.84
C GLY A 188 41.46 -34.28 43.69
N LEU A 189 40.38 -34.92 43.23
CA LEU A 189 40.45 -35.71 42.01
C LEU A 189 40.92 -34.84 40.85
N GLN A 190 41.79 -35.39 40.01
CA GLN A 190 42.31 -34.64 38.88
C GLN A 190 42.15 -35.47 37.61
N LYS A 191 41.93 -34.78 36.49
CA LYS A 191 41.89 -35.46 35.21
C LYS A 191 43.30 -35.84 34.79
N THR A 192 43.45 -37.05 34.27
CA THR A 192 44.72 -37.54 33.75
C THR A 192 44.80 -37.26 32.26
N LEU A 193 45.94 -36.72 31.83
CA LEU A 193 46.12 -36.32 30.44
C LEU A 193 47.53 -36.68 29.99
N ILE A 194 47.66 -36.82 28.67
CA ILE A 194 48.96 -36.97 28.03
C ILE A 194 49.36 -35.63 27.44
N LYS A 195 50.50 -35.10 27.88
CA LYS A 195 51.07 -33.88 27.33
C LYS A 195 51.94 -34.24 26.15
N LEU A 196 51.67 -33.65 24.99
CA LEU A 196 52.38 -33.93 23.77
C LEU A 196 53.21 -32.69 23.44
N SER A 197 54.53 -32.82 23.47
CA SER A 197 55.41 -31.70 23.18
C SER A 197 56.03 -31.86 21.80
N PHE A 198 56.47 -30.73 21.24
CA PHE A 198 56.94 -30.70 19.86
C PHE A 198 58.14 -29.76 19.74
N VAL A 199 58.89 -29.95 18.65
CA VAL A 199 60.07 -29.11 18.41
C VAL A 199 59.65 -27.73 17.95
N ASN A 200 58.55 -27.62 17.22
CA ASN A 200 58.06 -26.34 16.75
C ASN A 200 56.57 -26.44 16.47
N SER A 201 55.99 -25.31 16.06
CA SER A 201 54.55 -25.23 15.93
C SER A 201 54.05 -25.91 14.66
N ASN A 202 54.87 -25.95 13.61
CA ASN A 202 54.49 -26.70 12.42
C ASN A 202 54.30 -28.18 12.73
N GLN A 203 55.19 -28.76 13.53
CA GLN A 203 55.03 -30.15 13.93
C GLN A 203 53.77 -30.33 14.76
N LEU A 204 53.56 -29.44 15.74
CA LEU A 204 52.32 -29.48 16.53
C LEU A 204 51.10 -29.53 15.63
N PHE A 205 51.10 -28.73 14.56
CA PHE A 205 49.96 -28.70 13.66
C PHE A 205 49.78 -30.02 12.92
N GLU A 206 50.89 -30.60 12.44
CA GLU A 206 50.81 -31.89 11.77
C GLU A 206 50.18 -32.93 12.68
N ALA A 207 50.51 -32.89 13.97
CA ALA A 207 49.86 -33.78 14.93
C ALA A 207 48.35 -33.56 14.97
N ARG A 208 47.91 -32.30 14.93
CA ARG A 208 46.47 -32.03 14.92
C ARG A 208 45.82 -32.60 13.66
N LYS A 209 46.49 -32.47 12.51
CA LYS A 209 45.98 -33.06 11.28
C LYS A 209 45.88 -34.57 11.40
N LEU A 210 46.96 -35.22 11.86
CA LEU A 210 46.96 -36.67 12.02
C LEU A 210 45.95 -37.14 13.06
N LEU A 211 45.60 -36.28 14.03
CA LEU A 211 44.68 -36.64 15.08
C LEU A 211 43.22 -36.36 14.75
N ARG A 212 42.97 -35.47 13.78
CA ARG A 212 41.59 -35.13 13.42
C ARG A 212 40.78 -36.35 12.99
N PRO A 213 41.28 -37.25 12.12
CA PRO A 213 40.49 -38.45 11.80
C PRO A 213 40.09 -39.26 13.02
N ILE A 214 41.04 -39.52 13.92
CA ILE A 214 40.73 -40.38 15.07
C ILE A 214 39.57 -39.80 15.86
N LEU A 215 39.62 -38.49 16.13
CA LEU A 215 38.50 -37.85 16.82
C LEU A 215 37.25 -37.81 15.97
N GLN A 216 37.39 -37.68 14.64
CA GLN A 216 36.21 -37.65 13.77
C GLN A 216 35.55 -39.03 13.71
N ASP A 217 36.34 -40.09 13.57
CA ASP A 217 35.79 -41.44 13.45
C ASP A 217 35.18 -41.90 14.77
N ASN A 218 35.84 -41.60 15.89
CA ASN A 218 35.34 -42.04 17.19
C ASN A 218 33.96 -41.46 17.49
N ALA A 219 33.73 -40.22 17.06
CA ALA A 219 32.40 -39.63 17.21
C ALA A 219 31.38 -40.37 16.35
N ASN A 220 31.81 -40.85 15.17
CA ASN A 220 30.98 -41.76 14.40
C ASN A 220 30.94 -43.13 15.08
N ASN A 221 29.99 -43.95 14.66
CA ASN A 221 29.77 -45.24 15.29
C ASN A 221 30.78 -46.27 14.79
N ASN A 222 30.66 -47.50 15.29
CA ASN A 222 31.56 -48.58 14.92
C ASN A 222 31.11 -49.26 13.63
N VAL A 223 32.08 -49.92 12.98
CA VAL A 223 31.87 -50.56 11.67
C VAL A 223 31.28 -51.95 11.86
N GLN A 224 31.04 -52.63 10.75
CA GLN A 224 30.19 -53.82 10.72
C GLN A 224 31.00 -55.05 10.33
N ARG A 225 31.39 -55.83 11.34
CA ARG A 225 32.20 -57.01 11.11
C ARG A 225 31.45 -58.31 11.44
N ASN A 226 31.63 -58.87 12.63
CA ASN A 226 30.90 -60.08 13.01
C ASN A 226 29.74 -59.55 13.84
N ILE A 227 28.56 -59.47 13.24
CA ILE A 227 27.35 -59.03 13.92
C ILE A 227 26.94 -59.95 15.06
N TYR A 228 27.54 -61.13 15.17
CA TYR A 228 27.25 -62.06 16.25
C TYR A 228 28.21 -61.94 17.42
N ASN A 229 29.15 -60.99 17.35
CA ASN A 229 30.20 -60.87 18.36
C ASN A 229 29.78 -59.83 19.40
N VAL A 230 29.40 -60.30 20.59
CA VAL A 230 29.17 -59.48 21.79
C VAL A 230 28.75 -60.38 22.95
N ASP A 239 40.82 -50.73 19.80
CA ASP A 239 40.10 -50.08 20.89
C ASP A 239 40.88 -48.87 21.39
N ALA A 240 42.19 -48.83 21.10
CA ALA A 240 43.04 -47.75 21.57
C ALA A 240 42.68 -46.42 20.91
N LYS A 241 42.23 -46.46 19.65
CA LYS A 241 41.80 -45.24 18.98
C LYS A 241 40.62 -44.60 19.71
N HIS A 242 39.61 -45.41 20.05
CA HIS A 242 38.41 -44.90 20.71
C HIS A 242 38.66 -44.52 22.16
N LEU A 243 39.89 -44.69 22.65
CA LEU A 243 40.27 -44.20 23.97
C LEU A 243 40.57 -42.71 23.97
N ILE A 244 40.81 -42.12 22.80
CA ILE A 244 41.01 -40.68 22.70
C ILE A 244 39.64 -40.00 22.72
N GLU A 245 39.37 -39.22 23.77
CA GLU A 245 38.08 -38.57 23.89
C GLU A 245 38.06 -37.17 23.30
N ASP A 246 39.19 -36.46 23.36
CA ASP A 246 39.32 -35.11 22.82
C ASP A 246 40.76 -34.66 23.04
N ILE A 247 41.19 -33.69 22.23
CA ILE A 247 42.43 -32.98 22.45
C ILE A 247 42.11 -31.65 23.11
N ARG A 248 43.08 -31.09 23.81
CA ARG A 248 42.83 -29.96 24.71
C ARG A 248 44.01 -29.00 24.69
N GLU A 249 43.70 -27.70 24.82
CA GLU A 249 44.70 -26.63 24.89
C GLU A 249 45.59 -26.64 23.64
N TYR A 250 44.96 -26.86 22.49
CA TYR A 250 45.66 -26.96 21.22
C TYR A 250 45.67 -25.67 20.43
N ASP A 251 44.82 -24.69 20.78
CA ASP A 251 44.69 -23.46 20.02
C ASP A 251 45.18 -22.24 20.80
N VAL A 252 46.16 -22.43 21.68
CA VAL A 252 46.75 -21.35 22.45
C VAL A 252 47.87 -20.75 21.61
N PRO A 253 47.80 -19.47 21.25
CA PRO A 253 48.90 -18.84 20.51
C PRO A 253 50.22 -19.09 21.21
N TYR A 254 51.22 -19.53 20.44
CA TYR A 254 52.47 -20.01 21.03
C TYR A 254 53.10 -18.98 21.95
N HIS A 255 53.15 -17.71 21.52
CA HIS A 255 53.79 -16.70 22.35
C HIS A 255 52.95 -16.36 23.58
N VAL A 256 51.63 -16.44 23.48
CA VAL A 256 50.81 -16.36 24.68
C VAL A 256 51.16 -17.53 25.62
N ARG A 257 51.39 -18.70 25.05
CA ARG A 257 51.76 -19.87 25.84
C ARG A 257 53.06 -19.66 26.59
N VAL A 258 54.04 -19.01 25.95
CA VAL A 258 55.33 -18.80 26.58
C VAL A 258 55.23 -17.73 27.67
N SER A 259 54.55 -16.63 27.34
CA SER A 259 54.30 -15.58 28.32
C SER A 259 53.58 -16.11 29.55
N ILE A 260 52.59 -17.00 29.36
CA ILE A 260 51.84 -17.51 30.50
C ILE A 260 52.68 -18.52 31.29
N ASP A 261 53.25 -19.52 30.61
CA ASP A 261 53.98 -20.55 31.34
C ASP A 261 55.24 -20.01 31.99
N LYS A 262 55.84 -18.96 31.44
CA LYS A 262 57.07 -18.41 31.98
C LYS A 262 56.86 -17.15 32.80
N ASP A 263 55.63 -16.64 32.89
CA ASP A 263 55.31 -15.46 33.70
C ASP A 263 56.15 -14.25 33.28
N ILE A 264 56.30 -14.05 31.97
CA ILE A 264 56.99 -12.90 31.44
C ILE A 264 55.96 -11.91 30.91
N ARG A 265 56.18 -10.61 31.13
CA ARG A 265 55.25 -9.59 30.68
C ARG A 265 56.00 -8.38 30.14
N VAL A 266 55.53 -7.86 29.00
CA VAL A 266 56.06 -6.62 28.47
C VAL A 266 55.76 -5.49 29.45
N GLY A 267 56.71 -4.59 29.62
CA GLY A 267 56.54 -3.46 30.52
C GLY A 267 57.17 -3.62 31.87
N LYS A 268 57.60 -4.83 32.22
CA LYS A 268 58.35 -5.11 33.44
C LYS A 268 59.86 -5.08 33.17
N TRP A 269 60.65 -4.96 34.23
CA TRP A 269 62.10 -5.05 34.14
C TRP A 269 62.56 -6.46 34.47
N TYR A 270 63.49 -6.98 33.69
CA TYR A 270 64.02 -8.32 33.89
C TYR A 270 65.54 -8.29 33.75
N LYS A 271 66.20 -9.33 34.28
CA LYS A 271 67.61 -9.55 34.01
C LYS A 271 67.74 -10.90 33.33
N VAL A 272 68.18 -10.88 32.07
CA VAL A 272 68.39 -12.11 31.31
C VAL A 272 69.64 -12.82 31.86
N THR A 273 69.44 -13.98 32.48
CA THR A 273 70.51 -14.88 32.90
C THR A 273 70.31 -16.22 32.21
N GLN A 274 71.31 -17.10 32.38
CA GLN A 274 71.23 -18.42 31.76
C GLN A 274 70.07 -19.23 32.34
N GLN A 275 69.79 -19.07 33.63
CA GLN A 275 68.70 -19.83 34.22
C GLN A 275 67.33 -19.22 33.97
N GLY A 276 67.26 -18.08 33.28
CA GLY A 276 66.03 -17.49 32.80
C GLY A 276 65.96 -16.02 33.12
N PHE A 277 64.82 -15.42 32.82
CA PHE A 277 64.62 -14.02 33.13
C PHE A 277 64.27 -13.91 34.60
N ILE A 278 64.90 -12.99 35.32
CA ILE A 278 64.58 -12.68 36.70
C ILE A 278 63.98 -11.28 36.75
N GLU A 279 62.79 -11.16 37.34
CA GLU A 279 62.15 -9.86 37.46
C GLU A 279 62.91 -8.98 38.44
N ASP A 280 63.18 -7.73 38.02
CA ASP A 280 63.82 -6.74 38.89
C ASP A 280 62.73 -5.88 39.51
N THR A 281 62.17 -6.35 40.62
CA THR A 281 61.13 -5.62 41.33
C THR A 281 61.62 -4.31 41.92
N ARG A 282 62.91 -4.02 41.83
CA ARG A 282 63.41 -2.75 42.37
C ARG A 282 63.16 -1.60 41.41
N LYS A 283 63.24 -1.86 40.11
CA LYS A 283 62.99 -0.82 39.12
C LYS A 283 61.49 -0.52 39.05
N ILE A 284 61.13 0.75 39.17
CA ILE A 284 59.74 1.14 39.32
C ILE A 284 59.14 1.70 38.03
N ALA A 285 59.85 2.58 37.34
CA ALA A 285 59.31 3.29 36.20
C ALA A 285 59.69 2.61 34.90
N PHE A 286 58.91 2.91 33.86
CA PHE A 286 59.19 2.38 32.54
C PHE A 286 60.45 3.04 31.99
N ALA A 287 61.12 2.32 31.07
CA ALA A 287 62.14 2.95 30.25
C ALA A 287 61.51 4.02 29.37
N ASP A 288 62.33 4.74 28.61
CA ASP A 288 61.85 5.84 27.77
C ASP A 288 62.11 5.50 26.32
N PRO A 289 61.25 4.69 25.70
CA PRO A 289 61.46 4.31 24.31
C PRO A 289 61.41 5.53 23.41
N VAL A 290 62.20 5.48 22.33
CA VAL A 290 62.07 6.49 21.30
C VAL A 290 60.69 6.34 20.66
N VAL A 291 59.94 7.43 20.61
CA VAL A 291 58.57 7.39 20.12
C VAL A 291 58.42 8.36 18.98
N MET A 292 57.90 7.88 17.85
CA MET A 292 57.65 8.71 16.68
C MET A 292 56.22 8.54 16.21
N ALA A 293 55.53 9.66 15.97
CA ALA A 293 54.22 9.65 15.36
C ALA A 293 54.29 10.40 14.04
N PHE A 294 53.51 9.94 13.05
CA PHE A 294 53.58 10.54 11.73
C PHE A 294 52.20 10.59 11.09
N ALA A 295 52.04 11.51 10.15
CA ALA A 295 50.88 11.62 9.28
C ALA A 295 51.37 12.02 7.90
N ILE A 296 50.54 11.73 6.88
CA ILE A 296 50.89 12.05 5.50
C ILE A 296 49.76 12.83 4.85
N ALA A 297 50.11 13.63 3.83
CA ALA A 297 49.13 14.31 3.00
C ALA A 297 49.39 13.95 1.53
N THR A 298 48.30 13.73 0.79
CA THR A 298 48.40 13.28 -0.59
C THR A 298 47.54 14.14 -1.51
N THR A 299 47.84 14.07 -2.79
CA THR A 299 47.01 14.70 -3.82
C THR A 299 45.69 13.95 -3.92
N LYS A 300 44.74 14.54 -4.65
CA LYS A 300 43.40 13.96 -4.67
C LYS A 300 42.54 14.54 -5.78
N PRO A 301 41.98 13.70 -6.66
CA PRO A 301 41.06 14.21 -7.69
C PRO A 301 39.83 14.83 -7.06
N PRO A 302 39.32 15.92 -7.63
CA PRO A 302 38.19 16.62 -7.00
C PRO A 302 37.00 15.70 -6.76
N LEU A 303 36.43 15.81 -5.56
CA LEU A 303 35.26 15.04 -5.11
C LEU A 303 35.53 13.54 -5.00
N LYS A 304 36.79 13.12 -5.11
CA LYS A 304 37.14 11.72 -5.23
C LYS A 304 38.09 11.33 -4.10
N PHE A 305 38.39 10.01 -4.02
CA PHE A 305 39.29 9.50 -3.00
C PHE A 305 40.73 9.44 -3.51
N PRO A 306 41.71 9.54 -2.61
CA PRO A 306 43.10 9.30 -3.01
C PRO A 306 43.27 7.92 -3.63
N ASP A 307 44.14 7.84 -4.64
CA ASP A 307 44.48 6.57 -5.28
C ASP A 307 45.99 6.41 -5.22
N SER A 308 46.45 5.44 -4.41
CA SER A 308 47.89 5.23 -4.25
C SER A 308 48.55 4.79 -5.55
N ALA A 309 47.76 4.32 -6.52
CA ALA A 309 48.33 4.00 -7.83
C ALA A 309 48.66 5.27 -8.62
N VAL A 310 47.78 6.27 -8.54
CA VAL A 310 47.96 7.52 -9.28
C VAL A 310 48.50 8.60 -8.35
N ASP A 311 47.68 9.04 -7.39
CA ASP A 311 48.03 10.16 -6.52
C ASP A 311 49.34 9.89 -5.79
N GLN A 312 50.06 10.97 -5.51
CA GLN A 312 51.38 10.89 -4.91
C GLN A 312 51.41 11.64 -3.58
N ILE A 313 52.41 11.31 -2.77
CA ILE A 313 52.53 11.88 -1.43
C ILE A 313 53.07 13.30 -1.53
N MET A 314 52.33 14.25 -0.98
CA MET A 314 52.75 15.64 -0.98
C MET A 314 53.73 15.92 0.15
N MET A 315 53.37 15.50 1.36
CA MET A 315 54.20 15.80 2.51
C MET A 315 53.99 14.72 3.56
N ILE A 316 54.97 14.62 4.46
CA ILE A 316 54.92 13.71 5.59
C ILE A 316 55.39 14.47 6.81
N SER A 317 54.50 14.73 7.75
CA SER A 317 54.83 15.40 8.99
C SER A 317 54.92 14.37 10.11
N TYR A 318 55.85 14.59 11.03
CA TYR A 318 56.03 13.63 12.11
C TYR A 318 56.70 14.31 13.30
N MET A 319 56.82 13.54 14.38
CA MET A 319 57.31 14.02 15.65
C MET A 319 58.08 12.88 16.31
N ILE A 320 59.31 13.15 16.72
CA ILE A 320 60.20 12.14 17.31
C ILE A 320 60.58 12.63 18.69
N ASP A 321 59.93 12.07 19.72
CA ASP A 321 60.22 12.39 21.12
C ASP A 321 60.03 13.88 21.41
N GLY A 322 59.09 14.51 20.70
CA GLY A 322 58.79 15.90 20.92
C GLY A 322 59.37 16.86 19.90
N GLU A 323 60.24 16.40 19.00
CA GLU A 323 60.78 17.24 17.93
C GLU A 323 59.93 17.06 16.68
N GLY A 324 59.57 18.16 16.04
CA GLY A 324 58.73 18.12 14.85
C GLY A 324 59.56 18.21 13.58
N PHE A 325 59.11 17.49 12.55
CA PHE A 325 59.74 17.52 11.25
C PHE A 325 58.66 17.47 10.16
N LEU A 326 58.99 18.03 9.00
CA LEU A 326 58.11 17.98 7.84
C LEU A 326 58.94 17.74 6.59
N ILE A 327 58.54 16.76 5.78
CA ILE A 327 59.15 16.50 4.49
C ILE A 327 58.16 16.90 3.40
N THR A 328 58.67 17.52 2.34
CA THR A 328 57.81 18.01 1.27
C THR A 328 58.27 17.46 -0.08
N ASN A 329 57.30 17.27 -0.96
CA ASN A 329 57.54 16.93 -2.36
C ASN A 329 57.42 18.20 -3.18
N ARG A 330 58.57 18.81 -3.50
CA ARG A 330 58.55 20.10 -4.17
C ARG A 330 57.98 20.01 -5.58
N GLU A 331 57.86 18.81 -6.14
CA GLU A 331 57.16 18.66 -7.40
C GLU A 331 55.67 18.90 -7.26
N ILE A 332 55.15 18.93 -6.03
CA ILE A 332 53.77 19.29 -5.77
C ILE A 332 53.65 20.55 -4.92
N ILE A 333 54.58 20.75 -3.98
CA ILE A 333 54.59 21.94 -3.15
C ILE A 333 55.19 23.10 -3.94
N SER A 334 54.48 24.23 -3.98
CA SER A 334 54.86 25.31 -4.88
C SER A 334 56.18 25.96 -4.47
N GLU A 335 56.46 26.04 -3.18
CA GLU A 335 57.68 26.68 -2.70
C GLU A 335 58.24 25.92 -1.52
N ASP A 336 59.53 26.14 -1.25
CA ASP A 336 60.16 25.58 -0.07
C ASP A 336 59.52 26.17 1.18
N ILE A 337 59.42 25.36 2.24
CA ILE A 337 58.79 25.77 3.48
C ILE A 337 59.87 26.11 4.49
N GLU A 338 59.64 27.16 5.28
CA GLU A 338 60.57 27.59 6.32
C GLU A 338 60.16 26.99 7.66
N ASP A 339 61.17 26.78 8.52
CA ASP A 339 60.93 26.27 9.86
C ASP A 339 59.93 27.14 10.60
N PHE A 340 58.93 26.50 11.21
CA PHE A 340 57.89 27.23 11.93
C PHE A 340 57.51 26.46 13.18
N GLU A 341 56.66 27.07 14.01
CA GLU A 341 56.26 26.52 15.29
C GLU A 341 54.75 26.46 15.39
N TYR A 342 54.22 25.30 15.76
CA TYR A 342 52.81 25.14 16.07
C TYR A 342 52.72 24.52 17.46
N THR A 343 52.38 25.33 18.46
CA THR A 343 52.23 24.90 19.85
C THR A 343 50.80 25.22 20.27
N PRO A 344 49.84 24.36 19.92
CA PRO A 344 48.42 24.70 20.14
C PRO A 344 48.06 24.95 21.59
N LYS A 345 48.89 24.49 22.52
CA LYS A 345 48.74 24.80 23.93
C LYS A 345 50.11 24.66 24.57
N PRO A 346 50.40 25.38 25.66
CA PRO A 346 51.77 25.32 26.21
C PRO A 346 52.22 23.92 26.60
N GLU A 347 51.28 23.05 26.99
CA GLU A 347 51.62 21.68 27.33
C GLU A 347 52.06 20.85 26.13
N TYR A 348 51.81 21.32 24.90
CA TYR A 348 52.14 20.59 23.68
C TYR A 348 53.06 21.42 22.79
N PRO A 349 54.35 21.51 23.13
CA PRO A 349 55.29 22.24 22.26
C PRO A 349 55.45 21.57 20.90
N GLY A 350 55.85 22.37 19.91
CA GLY A 350 56.01 21.85 18.56
C GLY A 350 56.83 22.69 17.60
N PHE A 351 58.16 22.60 17.69
CA PHE A 351 59.06 23.24 16.74
C PHE A 351 59.35 22.26 15.60
N PHE A 352 58.99 22.64 14.37
CA PHE A 352 59.00 21.74 13.22
C PHE A 352 60.09 22.15 12.22
N THR A 353 61.16 21.36 12.15
CA THR A 353 62.17 21.51 11.12
C THR A 353 61.63 21.01 9.77
N ILE A 354 62.09 21.62 8.68
CA ILE A 354 61.59 21.28 7.35
C ILE A 354 62.68 20.57 6.56
N PHE A 355 62.23 19.64 5.70
CA PHE A 355 63.07 18.87 4.77
C PHE A 355 62.36 18.92 3.41
N ASN A 356 62.56 20.02 2.69
CA ASN A 356 62.04 20.09 1.33
C ASN A 356 62.90 19.23 0.41
N GLU A 357 62.26 18.35 -0.35
CA GLU A 357 62.97 17.44 -1.24
C GLU A 357 62.46 17.61 -2.68
N ASN A 358 63.27 17.14 -3.62
CA ASN A 358 63.01 17.42 -5.03
C ASN A 358 61.78 16.67 -5.52
N ASP A 359 61.80 15.35 -5.42
CA ASP A 359 60.70 14.53 -5.90
C ASP A 359 60.22 13.61 -4.78
N GLU A 360 59.06 12.99 -5.04
CA GLU A 360 58.43 12.13 -4.04
C GLU A 360 59.36 11.05 -3.53
N VAL A 361 60.10 10.42 -4.45
CA VAL A 361 61.04 9.33 -4.05
C VAL A 361 62.00 9.86 -3.00
N ALA A 362 62.53 11.06 -3.19
CA ALA A 362 63.42 11.64 -2.18
C ALA A 362 62.74 11.76 -0.81
N LEU A 363 61.44 12.09 -0.78
CA LEU A 363 60.69 12.13 0.47
C LEU A 363 60.56 10.76 1.10
N LEU A 364 60.30 9.75 0.28
CA LEU A 364 60.11 8.38 0.82
C LEU A 364 61.46 7.91 1.37
N GLN A 365 62.56 8.39 0.82
CA GLN A 365 63.90 7.89 1.21
C GLN A 365 64.42 8.62 2.43
N ARG A 366 64.00 9.86 2.63
CA ARG A 366 64.43 10.60 3.84
C ARG A 366 63.65 10.04 5.03
N PHE A 367 62.37 9.74 4.82
CA PHE A 367 61.54 9.21 5.92
C PHE A 367 62.13 7.89 6.35
N PHE A 368 62.41 7.03 5.37
CA PHE A 368 62.99 5.74 5.70
C PHE A 368 64.36 5.90 6.35
N GLU A 369 65.14 6.89 5.92
CA GLU A 369 66.47 7.09 6.50
C GLU A 369 66.37 7.70 7.89
N HIS A 370 65.53 8.73 8.05
CA HIS A 370 65.32 9.32 9.37
C HIS A 370 64.91 8.26 10.38
N ILE A 371 63.97 7.38 9.98
CA ILE A 371 63.55 6.28 10.85
C ILE A 371 64.74 5.40 11.22
N ARG A 372 65.56 5.04 10.22
CA ARG A 372 66.72 4.20 10.51
C ARG A 372 67.70 4.88 11.47
N ASP A 373 67.78 6.21 11.42
CA ASP A 373 68.72 6.92 12.26
C ASP A 373 68.24 6.99 13.71
N VAL A 374 66.97 7.34 13.92
CA VAL A 374 66.49 7.55 15.29
C VAL A 374 66.15 6.23 15.97
N ARG A 375 65.84 5.19 15.21
CA ARG A 375 65.48 3.87 15.74
C ARG A 375 64.32 3.96 16.73
N PRO A 376 63.08 4.08 16.25
CA PRO A 376 61.94 4.11 17.17
C PRO A 376 61.50 2.70 17.52
N THR A 377 61.24 2.46 18.80
CA THR A 377 60.60 1.21 19.20
C THR A 377 59.10 1.35 19.29
N VAL A 378 58.58 2.57 19.12
CA VAL A 378 57.15 2.82 18.96
C VAL A 378 56.98 3.77 17.77
N ILE A 379 56.11 3.41 16.83
CA ILE A 379 55.63 4.32 15.79
C ILE A 379 54.13 4.41 15.95
N SER A 380 53.60 5.63 15.97
CA SER A 380 52.18 5.86 16.19
C SER A 380 51.56 6.60 15.00
N THR A 381 50.35 6.21 14.64
CA THR A 381 49.59 6.90 13.60
C THR A 381 48.16 7.08 14.09
N PHE A 382 47.34 7.64 13.21
CA PHE A 382 45.90 7.74 13.42
C PHE A 382 45.22 7.19 12.18
N ASN A 383 44.70 5.96 12.29
CA ASN A 383 44.20 5.19 11.15
C ASN A 383 45.29 4.86 10.14
N GLY A 384 46.55 4.89 10.56
CA GLY A 384 47.63 4.62 9.63
C GLY A 384 47.63 3.21 9.06
N ASP A 385 46.97 2.28 9.75
CA ASP A 385 46.96 0.89 9.29
C ASP A 385 46.21 0.72 7.97
N PHE A 386 45.17 1.53 7.75
CA PHE A 386 44.33 1.35 6.57
C PHE A 386 44.34 2.54 5.64
N PHE A 387 45.08 3.61 5.96
CA PHE A 387 45.38 4.65 4.97
C PHE A 387 46.87 4.88 4.81
N ASP A 388 47.55 5.45 5.83
CA ASP A 388 48.90 5.98 5.64
C ASP A 388 49.89 4.91 5.22
N TRP A 389 50.00 3.83 6.00
CA TRP A 389 50.99 2.79 5.69
C TRP A 389 50.80 2.19 4.31
N PRO A 390 49.59 1.79 3.87
CA PRO A 390 49.46 1.23 2.52
C PRO A 390 49.71 2.23 1.42
N PHE A 391 49.51 3.53 1.67
CA PHE A 391 49.91 4.53 0.70
C PHE A 391 51.42 4.59 0.59
N ILE A 392 52.12 4.77 1.72
CA ILE A 392 53.59 4.77 1.69
C ILE A 392 54.11 3.46 1.11
N HIS A 393 53.37 2.37 1.29
CA HIS A 393 53.85 1.09 0.77
C HIS A 393 53.69 1.01 -0.75
N ASN A 394 52.56 1.48 -1.27
CA ASN A 394 52.37 1.46 -2.72
C ASN A 394 53.28 2.47 -3.40
N ARG A 395 53.38 3.68 -2.83
CA ARG A 395 54.29 4.67 -3.40
C ARG A 395 55.74 4.20 -3.33
N SER A 396 56.08 3.35 -2.37
CA SER A 396 57.42 2.77 -2.32
C SER A 396 57.61 1.76 -3.44
N LYS A 397 56.58 0.94 -3.69
CA LYS A 397 56.68 -0.05 -4.75
C LYS A 397 56.82 0.61 -6.12
N ILE A 398 55.96 1.58 -6.40
CA ILE A 398 55.98 2.30 -7.68
C ILE A 398 57.39 2.77 -8.00
N HIS A 399 58.08 3.34 -7.01
CA HIS A 399 59.41 3.89 -7.17
C HIS A 399 60.52 2.89 -6.89
N GLY A 400 60.24 1.59 -7.00
CA GLY A 400 61.27 0.58 -6.85
C GLY A 400 61.94 0.58 -5.50
N LEU A 401 61.19 0.89 -4.44
CA LEU A 401 61.70 0.92 -3.09
C LEU A 401 61.05 -0.21 -2.30
N ASP A 402 61.82 -0.88 -1.43
CA ASP A 402 61.31 -2.00 -0.64
C ASP A 402 61.24 -1.60 0.82
N MET A 403 60.01 -1.48 1.33
CA MET A 403 59.81 -0.93 2.67
C MET A 403 60.42 -1.80 3.75
N PHE A 404 60.27 -3.12 3.65
CA PHE A 404 60.78 -3.99 4.70
C PHE A 404 62.30 -3.91 4.79
N ASP A 405 63.01 -3.96 3.66
CA ASP A 405 64.46 -3.86 3.70
C ASP A 405 64.93 -2.53 4.25
N GLU A 406 64.15 -1.46 4.05
CA GLU A 406 64.52 -0.12 4.48
C GLU A 406 64.20 0.12 5.96
N ILE A 407 62.98 -0.22 6.41
CA ILE A 407 62.52 0.09 7.76
C ILE A 407 61.92 -1.10 8.48
N GLY A 408 61.85 -2.28 7.85
CA GLY A 408 61.41 -3.46 8.56
C GLY A 408 59.91 -3.62 8.72
N PHE A 409 59.11 -2.83 8.01
CA PHE A 409 57.66 -2.85 8.16
C PHE A 409 57.04 -3.54 6.94
N ALA A 410 55.94 -4.27 7.17
CA ALA A 410 55.28 -5.05 6.13
C ALA A 410 53.86 -5.35 6.58
N PRO A 411 52.96 -5.67 5.66
CA PRO A 411 51.59 -6.02 6.07
C PRO A 411 51.56 -7.40 6.70
N ASP A 412 50.59 -7.60 7.58
CA ASP A 412 50.40 -8.86 8.28
C ASP A 412 49.16 -9.56 7.73
N ALA A 413 48.85 -10.72 8.31
CA ALA A 413 47.76 -11.56 7.81
C ALA A 413 46.41 -10.86 7.85
N GLU A 414 46.27 -9.78 8.63
CA GLU A 414 45.07 -8.95 8.62
C GLU A 414 45.24 -7.68 7.81
N GLY A 415 46.37 -7.54 7.11
CA GLY A 415 46.63 -6.31 6.39
C GLY A 415 47.02 -5.13 7.25
N GLU A 416 47.35 -5.34 8.52
CA GLU A 416 47.87 -4.28 9.35
C GLU A 416 49.38 -4.22 9.20
N TYR A 417 49.94 -3.04 9.36
CA TYR A 417 51.37 -2.84 9.11
C TYR A 417 52.12 -2.98 10.43
N LYS A 418 53.02 -3.95 10.48
CA LYS A 418 53.73 -4.30 11.70
C LYS A 418 55.22 -4.38 11.42
N SER A 419 55.98 -4.42 12.51
CA SER A 419 57.43 -4.48 12.51
C SER A 419 57.87 -5.43 13.62
N SER A 420 59.14 -5.80 13.61
CA SER A 420 59.63 -6.70 14.65
C SER A 420 60.14 -5.92 15.86
N TYR A 421 60.91 -4.87 15.63
CA TYR A 421 61.51 -4.08 16.69
C TYR A 421 60.63 -2.93 17.16
N CYS A 422 59.55 -2.61 16.44
CA CYS A 422 58.81 -1.38 16.69
C CYS A 422 57.31 -1.62 16.68
N SER A 423 56.65 -1.32 17.79
CA SER A 423 55.20 -1.42 17.84
C SER A 423 54.57 -0.29 17.03
N HIS A 424 53.56 -0.63 16.23
CA HIS A 424 52.78 0.35 15.49
C HIS A 424 51.52 0.64 16.30
N MET A 425 51.47 1.82 16.91
CA MET A 425 50.42 2.19 17.85
C MET A 425 49.44 3.12 17.13
N ASP A 426 48.51 2.50 16.41
CA ASP A 426 47.46 3.23 15.70
C ASP A 426 46.45 3.76 16.70
N CYS A 427 46.50 5.07 16.97
CA CYS A 427 45.68 5.65 18.03
C CYS A 427 44.19 5.45 17.77
N PHE A 428 43.79 5.37 16.51
CA PHE A 428 42.38 5.13 16.20
C PHE A 428 41.87 3.88 16.90
N ARG A 429 42.71 2.86 17.01
CA ARG A 429 42.28 1.62 17.63
C ARG A 429 41.97 1.82 19.11
N TRP A 430 42.75 2.66 19.79
CA TRP A 430 42.41 3.02 21.16
C TRP A 430 41.10 3.78 21.21
N VAL A 431 40.91 4.73 20.30
CA VAL A 431 39.69 5.54 20.29
C VAL A 431 38.46 4.65 20.15
N LYS A 432 38.49 3.70 19.22
CA LYS A 432 37.31 2.86 19.02
C LYS A 432 37.09 1.90 20.16
N ARG A 433 38.16 1.44 20.82
CA ARG A 433 37.94 0.39 21.80
C ARG A 433 37.79 0.91 23.22
N ASP A 434 38.59 1.91 23.61
CA ASP A 434 38.77 2.24 25.02
C ASP A 434 38.36 3.66 25.41
N SER A 435 38.13 4.55 24.45
CA SER A 435 37.87 5.95 24.78
C SER A 435 36.47 6.17 25.35
N TYR A 436 35.51 5.33 24.95
CA TYR A 436 34.07 5.47 25.21
C TYR A 436 33.46 6.69 24.51
N LEU A 437 34.13 7.25 23.53
CA LEU A 437 33.57 8.38 22.79
C LEU A 437 32.47 7.88 21.85
N PRO A 438 31.40 8.65 21.67
CA PRO A 438 30.42 8.32 20.62
C PRO A 438 31.08 8.36 19.25
N GLN A 439 30.48 7.60 18.31
CA GLN A 439 31.07 7.46 16.98
C GLN A 439 31.26 8.82 16.31
N GLY A 440 30.32 9.74 16.49
CA GLY A 440 30.45 11.07 15.95
C GLY A 440 31.67 11.83 16.44
N SER A 441 32.22 11.45 17.59
CA SER A 441 33.38 12.12 18.15
C SER A 441 34.66 11.29 18.05
N GLN A 442 34.74 10.36 17.11
CA GLN A 442 35.91 9.50 17.01
C GLN A 442 36.91 9.95 15.96
N GLY A 443 36.65 11.08 15.28
CA GLY A 443 37.65 11.63 14.39
C GLY A 443 38.77 12.32 15.14
N LEU A 444 39.89 12.53 14.45
CA LEU A 444 41.05 13.13 15.10
C LEU A 444 40.70 14.49 15.66
N LYS A 445 39.87 15.26 14.94
CA LYS A 445 39.50 16.59 15.43
C LYS A 445 38.74 16.50 16.74
N ALA A 446 37.63 15.74 16.74
CA ALA A 446 36.84 15.62 17.96
C ALA A 446 37.65 15.03 19.11
N VAL A 447 38.52 14.06 18.80
CA VAL A 447 39.35 13.46 19.86
C VAL A 447 40.27 14.52 20.46
N THR A 448 40.93 15.29 19.59
CA THR A 448 41.85 16.31 20.08
C THR A 448 41.13 17.30 20.98
N GLN A 449 39.93 17.74 20.59
CA GLN A 449 39.14 18.63 21.43
C GLN A 449 38.86 17.99 22.79
N SER A 450 38.47 16.72 22.78
CA SER A 450 38.06 16.06 24.02
C SER A 450 39.24 15.71 24.92
N LYS A 451 40.35 15.25 24.32
CA LYS A 451 41.43 14.65 25.09
C LYS A 451 42.64 15.55 25.25
N LEU A 452 42.86 16.49 24.32
CA LEU A 452 43.97 17.41 24.43
C LEU A 452 43.53 18.82 24.79
N GLY A 453 42.24 19.14 24.67
CA GLY A 453 41.71 20.42 25.08
C GLY A 453 42.15 21.60 24.23
N TYR A 454 41.87 21.53 22.93
CA TYR A 454 42.13 22.61 21.99
C TYR A 454 41.52 22.20 20.65
N ASN A 455 41.45 23.18 19.74
CA ASN A 455 40.96 22.95 18.38
C ASN A 455 42.12 22.88 17.41
N PRO A 456 42.37 21.76 16.76
CA PRO A 456 43.46 21.67 15.78
C PRO A 456 43.07 22.37 14.48
N ILE A 457 44.02 22.39 13.54
CA ILE A 457 43.83 23.05 12.26
C ILE A 457 42.97 22.16 11.37
N GLU A 458 41.92 22.73 10.79
CA GLU A 458 41.03 22.01 9.89
C GLU A 458 41.06 22.63 8.50
N LEU A 459 41.22 21.79 7.49
CA LEU A 459 41.22 22.20 6.09
C LEU A 459 40.33 21.25 5.32
N ASP A 460 39.38 21.81 4.55
CA ASP A 460 38.52 21.00 3.71
C ASP A 460 39.36 20.18 2.75
N PRO A 461 39.15 18.86 2.68
CA PRO A 461 40.04 18.02 1.85
C PRO A 461 39.98 18.36 0.38
N GLU A 462 38.88 18.91 -0.11
CA GLU A 462 38.83 19.33 -1.50
C GLU A 462 39.80 20.46 -1.78
N LEU A 463 40.22 21.19 -0.75
CA LEU A 463 41.16 22.29 -0.88
C LEU A 463 42.61 21.86 -0.71
N MET A 464 42.88 20.57 -0.42
CA MET A 464 44.24 20.17 -0.06
C MET A 464 45.15 20.08 -1.27
N THR A 465 44.70 19.44 -2.35
CA THR A 465 45.53 19.37 -3.55
C THR A 465 45.84 20.75 -4.13
N PRO A 466 44.86 21.63 -4.38
CA PRO A 466 45.20 22.95 -4.94
C PRO A 466 46.06 23.79 -4.01
N TYR A 467 45.75 23.81 -2.71
CA TYR A 467 46.55 24.62 -1.77
C TYR A 467 48.00 24.19 -1.73
N ALA A 468 48.38 23.07 -2.35
CA ALA A 468 49.79 22.80 -2.56
C ALA A 468 50.43 23.91 -3.38
N PHE A 469 49.71 24.42 -4.38
CA PHE A 469 50.20 25.48 -5.26
C PHE A 469 49.85 26.87 -4.74
N GLU A 470 48.59 27.11 -4.38
CA GLU A 470 48.14 28.46 -4.09
C GLU A 470 48.58 28.93 -2.71
N LYS A 471 48.20 28.22 -1.66
CA LYS A 471 48.54 28.58 -0.28
C LYS A 471 49.29 27.41 0.34
N PRO A 472 50.58 27.27 0.05
CA PRO A 472 51.31 26.07 0.51
C PRO A 472 51.65 26.09 1.99
N GLN A 473 51.96 27.25 2.59
CA GLN A 473 52.30 27.28 4.00
C GLN A 473 51.11 26.90 4.87
N HIS A 474 49.91 27.35 4.49
CA HIS A 474 48.68 26.93 5.17
C HIS A 474 48.58 25.42 5.22
N LEU A 475 48.77 24.77 4.08
CA LEU A 475 48.68 23.32 4.01
C LEU A 475 49.78 22.64 4.81
N SER A 476 50.92 23.32 5.00
CA SER A 476 51.95 22.82 5.91
C SER A 476 51.48 22.87 7.36
N GLU A 477 50.76 23.92 7.74
CA GLU A 477 50.33 24.05 9.12
C GLU A 477 49.29 22.99 9.48
N TYR A 478 48.32 22.75 8.59
CA TYR A 478 47.41 21.63 8.77
C TYR A 478 48.18 20.33 8.91
N SER A 479 49.18 20.13 8.06
CA SER A 479 49.93 18.88 8.06
C SER A 479 50.61 18.65 9.40
N VAL A 480 51.30 19.66 9.93
CA VAL A 480 51.91 19.50 11.24
C VAL A 480 50.85 19.41 12.33
N SER A 481 49.68 20.04 12.14
CA SER A 481 48.63 19.99 13.16
C SER A 481 48.22 18.56 13.44
N ASP A 482 48.07 17.75 12.38
CA ASP A 482 47.75 16.34 12.58
C ASP A 482 48.91 15.60 13.26
N ALA A 483 50.15 16.05 13.06
CA ALA A 483 51.28 15.40 13.68
C ALA A 483 51.42 15.78 15.16
N VAL A 484 51.15 17.03 15.53
CA VAL A 484 51.15 17.39 16.95
C VAL A 484 50.06 16.64 17.69
N ALA A 485 48.87 16.55 17.11
CA ALA A 485 47.76 15.92 17.81
C ALA A 485 48.01 14.43 18.00
N THR A 486 48.60 13.77 17.00
CA THR A 486 48.82 12.33 17.11
C THR A 486 49.90 12.02 18.12
N TYR A 487 51.01 12.76 18.09
CA TYR A 487 52.09 12.47 19.02
C TYR A 487 51.61 12.58 20.46
N TYR A 488 50.95 13.69 20.80
CA TYR A 488 50.60 13.92 22.20
C TYR A 488 49.39 13.10 22.62
N LEU A 489 48.46 12.84 21.69
CA LEU A 489 47.42 11.84 21.97
C LEU A 489 48.06 10.53 22.40
N TYR A 490 49.13 10.13 21.72
CA TYR A 490 49.77 8.87 22.07
C TYR A 490 50.41 8.94 23.45
N MET A 491 51.26 9.94 23.70
CA MET A 491 52.05 9.96 24.93
C MET A 491 51.20 10.23 26.17
N LYS A 492 50.12 10.99 26.03
CA LYS A 492 49.29 11.29 27.20
C LYS A 492 48.35 10.14 27.55
N TYR A 493 47.76 9.49 26.54
CA TYR A 493 46.69 8.54 26.77
C TYR A 493 47.04 7.11 26.38
N VAL A 494 47.51 6.88 25.15
CA VAL A 494 47.67 5.51 24.68
C VAL A 494 48.89 4.85 25.29
N HIS A 495 50.01 5.56 25.36
CA HIS A 495 51.23 4.95 25.87
C HIS A 495 51.12 4.46 27.31
N PRO A 496 50.71 5.28 28.28
CA PRO A 496 50.64 4.76 29.65
C PRO A 496 49.65 3.60 29.82
N PHE A 497 48.49 3.67 29.17
CA PHE A 497 47.48 2.64 29.35
C PHE A 497 47.96 1.30 28.78
N ILE A 498 48.39 1.29 27.53
CA ILE A 498 48.68 0.02 26.85
C ILE A 498 49.92 -0.65 27.45
N PHE A 499 50.97 0.12 27.73
CA PHE A 499 52.16 -0.48 28.30
C PHE A 499 51.95 -0.95 29.74
N SER A 500 51.07 -0.29 30.50
CA SER A 500 50.72 -0.82 31.81
C SER A 500 49.88 -2.08 31.68
N LEU A 501 48.95 -2.08 30.74
CA LEU A 501 48.10 -3.26 30.56
C LEU A 501 48.93 -4.48 30.17
N CYS A 502 50.01 -4.27 29.41
CA CYS A 502 50.89 -5.38 29.05
C CYS A 502 51.54 -6.01 30.29
N THR A 503 51.69 -5.26 31.39
CA THR A 503 52.30 -5.87 32.56
C THR A 503 51.43 -6.94 33.18
N ILE A 504 50.13 -7.01 32.84
CA ILE A 504 49.28 -8.06 33.40
C ILE A 504 48.67 -8.95 32.33
N ILE A 505 48.54 -8.47 31.09
CA ILE A 505 47.97 -9.25 30.00
C ILE A 505 49.11 -9.79 29.14
N PRO A 506 49.13 -11.11 28.80
CA PRO A 506 50.26 -11.72 28.10
C PRO A 506 50.28 -11.55 26.59
N LEU A 507 50.09 -10.32 26.13
CA LEU A 507 50.24 -9.99 24.72
C LEU A 507 51.33 -8.93 24.60
N ASN A 508 51.80 -8.72 23.37
CA ASN A 508 52.73 -7.63 23.12
C ASN A 508 51.95 -6.35 22.84
N PRO A 509 52.62 -5.19 22.84
CA PRO A 509 51.89 -3.91 22.68
C PRO A 509 50.95 -3.84 21.49
N ASP A 510 51.31 -4.41 20.33
CA ASP A 510 50.44 -4.32 19.16
C ASP A 510 49.12 -5.02 19.40
N GLU A 511 49.17 -6.20 20.01
CA GLU A 511 47.95 -6.97 20.25
C GLU A 511 47.16 -6.43 21.43
N THR A 512 47.85 -5.90 22.44
CA THR A 512 47.12 -5.30 23.56
C THR A 512 46.30 -4.12 23.09
N LEU A 513 46.78 -3.40 22.07
CA LEU A 513 46.06 -2.26 21.52
C LEU A 513 44.86 -2.69 20.71
N ARG A 514 44.96 -3.81 19.98
CA ARG A 514 44.03 -4.11 18.90
C ARG A 514 43.03 -5.22 19.24
N LYS A 515 43.35 -6.15 20.12
CA LYS A 515 42.47 -7.29 20.32
C LYS A 515 41.15 -6.88 21.01
N GLY A 516 40.11 -7.66 20.77
CA GLY A 516 38.83 -7.38 21.40
C GLY A 516 38.91 -7.47 22.90
N THR A 517 38.04 -6.71 23.58
CA THR A 517 38.08 -6.72 25.03
C THR A 517 37.62 -8.04 25.62
N GLY A 518 36.78 -8.78 24.90
CA GLY A 518 36.47 -10.14 25.33
C GLY A 518 37.68 -11.07 25.26
N THR A 519 38.54 -10.87 24.25
CA THR A 519 39.76 -11.64 24.16
C THR A 519 40.75 -11.27 25.26
N LEU A 520 40.87 -9.98 25.56
CA LEU A 520 41.70 -9.57 26.71
C LEU A 520 41.23 -10.27 27.99
N CYS A 521 39.92 -10.25 28.26
CA CYS A 521 39.37 -11.03 29.36
C CYS A 521 39.84 -12.48 29.32
N GLU A 522 39.72 -13.12 28.15
CA GLU A 522 40.10 -14.53 28.04
C GLU A 522 41.59 -14.71 28.34
N MET A 523 42.43 -13.77 27.90
CA MET A 523 43.83 -13.83 28.26
C MET A 523 43.99 -13.80 29.78
N LEU A 524 43.37 -12.80 30.43
CA LEU A 524 43.46 -12.71 31.89
C LEU A 524 42.94 -13.98 32.55
N LEU A 525 41.84 -14.54 32.04
CA LEU A 525 41.25 -15.71 32.67
C LEU A 525 42.14 -16.93 32.49
N MET A 526 42.84 -17.02 31.35
CA MET A 526 43.68 -18.19 31.11
C MET A 526 44.89 -18.20 32.05
N VAL A 527 45.44 -17.03 32.34
CA VAL A 527 46.56 -16.95 33.28
C VAL A 527 46.16 -17.56 34.62
N GLN A 528 45.01 -17.14 35.15
CA GLN A 528 44.50 -17.65 36.42
C GLN A 528 44.30 -19.17 36.37
N ALA A 529 43.61 -19.65 35.33
CA ALA A 529 43.35 -21.08 35.24
C ALA A 529 44.64 -21.88 35.21
N TYR A 530 45.63 -21.41 34.44
CA TYR A 530 46.91 -22.11 34.40
C TYR A 530 47.57 -22.09 35.76
N GLN A 531 47.73 -20.89 36.35
CA GLN A 531 48.38 -20.78 37.64
C GLN A 531 47.64 -21.52 38.74
N HIS A 532 46.36 -21.85 38.58
CA HIS A 532 45.69 -22.73 39.53
C HIS A 532 45.62 -24.16 39.02
N ASN A 533 46.37 -24.49 37.97
CA ASN A 533 46.40 -25.85 37.42
C ASN A 533 44.99 -26.31 37.01
N ILE A 534 44.22 -25.42 36.39
CA ILE A 534 42.89 -25.74 35.91
C ILE A 534 42.95 -25.94 34.39
N LEU A 535 42.48 -27.09 33.95
CA LEU A 535 42.49 -27.41 32.52
C LEU A 535 41.55 -26.46 31.77
N LEU A 536 42.06 -25.87 30.70
CA LEU A 536 41.27 -24.95 29.89
C LEU A 536 40.18 -25.70 29.13
N PRO A 537 38.94 -25.22 29.14
CA PRO A 537 37.95 -25.76 28.20
C PRO A 537 38.27 -25.32 26.77
N ASN A 538 37.88 -26.17 25.82
CA ASN A 538 37.97 -25.82 24.41
C ASN A 538 36.96 -24.71 24.06
N LYS A 539 37.23 -24.03 22.95
CA LYS A 539 36.38 -22.91 22.54
C LYS A 539 34.97 -23.39 22.21
N HIS A 540 33.98 -22.67 22.72
CA HIS A 540 32.57 -23.05 22.55
C HIS A 540 32.15 -22.93 21.09
N THR A 541 31.22 -23.79 20.69
CA THR A 541 30.70 -23.83 19.33
C THR A 541 29.21 -24.02 19.40
N ASP A 542 28.47 -23.09 18.90
CA ASP A 542 27.03 -23.29 19.03
C ASP A 542 26.48 -24.07 17.83
N PRO A 543 25.37 -24.79 18.00
CA PRO A 543 24.92 -25.70 16.95
C PRO A 543 24.32 -24.95 15.78
N ILE A 544 24.27 -25.65 14.65
CA ILE A 544 23.81 -25.05 13.40
C ILE A 544 22.30 -24.90 13.40
N GLU A 545 21.59 -25.69 14.22
CA GLU A 545 20.15 -25.61 14.34
C GLU A 545 19.75 -25.88 15.78
N ARG A 546 18.84 -25.06 16.29
CA ARG A 546 18.24 -25.24 17.60
C ARG A 546 16.73 -25.29 17.43
N PHE A 547 16.06 -25.94 18.38
CA PHE A 547 14.63 -26.19 18.25
C PHE A 547 13.93 -25.93 19.57
N TYR A 548 12.71 -25.40 19.48
CA TYR A 548 11.88 -25.15 20.65
C TYR A 548 10.45 -25.55 20.31
N ASP A 549 9.88 -26.45 21.11
CA ASP A 549 8.50 -26.93 20.93
C ASP A 549 8.27 -27.44 19.51
N GLY A 550 9.34 -27.89 18.84
CA GLY A 550 9.26 -28.36 17.48
C GLY A 550 9.49 -27.31 16.41
N HIS A 551 9.72 -26.06 16.79
CA HIS A 551 9.96 -24.98 15.84
C HIS A 551 11.45 -24.74 15.73
N LEU A 552 11.91 -24.49 14.50
CA LEU A 552 13.28 -24.05 14.30
C LEU A 552 13.45 -22.67 14.91
N LEU A 553 14.42 -22.51 15.81
CA LEU A 553 14.66 -21.21 16.43
C LEU A 553 15.47 -20.33 15.48
N GLU A 554 15.08 -19.05 15.40
CA GLU A 554 15.87 -18.08 14.65
C GLU A 554 16.83 -17.32 15.54
N SER A 555 16.45 -17.10 16.80
CA SER A 555 17.23 -16.31 17.72
C SER A 555 16.99 -16.81 19.14
N GLU A 556 18.03 -16.73 19.96
CA GLU A 556 17.94 -17.14 21.35
C GLU A 556 18.71 -16.14 22.19
N THR A 557 18.17 -15.77 23.33
CA THR A 557 18.84 -14.77 24.18
C THR A 557 18.13 -14.76 25.53
N TYR A 558 18.45 -13.75 26.34
CA TYR A 558 17.83 -13.55 27.64
C TYR A 558 17.32 -12.12 27.72
N VAL A 559 16.44 -11.88 28.69
CA VAL A 559 15.94 -10.54 28.92
C VAL A 559 17.00 -9.73 29.64
N GLY A 560 17.43 -8.63 29.03
CA GLY A 560 18.52 -7.83 29.56
C GLY A 560 18.09 -6.79 30.57
N GLY A 561 18.56 -5.55 30.40
CA GLY A 561 18.24 -4.51 31.34
C GLY A 561 16.80 -4.01 31.26
N HIS A 562 16.35 -3.40 32.35
CA HIS A 562 15.00 -2.87 32.50
C HIS A 562 15.04 -1.35 32.35
N VAL A 563 14.34 -0.81 31.35
CA VAL A 563 14.34 0.62 31.07
C VAL A 563 12.93 1.19 31.17
N GLU A 564 12.79 2.37 31.74
CA GLU A 564 11.50 3.01 31.91
C GLU A 564 11.59 4.50 31.61
N SER A 565 10.62 5.01 30.87
CA SER A 565 10.39 6.45 30.72
C SER A 565 9.19 6.80 31.57
N LEU A 566 9.37 7.64 32.58
CA LEU A 566 8.32 7.88 33.56
C LEU A 566 7.70 9.26 33.49
N GLU A 567 8.51 10.30 33.26
CA GLU A 567 7.99 11.65 33.10
C GLU A 567 8.76 12.36 32.00
N ALA A 568 8.14 13.38 31.42
CA ALA A 568 8.80 14.23 30.45
C ALA A 568 8.61 15.69 30.86
N GLY A 569 9.32 16.57 30.18
CA GLY A 569 9.21 17.98 30.42
C GLY A 569 10.45 18.54 31.09
N VAL A 570 10.37 19.82 31.42
CA VAL A 570 11.47 20.56 32.00
C VAL A 570 11.37 20.47 33.50
N PHE A 571 12.51 20.24 34.15
CA PHE A 571 12.61 20.25 35.59
C PHE A 571 13.81 21.11 35.96
N ARG A 572 13.63 22.01 36.91
CA ARG A 572 14.66 23.00 37.23
C ARG A 572 14.66 23.28 38.72
N SER A 573 15.85 23.54 39.26
CA SER A 573 16.00 23.70 40.71
C SER A 573 15.28 24.93 41.25
N ASP A 574 14.90 25.87 40.39
CA ASP A 574 14.23 27.09 40.81
C ASP A 574 12.76 27.14 40.43
N LEU A 575 12.19 25.99 40.04
CA LEU A 575 10.80 25.90 39.59
C LEU A 575 10.09 24.84 40.44
N LYS A 576 9.02 25.23 41.11
CA LYS A 576 8.34 24.34 42.04
C LYS A 576 7.72 23.15 41.30
N ASN A 577 7.52 22.06 42.04
CA ASN A 577 6.88 20.85 41.55
C ASN A 577 5.96 20.32 42.64
N GLU A 578 4.97 19.51 42.25
CA GLU A 578 4.02 18.93 43.20
C GLU A 578 4.43 17.52 43.58
N PHE A 579 4.51 17.25 44.88
CA PHE A 579 4.92 15.95 45.40
C PHE A 579 3.81 15.37 46.28
N LYS A 580 3.41 14.13 46.00
CA LYS A 580 2.50 13.39 46.84
C LYS A 580 3.27 12.25 47.50
N ILE A 581 3.45 12.34 48.81
CA ILE A 581 4.38 11.49 49.55
C ILE A 581 3.63 10.41 50.30
N ASP A 582 4.01 9.16 50.10
CA ASP A 582 3.37 8.01 50.72
C ASP A 582 3.69 7.95 52.20
N PRO A 583 2.71 8.17 53.09
CA PRO A 583 3.02 8.17 54.53
C PRO A 583 3.55 6.85 55.04
N SER A 584 3.16 5.73 54.42
CA SER A 584 3.72 4.44 54.84
C SER A 584 5.19 4.32 54.47
N ALA A 585 5.62 5.03 53.42
CA ALA A 585 7.04 5.05 53.09
C ALA A 585 7.85 5.68 54.22
N ILE A 586 7.42 6.87 54.66
CA ILE A 586 8.11 7.55 55.76
C ILE A 586 8.08 6.70 57.01
N ASP A 587 6.98 5.97 57.23
CA ASP A 587 6.94 5.04 58.35
C ASP A 587 8.05 3.99 58.23
N GLU A 588 8.24 3.44 57.03
CA GLU A 588 9.26 2.42 56.82
C GLU A 588 10.66 2.99 56.97
N LEU A 589 10.93 4.13 56.32
CA LEU A 589 12.23 4.77 56.46
C LEU A 589 12.55 5.08 57.91
N LEU A 590 11.54 5.55 58.67
CA LEU A 590 11.74 5.82 60.09
C LEU A 590 12.02 4.54 60.86
N GLN A 591 11.37 3.45 60.49
CA GLN A 591 11.67 2.16 61.15
C GLN A 591 13.10 1.75 60.79
N GLU A 592 13.47 1.86 59.52
CA GLU A 592 14.78 1.43 59.07
C GLU A 592 15.90 2.39 59.49
N LEU A 593 15.58 3.63 59.88
CA LEU A 593 16.60 4.67 60.01
C LEU A 593 17.76 4.31 60.95
N PRO A 594 17.54 3.85 62.19
CA PRO A 594 18.71 3.61 63.07
C PRO A 594 19.71 2.63 62.49
N GLU A 595 19.23 1.56 61.84
CA GLU A 595 20.13 0.58 61.24
C GLU A 595 20.73 1.07 59.93
N ALA A 596 19.95 1.80 59.13
CA ALA A 596 20.46 2.32 57.87
C ALA A 596 21.66 3.23 58.10
N LEU A 597 21.58 4.10 59.10
CA LEU A 597 22.72 4.96 59.42
C LEU A 597 23.88 4.14 60.00
N LYS A 598 23.57 3.10 60.77
CA LYS A 598 24.62 2.21 61.24
C LYS A 598 25.27 1.49 60.06
N PHE A 599 24.47 1.15 59.04
CA PHE A 599 25.00 0.61 57.79
C PHE A 599 25.87 1.63 57.06
N SER A 600 25.43 2.88 57.03
CA SER A 600 26.21 3.90 56.34
C SER A 600 27.55 4.13 57.01
N VAL A 601 27.62 3.96 58.33
CA VAL A 601 28.87 4.12 59.04
C VAL A 601 29.74 2.87 58.95
N GLU A 602 29.17 1.72 59.32
CA GLU A 602 29.97 0.52 59.50
C GLU A 602 30.35 -0.11 58.16
N VAL A 603 29.42 -0.16 57.22
CA VAL A 603 29.68 -0.81 55.93
C VAL A 603 30.11 0.24 54.91
N GLU A 604 29.29 1.26 54.68
CA GLU A 604 29.58 2.22 53.63
C GLU A 604 30.84 3.03 53.90
N ASN A 605 31.34 3.05 55.14
CA ASN A 605 32.51 3.88 55.45
C ASN A 605 33.57 3.14 56.28
N LYS A 606 33.42 1.83 56.47
CA LYS A 606 34.41 0.97 57.14
C LYS A 606 34.98 1.66 58.40
N SER A 607 34.04 1.93 59.32
CA SER A 607 34.38 2.60 60.60
C SER A 607 33.47 2.05 61.68
N SER A 608 33.73 2.44 62.92
CA SER A 608 32.92 1.94 64.06
C SER A 608 31.97 3.03 64.52
N VAL A 609 30.76 2.63 64.90
CA VAL A 609 29.82 3.62 65.44
C VAL A 609 30.30 4.14 66.78
N ASP A 610 31.21 3.43 67.45
CA ASP A 610 31.71 3.90 68.74
C ASP A 610 32.61 5.13 68.59
N LYS A 611 33.26 5.28 67.44
CA LYS A 611 34.18 6.37 67.21
C LYS A 611 33.53 7.59 66.56
N VAL A 612 32.23 7.53 66.24
CA VAL A 612 31.51 8.70 65.73
C VAL A 612 30.93 9.45 66.92
N THR A 613 30.87 10.78 66.80
CA THR A 613 30.49 11.63 67.92
C THR A 613 29.22 12.45 67.67
N ASN A 614 28.60 12.35 66.49
CA ASN A 614 27.37 13.08 66.25
C ASN A 614 26.30 12.21 65.60
N PHE A 615 26.33 10.91 65.88
CA PHE A 615 25.31 9.99 65.39
C PHE A 615 23.89 10.48 65.72
N GLU A 616 23.61 10.73 67.00
CA GLU A 616 22.26 11.08 67.43
C GLU A 616 21.80 12.40 66.83
N GLU A 617 22.70 13.39 66.76
CA GLU A 617 22.35 14.67 66.14
C GLU A 617 21.92 14.49 64.69
N ILE A 618 22.61 13.62 63.95
CA ILE A 618 22.23 13.37 62.56
C ILE A 618 20.95 12.53 62.50
N LYS A 619 20.84 11.51 63.35
CA LYS A 619 19.59 10.74 63.41
C LYS A 619 18.41 11.62 63.74
N ASN A 620 18.57 12.56 64.68
CA ASN A 620 17.45 13.44 65.04
C ASN A 620 17.10 14.38 63.90
N GLN A 621 18.10 15.02 63.29
CA GLN A 621 17.86 15.97 62.20
C GLN A 621 17.14 15.29 61.03
N ILE A 622 17.58 14.09 60.66
CA ILE A 622 16.95 13.34 59.56
C ILE A 622 15.53 12.97 59.94
N THR A 623 15.33 12.47 61.16
CA THR A 623 14.01 12.05 61.62
C THR A 623 13.01 13.19 61.55
N GLN A 624 13.43 14.41 61.90
CA GLN A 624 12.52 15.54 61.90
C GLN A 624 11.98 15.81 60.50
N LYS A 625 12.88 15.94 59.52
CA LYS A 625 12.44 16.20 58.16
C LYS A 625 11.53 15.09 57.65
N LEU A 626 11.81 13.84 58.05
CA LEU A 626 10.96 12.73 57.64
C LEU A 626 9.57 12.87 58.22
N LEU A 627 9.49 13.12 59.53
CA LEU A 627 8.19 13.27 60.20
C LEU A 627 7.40 14.43 59.61
N GLU A 628 8.07 15.52 59.20
CA GLU A 628 7.37 16.62 58.56
C GLU A 628 6.76 16.18 57.23
N LEU A 629 7.50 15.41 56.45
CA LEU A 629 6.96 14.91 55.20
C LEU A 629 5.75 14.00 55.42
N LYS A 630 5.73 13.28 56.54
CA LYS A 630 4.61 12.37 56.81
C LYS A 630 3.35 13.11 57.24
N GLU A 631 3.48 14.33 57.76
CA GLU A 631 2.30 15.08 58.17
C GLU A 631 1.78 15.97 57.04
N ASN A 632 2.68 16.47 56.21
CA ASN A 632 2.33 17.26 55.04
C ASN A 632 2.66 16.44 53.79
N ASN A 633 1.81 15.44 53.52
CA ASN A 633 2.02 14.54 52.39
C ASN A 633 2.00 15.27 51.06
N ILE A 634 1.11 16.25 50.93
CA ILE A 634 0.97 16.97 49.64
C ILE A 634 1.76 18.26 49.75
N ARG A 635 2.64 18.50 48.78
CA ARG A 635 3.49 19.70 48.86
C ARG A 635 3.90 20.18 47.46
N ASN A 636 4.04 21.49 47.28
CA ASN A 636 4.51 22.06 46.00
C ASN A 636 5.78 22.80 46.35
N GLU A 637 6.92 22.20 46.03
CA GLU A 637 8.21 22.76 46.44
C GLU A 637 9.19 22.77 45.28
N LEU A 638 10.34 23.41 45.56
CA LEU A 638 11.48 23.33 44.68
C LEU A 638 12.03 21.90 44.69
N PRO A 639 12.53 21.43 43.56
CA PRO A 639 12.96 20.04 43.46
C PRO A 639 14.45 19.88 43.69
N LEU A 640 14.83 18.64 43.94
CA LEU A 640 16.22 18.21 43.96
C LEU A 640 16.40 17.23 42.82
N ILE A 641 17.07 17.66 41.75
CA ILE A 641 17.29 16.79 40.59
C ILE A 641 18.53 15.96 40.92
N TYR A 642 18.30 14.68 41.27
CA TYR A 642 19.35 13.77 41.69
C TYR A 642 19.44 12.56 40.76
N HIS A 643 20.64 11.98 40.71
CA HIS A 643 20.89 10.73 39.99
C HIS A 643 21.54 9.72 40.93
N VAL A 644 21.08 8.48 40.79
CA VAL A 644 21.63 7.35 41.58
C VAL A 644 21.98 6.24 40.58
N ASP A 645 23.18 5.64 40.69
CA ASP A 645 23.57 4.50 39.81
C ASP A 645 24.43 3.52 40.61
N VAL A 646 24.23 2.22 40.36
CA VAL A 646 25.05 1.17 41.03
C VAL A 646 26.42 1.15 40.38
N ALA A 647 27.46 1.10 41.20
CA ALA A 647 28.83 1.03 40.68
C ALA A 647 29.12 -0.37 40.16
N SER A 648 29.58 -0.45 38.91
CA SER A 648 29.90 -1.71 38.23
C SER A 648 28.85 -2.78 38.55
N MET A 649 27.62 -2.50 38.11
CA MET A 649 26.49 -3.29 38.59
C MET A 649 26.67 -4.77 38.26
N TYR A 650 26.84 -5.09 37.00
CA TYR A 650 26.89 -6.51 36.64
C TYR A 650 28.12 -7.21 37.24
N PRO A 651 29.32 -6.62 37.21
CA PRO A 651 30.43 -7.24 37.95
C PRO A 651 30.11 -7.51 39.41
N ASN A 652 29.57 -6.50 40.11
CA ASN A 652 29.31 -6.68 41.53
C ASN A 652 28.15 -7.63 41.79
N ILE A 653 27.17 -7.70 40.88
CA ILE A 653 26.15 -8.75 41.01
C ILE A 653 26.79 -10.12 40.87
N MET A 654 27.67 -10.27 39.87
CA MET A 654 28.40 -11.52 39.67
C MET A 654 29.21 -11.90 40.91
N THR A 655 30.02 -10.97 41.42
CA THR A 655 30.87 -11.31 42.55
C THR A 655 30.05 -11.51 43.81
N THR A 656 28.93 -10.80 43.95
CA THR A 656 28.07 -10.99 45.12
C THR A 656 27.46 -12.39 45.14
N ASN A 657 26.92 -12.83 44.01
CA ASN A 657 26.27 -14.13 43.93
C ASN A 657 27.25 -15.23 43.60
N ARG A 658 28.53 -14.91 43.47
CA ARG A 658 29.53 -15.91 43.12
C ARG A 658 29.17 -16.53 41.78
N LEU A 659 28.76 -15.69 40.84
CA LEU A 659 28.37 -16.11 39.51
C LEU A 659 29.60 -16.30 38.65
N GLN A 660 29.65 -17.42 37.94
CA GLN A 660 30.70 -17.75 36.99
C GLN A 660 30.28 -19.00 36.23
N PRO A 661 30.62 -19.11 34.94
CA PRO A 661 30.04 -20.18 34.11
C PRO A 661 30.24 -21.59 34.66
N ASP A 662 31.40 -21.87 35.26
CA ASP A 662 31.60 -23.20 35.85
C ASP A 662 30.75 -23.42 37.09
N SER A 663 30.16 -22.38 37.67
CA SER A 663 29.31 -22.53 38.83
C SER A 663 27.87 -22.88 38.48
N ILE A 664 27.49 -22.80 37.21
CA ILE A 664 26.11 -23.08 36.79
C ILE A 664 25.99 -24.57 36.56
N LYS A 665 25.30 -25.27 37.47
CA LYS A 665 25.19 -26.71 37.43
C LYS A 665 23.76 -27.13 37.14
N ALA A 666 23.62 -28.33 36.58
CA ALA A 666 22.33 -28.95 36.40
C ALA A 666 22.03 -29.85 37.59
N GLU A 667 20.85 -30.49 37.58
CA GLU A 667 20.56 -31.45 38.65
C GLU A 667 21.51 -32.64 38.63
N ARG A 668 22.17 -32.90 37.48
CA ARG A 668 23.06 -34.05 37.37
C ARG A 668 24.15 -34.03 38.43
N ASP A 669 24.69 -32.85 38.74
CA ASP A 669 25.67 -32.68 39.81
C ASP A 669 25.08 -31.81 40.93
N CYS A 670 25.80 -31.75 42.05
CA CYS A 670 25.28 -31.13 43.29
C CYS A 670 23.78 -31.27 43.49
N THR A 681 23.45 -26.57 51.91
CA THR A 681 23.08 -25.51 50.98
C THR A 681 24.27 -24.99 50.14
N CYS A 682 25.02 -25.91 49.50
CA CYS A 682 26.08 -25.41 48.62
C CYS A 682 25.51 -24.80 47.35
N ALA A 683 24.18 -24.76 47.21
CA ALA A 683 23.53 -24.45 45.95
C ALA A 683 22.55 -23.31 46.13
N ARG A 684 22.79 -22.21 45.40
CA ARG A 684 21.94 -21.03 45.43
C ARG A 684 21.18 -20.95 44.11
N LYS A 685 19.85 -21.04 44.19
CA LYS A 685 19.02 -21.03 42.99
C LYS A 685 18.70 -19.59 42.62
N LEU A 686 18.95 -19.26 41.35
CA LEU A 686 18.68 -17.94 40.82
C LEU A 686 17.89 -18.07 39.52
N LYS A 687 17.05 -17.09 39.26
CA LYS A 687 16.12 -17.10 38.14
C LYS A 687 16.60 -16.18 37.02
N TRP A 688 16.27 -16.54 35.79
CA TRP A 688 16.53 -15.70 34.64
C TRP A 688 15.37 -15.85 33.66
N ALA A 689 15.36 -15.00 32.63
CA ALA A 689 14.27 -14.98 31.66
C ALA A 689 14.83 -15.28 30.27
N TRP A 690 14.49 -16.45 29.76
CA TRP A 690 14.84 -16.84 28.40
C TRP A 690 13.87 -16.23 27.40
N ARG A 691 14.39 -15.80 26.25
CA ARG A 691 13.53 -15.35 25.17
C ARG A 691 13.98 -15.98 23.86
N GLY A 692 13.07 -16.69 23.20
CA GLY A 692 13.35 -17.33 21.94
C GLY A 692 12.50 -16.72 20.83
N GLU A 693 13.06 -16.75 19.62
CA GLU A 693 12.34 -16.34 18.42
C GLU A 693 12.40 -17.50 17.44
N PHE A 694 11.23 -18.01 17.06
CA PHE A 694 11.14 -19.20 16.24
C PHE A 694 10.12 -19.01 15.13
N PHE A 695 10.22 -19.86 14.11
CA PHE A 695 9.22 -19.89 13.07
C PHE A 695 7.96 -20.56 13.62
N PRO A 696 6.77 -20.12 13.16
CA PRO A 696 5.54 -20.82 13.55
C PRO A 696 5.39 -22.18 12.90
N SER A 697 6.24 -22.50 11.92
CA SER A 697 6.20 -23.81 11.30
C SER A 697 6.52 -24.89 12.32
N LYS A 698 5.70 -25.95 12.32
CA LYS A 698 5.98 -27.13 13.12
C LYS A 698 6.89 -28.06 12.34
N MET A 699 7.35 -29.13 12.97
CA MET A 699 8.37 -30.00 12.30
C MET A 699 7.80 -30.64 11.03
N ASP A 700 6.49 -30.85 11.01
CA ASP A 700 5.83 -31.44 9.81
C ASP A 700 6.16 -30.56 8.61
N GLU A 701 6.00 -29.25 8.75
CA GLU A 701 6.23 -28.33 7.62
C GLU A 701 7.72 -28.23 7.33
N TYR A 702 8.55 -28.31 8.36
CA TYR A 702 10.02 -28.19 8.17
C TYR A 702 10.50 -29.36 7.33
N ASN A 703 10.09 -30.56 7.72
CA ASN A 703 10.54 -31.78 7.00
C ASN A 703 10.10 -31.66 5.53
N MET A 704 8.91 -31.11 5.30
CA MET A 704 8.41 -30.94 3.91
C MET A 704 9.32 -29.99 3.15
N ILE A 705 9.61 -28.83 3.74
CA ILE A 705 10.43 -27.81 3.03
C ILE A 705 11.75 -28.43 2.60
N LYS A 706 12.40 -29.17 3.49
CA LYS A 706 13.74 -29.73 3.16
C LYS A 706 13.61 -30.71 2.01
N ARG A 707 12.72 -31.69 2.13
CA ARG A 707 12.57 -32.72 1.08
C ARG A 707 12.46 -32.03 -0.28
N ALA A 708 11.55 -31.05 -0.39
CA ALA A 708 11.49 -30.33 -1.65
C ALA A 708 12.87 -29.85 -2.07
N LEU A 709 13.63 -29.26 -1.14
CA LEU A 709 14.94 -28.69 -1.46
C LEU A 709 15.91 -29.76 -1.95
N GLN A 710 15.82 -30.97 -1.40
CA GLN A 710 16.68 -32.06 -1.86
C GLN A 710 16.44 -32.39 -3.32
N ASN A 711 15.16 -32.45 -3.73
CA ASN A 711 14.82 -32.74 -5.11
C ASN A 711 15.27 -31.65 -6.07
N GLU A 712 15.67 -30.48 -5.56
CA GLU A 712 16.17 -29.41 -6.39
C GLU A 712 17.69 -29.49 -6.50
N THR A 713 18.23 -28.67 -7.39
CA THR A 713 19.64 -28.74 -7.74
C THR A 713 20.26 -27.37 -7.51
N PHE A 714 21.54 -27.37 -7.16
CA PHE A 714 22.16 -26.13 -6.72
C PHE A 714 23.48 -25.91 -7.44
N PRO A 715 23.89 -24.65 -7.62
CA PRO A 715 25.17 -24.36 -8.27
C PRO A 715 26.36 -24.81 -7.44
N ASN A 716 27.55 -24.61 -7.97
CA ASN A 716 28.75 -25.15 -7.34
C ASN A 716 29.78 -24.05 -7.21
N LYS A 717 30.60 -24.16 -6.16
CA LYS A 717 31.84 -23.40 -6.09
C LYS A 717 32.63 -23.59 -7.38
N ASN A 718 33.27 -22.52 -7.84
CA ASN A 718 34.08 -22.60 -9.06
C ASN A 718 35.51 -23.04 -8.71
N LYS A 719 35.63 -24.24 -8.12
CA LYS A 719 36.83 -25.05 -8.31
C LYS A 719 36.56 -25.91 -9.53
N PHE A 720 37.32 -25.65 -10.60
CA PHE A 720 37.35 -26.31 -11.90
C PHE A 720 36.12 -25.91 -12.71
N SER A 721 34.93 -26.16 -12.14
CA SER A 721 33.62 -25.99 -12.77
C SER A 721 33.46 -27.16 -13.75
N LYS A 722 34.14 -28.29 -13.51
CA LYS A 722 33.91 -29.51 -14.31
C LYS A 722 32.50 -30.00 -14.02
N LYS A 723 32.10 -30.03 -12.74
CA LYS A 723 30.71 -30.24 -12.34
C LYS A 723 30.10 -28.89 -12.00
N LYS A 724 29.01 -28.54 -12.67
CA LYS A 724 28.41 -27.22 -12.46
C LYS A 724 27.07 -27.36 -11.75
N VAL A 725 26.82 -28.51 -11.12
CA VAL A 725 25.59 -28.65 -10.31
C VAL A 725 25.87 -29.64 -9.19
N LEU A 726 25.29 -29.41 -8.01
CA LEU A 726 25.44 -30.34 -6.88
C LEU A 726 24.07 -30.49 -6.22
N THR A 727 23.81 -31.63 -5.59
CA THR A 727 22.54 -31.82 -4.90
C THR A 727 22.57 -31.14 -3.54
N PHE A 728 21.37 -30.91 -2.98
CA PHE A 728 21.24 -30.32 -1.66
C PHE A 728 22.10 -31.03 -0.64
N ASP A 729 21.99 -32.37 -0.57
CA ASP A 729 22.75 -33.14 0.40
C ASP A 729 24.26 -33.08 0.16
N GLU A 730 24.69 -32.66 -1.02
CA GLU A 730 26.11 -32.39 -1.23
C GLU A 730 26.54 -31.03 -0.71
N LEU A 731 25.60 -30.13 -0.45
CA LEU A 731 25.94 -28.84 0.14
C LEU A 731 26.38 -29.02 1.58
N SER A 732 27.22 -28.10 2.05
CA SER A 732 27.61 -28.08 3.45
C SER A 732 26.39 -27.94 4.34
N TYR A 733 26.47 -28.51 5.54
CA TYR A 733 25.35 -28.43 6.48
C TYR A 733 24.93 -26.99 6.72
N ALA A 734 25.89 -26.06 6.70
CA ALA A 734 25.55 -24.65 6.86
C ALA A 734 24.71 -24.17 5.67
N ASP A 735 25.29 -24.25 4.45
CA ASP A 735 24.57 -23.82 3.25
C ASP A 735 23.21 -24.49 3.12
N GLN A 736 23.09 -25.72 3.64
CA GLN A 736 21.81 -26.43 3.62
C GLN A 736 20.75 -25.64 4.40
N VAL A 737 21.05 -25.29 5.65
CA VAL A 737 20.07 -24.61 6.48
C VAL A 737 19.82 -23.18 5.99
N ILE A 738 20.80 -22.57 5.31
CA ILE A 738 20.55 -21.25 4.72
C ILE A 738 19.37 -21.32 3.76
N HIS A 739 19.33 -22.38 2.93
CA HIS A 739 18.21 -22.56 2.02
C HIS A 739 16.95 -22.98 2.77
N ILE A 740 17.10 -23.84 3.79
CA ILE A 740 15.95 -24.20 4.61
C ILE A 740 15.37 -22.96 5.27
N LYS A 741 16.23 -22.10 5.82
CA LYS A 741 15.77 -20.90 6.52
C LYS A 741 15.00 -20.00 5.57
N LYS A 742 15.59 -19.67 4.41
CA LYS A 742 14.89 -18.83 3.44
C LYS A 742 13.55 -19.43 3.05
N ARG A 743 13.55 -20.69 2.63
CA ARG A 743 12.31 -21.34 2.22
C ARG A 743 11.29 -21.40 3.35
N LEU A 744 11.75 -21.66 4.58
CA LEU A 744 10.83 -21.78 5.71
C LEU A 744 10.14 -20.45 6.03
N THR A 745 10.86 -19.33 5.88
CA THR A 745 10.24 -18.03 6.11
C THR A 745 9.04 -17.80 5.20
N GLU A 746 9.15 -18.21 3.93
CA GLU A 746 8.06 -17.99 2.99
C GLU A 746 6.86 -18.86 3.33
N TYR A 747 7.09 -20.14 3.63
CA TYR A 747 5.99 -21.03 3.95
C TYR A 747 5.18 -20.52 5.14
N SER A 748 5.87 -20.02 6.19
CA SER A 748 5.17 -19.49 7.35
C SER A 748 4.37 -18.24 6.99
N ARG A 749 4.89 -17.41 6.09
CA ARG A 749 4.15 -16.22 5.70
C ARG A 749 2.86 -16.57 4.96
N LYS A 750 2.84 -17.71 4.25
CA LYS A 750 1.63 -18.08 3.51
C LYS A 750 0.63 -18.79 4.41
N VAL A 751 1.09 -19.77 5.19
CA VAL A 751 0.18 -20.59 5.99
C VAL A 751 -0.10 -20.01 7.38
N TYR A 752 0.76 -19.11 7.86
CA TYR A 752 0.59 -18.52 9.18
C TYR A 752 0.50 -17.00 9.16
N HIS A 753 0.93 -16.35 8.07
CA HIS A 753 0.95 -14.90 7.96
C HIS A 753 1.87 -14.25 8.98
N ARG A 754 2.74 -15.04 9.59
CA ARG A 754 3.74 -14.59 10.55
C ARG A 754 5.01 -15.38 10.27
N VAL A 755 6.17 -14.75 10.45
CA VAL A 755 7.45 -15.39 10.18
C VAL A 755 8.18 -15.76 11.47
N LYS A 756 8.19 -14.87 12.46
CA LYS A 756 8.89 -15.09 13.72
C LYS A 756 7.92 -14.97 14.87
N VAL A 757 7.95 -15.92 15.80
CA VAL A 757 7.14 -15.88 17.00
C VAL A 757 8.07 -15.79 18.21
N SER A 758 7.69 -14.96 19.17
CA SER A 758 8.50 -14.65 20.34
C SER A 758 7.85 -15.21 21.59
N GLU A 759 8.66 -15.78 22.49
CA GLU A 759 8.13 -16.27 23.75
C GLU A 759 9.19 -16.13 24.84
N ILE A 760 8.76 -15.76 26.05
CA ILE A 760 9.62 -15.63 27.21
C ILE A 760 9.27 -16.73 28.21
N VAL A 761 10.31 -17.34 28.80
CA VAL A 761 10.15 -18.43 29.77
C VAL A 761 10.99 -18.12 31.00
N GLU A 762 10.40 -18.29 32.18
CA GLU A 762 11.17 -18.18 33.41
C GLU A 762 11.97 -19.45 33.61
N ARG A 763 13.26 -19.29 33.88
CA ARG A 763 14.13 -20.43 34.13
C ARG A 763 14.83 -20.23 35.46
N GLU A 764 15.19 -21.35 36.08
CA GLU A 764 15.92 -21.35 37.34
C GLU A 764 17.18 -22.19 37.18
N ALA A 765 18.32 -21.63 37.59
CA ALA A 765 19.58 -22.35 37.51
C ALA A 765 20.19 -22.49 38.88
N ILE A 766 20.98 -23.55 39.05
CA ILE A 766 21.71 -23.82 40.28
C ILE A 766 23.09 -23.19 40.17
N VAL A 767 23.47 -22.41 41.18
CA VAL A 767 24.79 -21.80 41.24
C VAL A 767 25.51 -22.35 42.46
N CYS A 768 26.41 -23.33 42.25
CA CYS A 768 27.19 -23.86 43.37
C CYS A 768 28.01 -22.75 44.00
N GLN A 769 27.94 -22.64 45.31
CA GLN A 769 28.73 -21.65 46.03
C GLN A 769 30.07 -22.19 46.49
N ARG A 770 30.45 -23.39 46.04
CA ARG A 770 31.72 -23.99 46.44
C ARG A 770 32.70 -24.15 45.29
N GLU A 771 32.28 -23.90 44.05
CA GLU A 771 33.14 -24.14 42.91
C GLU A 771 34.41 -23.29 43.01
N ASN A 772 35.50 -23.82 42.43
CA ASN A 772 36.77 -23.13 42.29
C ASN A 772 36.52 -21.73 41.73
N PRO A 773 36.70 -20.70 42.53
CA PRO A 773 36.26 -19.36 42.11
C PRO A 773 37.26 -18.56 41.27
N PHE A 774 37.97 -19.22 40.34
CA PHE A 774 39.01 -18.53 39.58
C PHE A 774 38.42 -17.43 38.69
N TYR A 775 37.23 -17.66 38.10
CA TYR A 775 36.63 -16.62 37.28
C TYR A 775 36.15 -15.46 38.15
N VAL A 776 35.34 -15.76 39.16
CA VAL A 776 34.82 -14.73 40.07
C VAL A 776 35.95 -13.87 40.62
N ASP A 777 37.07 -14.52 41.01
CA ASP A 777 38.18 -13.80 41.61
C ASP A 777 38.91 -12.94 40.59
N THR A 778 38.99 -13.39 39.34
CA THR A 778 39.59 -12.54 38.31
C THR A 778 38.79 -11.27 38.12
N VAL A 779 37.47 -11.38 38.21
CA VAL A 779 36.60 -10.22 38.07
C VAL A 779 36.79 -9.26 39.24
N LYS A 780 36.87 -9.79 40.46
CA LYS A 780 37.08 -8.93 41.63
C LYS A 780 38.35 -8.14 41.47
N SER A 781 39.42 -8.82 41.04
CA SER A 781 40.71 -8.15 40.93
C SER A 781 40.64 -7.00 39.94
N PHE A 782 39.97 -7.19 38.81
CA PHE A 782 39.93 -6.13 37.81
C PHE A 782 38.98 -5.02 38.23
N ARG A 783 37.84 -5.35 38.86
CA ARG A 783 37.01 -4.30 39.43
C ARG A 783 37.79 -3.45 40.42
N ASP A 784 38.50 -4.09 41.35
CA ASP A 784 39.28 -3.31 42.30
C ASP A 784 40.39 -2.54 41.61
N ARG A 785 40.99 -3.12 40.57
CA ARG A 785 41.95 -2.37 39.78
C ARG A 785 41.29 -1.13 39.18
N ARG A 786 40.09 -1.27 38.63
CA ARG A 786 39.39 -0.12 38.08
C ARG A 786 39.04 0.89 39.17
N TYR A 787 38.50 0.42 40.31
CA TYR A 787 38.09 1.32 41.38
C TYR A 787 39.19 2.29 41.79
N GLU A 788 40.45 1.88 41.69
CA GLU A 788 41.55 2.79 41.98
C GLU A 788 41.40 4.07 41.18
N PHE A 789 41.25 3.94 39.86
CA PHE A 789 41.23 5.12 39.01
C PHE A 789 39.93 5.91 39.13
N LYS A 790 38.81 5.21 39.26
CA LYS A 790 37.53 5.90 39.46
C LYS A 790 37.52 6.68 40.78
N GLY A 791 38.40 6.33 41.72
CA GLY A 791 38.49 7.02 43.00
C GLY A 791 39.46 8.18 42.96
N LEU A 792 40.60 8.00 42.29
CA LEU A 792 41.46 9.14 42.02
C LEU A 792 40.73 10.20 41.20
N ALA A 793 39.87 9.76 40.27
CA ALA A 793 39.06 10.71 39.52
C ALA A 793 38.17 11.53 40.45
N LYS A 794 37.50 10.87 41.39
CA LYS A 794 36.63 11.58 42.33
C LYS A 794 37.45 12.43 43.30
N THR A 795 38.68 12.02 43.61
CA THR A 795 39.53 12.85 44.45
C THR A 795 39.86 14.16 43.74
N TRP A 796 40.46 14.08 42.56
CA TRP A 796 40.93 15.27 41.87
C TRP A 796 39.77 16.18 41.45
N LYS A 797 38.61 15.60 41.13
CA LYS A 797 37.42 16.41 40.93
C LYS A 797 37.11 17.23 42.18
N GLY A 798 37.26 16.62 43.35
CA GLY A 798 37.03 17.35 44.59
C GLY A 798 38.09 18.41 44.85
N ASN A 799 39.34 18.10 44.50
CA ASN A 799 40.40 19.10 44.60
C ASN A 799 40.03 20.35 43.80
N LEU A 800 39.61 20.16 42.55
CA LEU A 800 39.23 21.29 41.70
C LEU A 800 38.06 22.08 42.27
N SER A 801 37.26 21.48 43.14
CA SER A 801 36.20 22.25 43.80
C SER A 801 36.78 23.32 44.70
N LYS A 802 37.92 23.05 45.34
CA LYS A 802 38.54 24.01 46.24
C LYS A 802 39.89 24.50 45.73
N ILE A 803 39.98 24.83 44.44
CA ILE A 803 41.09 25.59 43.89
C ILE A 803 40.55 26.98 43.55
N ASP A 804 41.22 28.01 44.05
CA ASP A 804 40.77 29.38 43.84
C ASP A 804 40.67 29.66 42.34
N PRO A 805 39.51 30.14 41.84
CA PRO A 805 39.38 30.44 40.40
C PRO A 805 40.53 31.26 39.84
N SER A 806 41.19 32.03 40.70
CA SER A 806 42.31 32.86 40.28
C SER A 806 43.53 32.02 39.88
N ASP A 807 43.81 30.96 40.63
CA ASP A 807 44.99 30.14 40.36
C ASP A 807 44.80 29.33 39.09
N LYS A 808 45.10 29.91 37.92
CA LYS A 808 44.85 29.22 36.67
C LYS A 808 45.68 27.94 36.57
N HIS A 809 46.97 28.02 36.87
CA HIS A 809 47.84 26.87 36.69
C HIS A 809 47.36 25.68 37.52
N ALA A 810 47.02 25.91 38.78
CA ALA A 810 46.55 24.82 39.63
C ALA A 810 45.26 24.22 39.12
N ARG A 811 44.32 25.07 38.69
CA ARG A 811 43.07 24.55 38.13
C ARG A 811 43.31 23.77 36.85
N ASP A 812 44.24 24.24 36.01
CA ASP A 812 44.57 23.51 34.79
C ASP A 812 45.16 22.14 35.12
N GLU A 813 46.03 22.07 36.12
CA GLU A 813 46.61 20.79 36.50
C GLU A 813 45.56 19.85 37.08
N ALA A 814 44.69 20.36 37.95
CA ALA A 814 43.63 19.54 38.51
C ALA A 814 42.75 18.95 37.41
N LYS A 815 42.29 19.80 36.48
CA LYS A 815 41.49 19.32 35.37
C LYS A 815 42.24 18.26 34.56
N LYS A 816 43.54 18.47 34.33
CA LYS A 816 44.31 17.49 33.57
C LYS A 816 44.36 16.15 34.29
N MET A 817 44.58 16.17 35.60
CA MET A 817 44.50 14.94 36.37
C MET A 817 43.15 14.27 36.18
N ILE A 818 42.08 15.07 36.21
CA ILE A 818 40.70 14.54 36.11
C ILE A 818 40.49 13.82 34.79
N VAL A 819 40.89 14.46 33.69
CA VAL A 819 40.61 13.88 32.39
C VAL A 819 41.43 12.61 32.18
N LEU A 820 42.62 12.54 32.77
CA LEU A 820 43.41 11.33 32.64
C LEU A 820 42.81 10.18 33.45
N TYR A 821 42.44 10.43 34.70
CA TYR A 821 41.96 9.33 35.54
C TYR A 821 40.60 8.81 35.08
N ASP A 822 39.72 9.71 34.61
CA ASP A 822 38.46 9.24 34.02
C ASP A 822 38.72 8.43 32.77
N SER A 823 39.71 8.83 31.96
CA SER A 823 40.05 8.05 30.78
C SER A 823 40.59 6.68 31.17
N LEU A 824 41.45 6.62 32.19
CA LEU A 824 41.97 5.35 32.65
C LEU A 824 40.87 4.48 33.25
N GLN A 825 39.93 5.07 33.99
CA GLN A 825 38.87 4.25 34.57
C GLN A 825 37.91 3.79 33.49
N LEU A 826 37.71 4.60 32.45
CA LEU A 826 36.79 4.23 31.39
C LEU A 826 37.38 3.15 30.50
N ALA A 827 38.70 3.19 30.28
CA ALA A 827 39.31 2.10 29.53
C ALA A 827 39.29 0.80 30.33
N HIS A 828 39.39 0.87 31.65
CA HIS A 828 39.26 -0.36 32.41
C HIS A 828 37.83 -0.83 32.47
N LYS A 829 36.88 0.08 32.24
CA LYS A 829 35.47 -0.25 32.34
C LYS A 829 35.08 -1.24 31.26
N VAL A 830 35.61 -1.07 30.05
CA VAL A 830 35.19 -1.88 28.92
C VAL A 830 35.69 -3.31 29.06
N ILE A 831 36.90 -3.49 29.62
CA ILE A 831 37.34 -4.83 29.97
C ILE A 831 36.48 -5.40 31.08
N LEU A 832 36.15 -4.58 32.09
CA LEU A 832 35.40 -5.10 33.21
C LEU A 832 34.04 -5.60 32.78
N VAL A 833 33.28 -4.76 32.07
CA VAL A 833 31.96 -5.19 31.62
C VAL A 833 32.08 -6.39 30.70
N SER A 834 33.17 -6.49 29.92
CA SER A 834 33.35 -7.62 29.01
C SER A 834 33.50 -8.95 29.73
N PHE A 835 33.87 -8.95 31.01
CA PHE A 835 33.85 -10.20 31.76
C PHE A 835 32.42 -10.73 31.89
N TYR A 836 31.42 -9.85 31.75
CA TYR A 836 30.04 -10.30 31.69
C TYR A 836 29.66 -10.70 30.27
N GLY A 837 29.97 -9.86 29.29
CA GLY A 837 29.67 -10.21 27.92
C GLY A 837 30.38 -11.47 27.46
N TYR A 838 31.57 -11.75 28.03
CA TYR A 838 32.38 -12.88 27.57
C TYR A 838 31.66 -14.21 27.68
N VAL A 839 30.75 -14.38 28.65
CA VAL A 839 30.10 -15.68 28.80
C VAL A 839 29.06 -15.91 27.71
N MET A 840 28.86 -14.93 26.80
CA MET A 840 27.99 -15.06 25.66
C MET A 840 28.73 -14.86 24.34
N ARG A 841 30.05 -14.71 24.39
CA ARG A 841 30.84 -14.43 23.20
C ARG A 841 31.06 -15.71 22.37
N LYS A 842 31.04 -15.55 21.05
CA LYS A 842 31.33 -16.68 20.18
C LYS A 842 32.79 -17.11 20.35
N GLY A 843 33.00 -18.41 20.47
CA GLY A 843 34.30 -18.95 20.77
C GLY A 843 34.73 -18.86 22.21
N SER A 844 33.81 -18.53 23.12
CA SER A 844 34.13 -18.38 24.53
C SER A 844 34.59 -19.72 25.10
N ARG A 845 35.69 -19.70 25.86
CA ARG A 845 36.08 -20.89 26.61
C ARG A 845 35.25 -21.09 27.87
N TRP A 846 34.39 -20.10 28.22
CA TRP A 846 33.57 -20.17 29.44
C TRP A 846 32.19 -19.59 29.14
N TYR A 847 31.42 -20.31 28.33
CA TYR A 847 30.14 -19.85 27.81
C TYR A 847 29.02 -20.24 28.76
N SER A 848 28.15 -19.29 29.11
CA SER A 848 26.96 -19.62 29.89
C SER A 848 25.88 -18.57 29.70
N MET A 849 24.81 -18.93 29.00
CA MET A 849 23.66 -18.05 28.89
C MET A 849 22.98 -17.87 30.24
N GLU A 850 22.96 -18.95 31.03
CA GLU A 850 22.31 -18.90 32.32
C GLU A 850 22.91 -17.79 33.18
N MET A 851 24.24 -17.75 33.27
CA MET A 851 24.89 -16.76 34.12
C MET A 851 24.59 -15.35 33.69
N ALA A 852 24.59 -15.09 32.38
CA ALA A 852 24.26 -13.75 31.90
C ALA A 852 22.81 -13.40 32.22
N GLY A 853 21.88 -14.30 31.89
CA GLY A 853 20.48 -14.05 32.17
C GLY A 853 20.19 -13.84 33.65
N ILE A 854 20.91 -14.56 34.52
CA ILE A 854 20.75 -14.35 35.97
C ILE A 854 21.23 -12.96 36.34
N THR A 855 22.41 -12.58 35.85
CA THR A 855 22.95 -11.26 36.12
C THR A 855 21.93 -10.18 35.79
N CYS A 856 21.26 -10.31 34.65
CA CYS A 856 20.34 -9.28 34.20
C CYS A 856 19.08 -9.25 35.06
N LEU A 857 18.41 -10.39 35.23
CA LEU A 857 17.17 -10.38 35.98
C LEU A 857 17.39 -9.87 37.40
N THR A 858 18.52 -10.23 38.01
CA THR A 858 18.85 -9.71 39.33
C THR A 858 18.93 -8.19 39.32
N GLY A 859 19.62 -7.64 38.32
CA GLY A 859 19.71 -6.19 38.21
C GLY A 859 18.38 -5.52 37.99
N ALA A 860 17.49 -6.17 37.21
CA ALA A 860 16.16 -5.62 37.01
C ALA A 860 15.36 -5.63 38.30
N THR A 861 15.56 -6.64 39.13
CA THR A 861 14.86 -6.68 40.42
C THR A 861 15.39 -5.63 41.37
N ILE A 862 16.69 -5.32 41.31
CA ILE A 862 17.24 -4.36 42.25
C ILE A 862 16.79 -2.94 41.89
N ILE A 863 16.92 -2.56 40.62
CA ILE A 863 16.57 -1.20 40.21
C ILE A 863 15.08 -0.96 40.36
N GLN A 864 14.26 -2.00 40.17
CA GLN A 864 12.82 -1.81 40.36
C GLN A 864 12.46 -1.71 41.84
N MET A 865 13.23 -2.34 42.73
CA MET A 865 13.05 -2.10 44.16
C MET A 865 13.37 -0.65 44.50
N ALA A 866 14.46 -0.13 43.94
CA ALA A 866 14.80 1.27 44.17
C ALA A 866 13.74 2.20 43.59
N ARG A 867 13.21 1.88 42.40
CA ARG A 867 12.19 2.75 41.82
C ARG A 867 10.94 2.81 42.69
N ALA A 868 10.53 1.67 43.26
CA ALA A 868 9.34 1.64 44.10
C ALA A 868 9.47 2.59 45.27
N LEU A 869 10.67 2.70 45.85
CA LEU A 869 10.84 3.59 47.01
C LEU A 869 10.85 5.04 46.58
N VAL A 870 11.54 5.36 45.48
CA VAL A 870 11.61 6.75 45.03
C VAL A 870 10.22 7.23 44.61
N GLU A 871 9.44 6.35 43.96
CA GLU A 871 8.04 6.64 43.61
C GLU A 871 7.25 7.16 44.79
N ARG A 872 7.46 6.59 45.98
CA ARG A 872 6.64 6.87 47.14
C ARG A 872 7.15 8.06 47.96
N VAL A 873 8.33 8.57 47.67
CA VAL A 873 8.88 9.70 48.41
C VAL A 873 9.30 10.79 47.43
N GLY A 874 9.00 10.58 46.15
CA GLY A 874 9.43 11.53 45.14
C GLY A 874 8.90 11.12 43.78
N ARG A 875 9.44 11.76 42.75
CA ARG A 875 9.00 11.52 41.37
C ARG A 875 10.16 11.04 40.51
N PRO A 876 10.28 9.74 40.25
CA PRO A 876 11.28 9.27 39.29
C PRO A 876 10.99 9.80 37.89
N LEU A 877 12.03 10.28 37.22
CA LEU A 877 11.89 10.82 35.87
C LEU A 877 12.21 9.77 34.81
N GLU A 878 13.42 9.21 34.86
CA GLU A 878 13.85 8.21 33.88
C GLU A 878 14.73 7.15 34.56
N LEU A 879 14.67 5.94 34.04
CA LEU A 879 15.24 4.76 34.67
C LEU A 879 15.86 3.88 33.59
N ASP A 880 17.10 3.44 33.80
CA ASP A 880 17.81 2.66 32.78
C ASP A 880 18.82 1.68 33.41
N THR A 881 18.38 0.42 33.56
CA THR A 881 19.23 -0.71 33.88
C THR A 881 19.71 -0.70 35.33
N ASP A 882 20.44 0.34 35.71
CA ASP A 882 21.05 0.40 37.06
C ASP A 882 20.94 1.80 37.63
N GLY A 883 20.26 2.71 36.94
CA GLY A 883 20.26 4.09 37.35
C GLY A 883 18.89 4.74 37.22
N ILE A 884 18.62 5.67 38.13
CA ILE A 884 17.37 6.40 38.18
C ILE A 884 17.68 7.88 38.25
N TRP A 885 17.04 8.65 37.38
CA TRP A 885 16.97 10.10 37.53
C TRP A 885 15.64 10.42 38.22
N CYS A 886 15.69 11.26 39.24
CA CYS A 886 14.47 11.61 39.95
C CYS A 886 14.54 13.05 40.44
N ILE A 887 13.38 13.55 40.84
CA ILE A 887 13.28 14.78 41.62
C ILE A 887 12.69 14.43 42.97
N LEU A 888 13.23 15.04 44.02
CA LEU A 888 12.74 14.87 45.37
C LEU A 888 12.44 16.23 45.98
N PRO A 889 11.52 16.31 46.94
CA PRO A 889 11.26 17.59 47.61
C PRO A 889 12.53 18.12 48.26
N LYS A 890 12.77 19.41 48.09
CA LYS A 890 13.91 20.04 48.74
C LYS A 890 13.97 19.73 50.23
N SER A 891 12.81 19.53 50.87
CA SER A 891 12.71 19.17 52.28
C SER A 891 13.12 17.74 52.59
N PHE A 892 13.47 16.92 51.60
CA PHE A 892 13.86 15.54 51.87
C PHE A 892 15.24 15.49 52.53
N PRO A 893 15.48 14.53 53.43
CA PRO A 893 16.80 14.44 54.06
C PRO A 893 17.87 14.20 53.01
N GLU A 894 18.97 14.94 53.12
CA GLU A 894 19.92 15.05 52.02
C GLU A 894 21.32 14.63 52.37
N THR A 895 22.20 15.54 52.78
CA THR A 895 23.63 15.29 52.91
C THR A 895 24.02 15.66 54.35
N TYR A 896 24.79 14.79 54.99
CA TYR A 896 25.23 15.01 56.35
C TYR A 896 26.67 14.56 56.47
N PHE A 897 27.31 14.98 57.55
CA PHE A 897 28.73 14.67 57.78
C PHE A 897 28.91 14.16 59.21
N PHE A 898 29.03 12.84 59.34
CA PHE A 898 29.44 12.23 60.59
C PHE A 898 30.78 12.82 61.02
N THR A 899 31.04 12.84 62.33
CA THR A 899 32.32 13.31 62.86
C THR A 899 32.91 12.25 63.78
N LEU A 900 34.22 12.04 63.64
CA LEU A 900 34.93 11.07 64.46
C LEU A 900 35.87 11.78 65.42
N GLU A 901 36.30 11.04 66.45
CA GLU A 901 37.23 11.58 67.44
C GLU A 901 38.57 11.95 66.81
N ASN A 902 38.92 11.34 65.67
CA ASN A 902 40.08 11.73 64.88
C ASN A 902 39.93 13.09 64.23
N GLY A 903 38.83 13.80 64.48
CA GLY A 903 38.56 15.03 63.78
C GLY A 903 38.20 14.87 62.33
N LYS A 904 38.14 13.63 61.82
CA LYS A 904 37.79 13.38 60.44
C LYS A 904 36.28 13.31 60.26
N LYS A 905 35.84 13.48 59.02
CA LYS A 905 34.42 13.52 58.70
C LYS A 905 34.07 12.38 57.74
N LEU A 906 32.88 11.83 57.91
CA LEU A 906 32.35 10.76 57.06
C LEU A 906 31.19 11.33 56.26
N TYR A 907 31.26 11.19 54.94
CA TYR A 907 30.17 11.66 54.07
C TYR A 907 28.96 10.74 54.21
N LEU A 908 27.77 11.33 54.20
CA LEU A 908 26.53 10.58 54.14
C LEU A 908 25.55 11.32 53.26
N SER A 909 25.00 10.62 52.28
CA SER A 909 23.85 11.10 51.51
C SER A 909 22.68 10.19 51.85
N TYR A 910 21.70 10.72 52.56
CA TYR A 910 20.57 9.89 52.99
C TYR A 910 19.87 9.19 51.82
N PRO A 911 19.54 9.85 50.71
CA PRO A 911 18.84 9.14 49.63
C PRO A 911 19.62 7.97 49.09
N CYS A 912 20.95 8.06 49.08
CA CYS A 912 21.78 6.93 48.66
C CYS A 912 21.73 5.79 49.67
N SER A 913 21.85 6.13 50.97
CA SER A 913 21.98 5.09 51.98
C SER A 913 20.67 4.36 52.22
N MET A 914 19.54 5.08 52.17
CA MET A 914 18.25 4.41 52.36
C MET A 914 18.05 3.31 51.32
N LEU A 915 18.48 3.54 50.08
CA LEU A 915 18.43 2.48 49.08
C LEU A 915 19.42 1.37 49.43
N ASN A 916 20.66 1.76 49.74
CA ASN A 916 21.72 0.78 49.94
C ASN A 916 21.44 -0.11 51.14
N TYR A 917 20.85 0.44 52.20
CA TYR A 917 20.43 -0.40 53.32
C TYR A 917 19.36 -1.38 52.88
N ARG A 918 18.50 -0.98 51.93
CA ARG A 918 17.46 -1.87 51.43
C ARG A 918 18.03 -2.94 50.52
N VAL A 919 18.94 -2.55 49.62
CA VAL A 919 19.64 -3.51 48.78
C VAL A 919 20.33 -4.57 49.63
N HIS A 920 21.02 -4.13 50.68
CA HIS A 920 21.74 -5.08 51.51
C HIS A 920 20.81 -5.87 52.40
N GLN A 921 19.60 -5.37 52.64
CA GLN A 921 18.60 -6.16 53.35
C GLN A 921 18.00 -7.24 52.44
N LYS A 922 17.78 -6.91 51.15
CA LYS A 922 17.01 -7.79 50.26
C LYS A 922 17.84 -8.61 49.27
N PHE A 923 19.12 -8.28 49.05
CA PHE A 923 19.87 -8.94 47.98
C PHE A 923 21.25 -9.46 48.41
N THR A 924 21.48 -9.70 49.69
CA THR A 924 22.77 -10.19 50.16
C THR A 924 22.86 -11.70 49.98
N ASN A 925 24.04 -12.18 49.58
CA ASN A 925 24.26 -13.62 49.41
C ASN A 925 24.74 -14.19 50.74
N HIS A 926 23.84 -14.86 51.47
CA HIS A 926 24.24 -15.44 52.74
C HIS A 926 24.87 -16.82 52.58
N GLN A 927 24.88 -17.39 51.38
CA GLN A 927 25.43 -18.71 51.15
C GLN A 927 26.80 -18.67 50.48
N TYR A 928 27.53 -17.57 50.57
CA TYR A 928 28.85 -17.50 49.96
C TYR A 928 29.83 -18.40 50.71
N GLN A 929 30.52 -19.27 49.97
CA GLN A 929 31.42 -20.23 50.58
C GLN A 929 32.84 -20.04 50.06
N GLU A 930 33.80 -20.35 50.93
CA GLU A 930 35.22 -20.18 50.61
C GLU A 930 36.01 -21.27 51.30
N LEU A 931 36.96 -21.86 50.58
CA LEU A 931 37.91 -22.80 51.15
C LEU A 931 38.73 -22.14 52.24
N LYS A 932 38.58 -22.62 53.48
CA LYS A 932 39.36 -22.15 54.61
C LYS A 932 40.60 -23.00 54.86
N ASP A 933 40.50 -24.31 54.69
CA ASP A 933 41.63 -25.23 54.90
C ASP A 933 41.76 -26.09 53.65
N PRO A 934 42.64 -25.73 52.72
CA PRO A 934 42.69 -26.48 51.45
C PRO A 934 43.20 -27.89 51.63
N LEU A 935 44.07 -28.14 52.62
CA LEU A 935 44.60 -29.49 52.80
C LEU A 935 43.52 -30.45 53.29
N ASN A 936 42.54 -29.97 54.06
CA ASN A 936 41.47 -30.81 54.57
C ASN A 936 40.11 -30.51 53.94
N TYR A 937 40.07 -29.64 52.92
CA TYR A 937 38.87 -29.37 52.14
C TYR A 937 37.73 -28.89 53.04
N ILE A 938 37.99 -27.83 53.81
CA ILE A 938 37.02 -27.29 54.77
C ILE A 938 36.58 -25.93 54.27
N TYR A 939 35.27 -25.71 54.26
CA TYR A 939 34.67 -24.47 53.76
C TYR A 939 34.03 -23.68 54.90
N GLU A 940 34.07 -22.36 54.80
CA GLU A 940 33.48 -21.47 55.79
C GLU A 940 32.55 -20.49 55.08
N THR A 941 31.27 -20.54 55.44
CA THR A 941 30.22 -19.74 54.80
C THR A 941 30.11 -18.37 55.43
N HIS A 942 29.89 -17.36 54.58
CA HIS A 942 29.71 -16.00 55.07
C HIS A 942 28.70 -15.28 54.18
N SER A 943 28.38 -14.05 54.55
CA SER A 943 27.44 -13.23 53.80
C SER A 943 28.21 -12.24 52.94
N GLU A 944 27.75 -12.06 51.70
CA GLU A 944 28.42 -11.23 50.72
C GLU A 944 27.43 -10.34 49.98
N ASN A 945 27.70 -9.03 50.00
CA ASN A 945 26.97 -8.07 49.19
C ASN A 945 27.89 -6.90 48.89
N THR A 946 28.15 -6.69 47.61
CA THR A 946 29.04 -5.62 47.15
C THR A 946 28.33 -4.66 46.20
N ILE A 947 27.00 -4.57 46.30
CA ILE A 947 26.18 -3.76 45.41
C ILE A 947 25.85 -2.44 46.11
N PHE A 948 26.20 -1.31 45.50
CA PHE A 948 25.97 -0.01 46.12
C PHE A 948 25.58 1.02 45.08
N PHE A 949 24.49 1.75 45.35
CA PHE A 949 24.18 2.92 44.57
C PHE A 949 25.17 4.04 44.86
N GLU A 950 25.41 4.87 43.85
CA GLU A 950 26.26 6.06 44.03
C GLU A 950 25.37 7.25 43.64
N VAL A 951 25.66 8.43 44.15
CA VAL A 951 24.81 9.61 43.95
C VAL A 951 25.62 10.68 43.27
N ASP A 952 25.01 11.38 42.31
CA ASP A 952 25.53 12.62 41.78
C ASP A 952 24.38 13.60 41.63
N GLY A 953 24.67 14.87 41.89
CA GLY A 953 23.66 15.89 41.98
C GLY A 953 23.79 16.68 43.27
N PRO A 954 22.85 17.60 43.52
CA PRO A 954 21.68 17.93 42.71
C PRO A 954 22.01 18.81 41.50
N TYR A 955 21.20 18.78 40.44
CA TYR A 955 21.49 19.50 39.22
C TYR A 955 20.53 20.67 39.02
N LYS A 956 20.96 21.62 38.17
CA LYS A 956 20.15 22.80 37.91
C LYS A 956 18.92 22.47 37.07
N ALA A 957 19.07 21.64 36.04
CA ALA A 957 17.96 21.38 35.14
C ALA A 957 18.05 19.96 34.58
N MET A 958 16.89 19.44 34.18
CA MET A 958 16.83 18.26 33.35
C MET A 958 15.66 18.39 32.37
N ILE A 959 15.86 17.88 31.15
CA ILE A 959 14.88 18.03 30.08
C ILE A 959 14.67 16.67 29.44
N LEU A 960 13.45 16.13 29.55
CA LEU A 960 13.13 14.84 28.99
C LEU A 960 12.10 14.99 27.88
N PRO A 961 12.37 14.50 26.67
CA PRO A 961 11.39 14.62 25.59
C PRO A 961 10.23 13.64 25.74
N SER A 962 9.25 13.79 24.86
CA SER A 962 8.09 12.91 24.83
C SER A 962 7.83 12.47 23.39
N SER A 963 7.14 11.36 23.23
CA SER A 963 6.92 10.86 21.88
C SER A 963 5.72 11.55 21.25
N LYS A 964 5.65 11.47 19.92
CA LYS A 964 4.52 11.96 19.16
C LYS A 964 3.31 11.04 19.23
N GLU A 965 3.43 9.91 19.92
CA GLU A 965 2.43 8.86 19.93
C GLU A 965 1.90 8.69 21.35
N GLU A 966 0.58 8.67 21.50
CA GLU A 966 -0.05 8.78 22.81
C GLU A 966 0.37 7.66 23.74
N GLY A 967 0.59 8.02 25.01
CA GLY A 967 0.89 7.07 26.07
C GLY A 967 2.31 6.56 26.08
N LYS A 968 3.08 6.81 25.05
CA LYS A 968 4.44 6.31 24.94
C LYS A 968 5.40 7.34 25.52
N GLY A 969 6.58 6.87 25.92
CA GLY A 969 7.67 7.73 26.33
C GLY A 969 8.81 7.71 25.33
N ILE A 970 9.87 8.41 25.69
CA ILE A 970 11.12 8.34 24.96
C ILE A 970 12.20 7.99 25.98
N LYS A 971 12.80 6.82 25.83
CA LYS A 971 13.89 6.40 26.70
C LYS A 971 15.23 6.77 26.07
N LYS A 972 16.23 6.95 26.94
CA LYS A 972 17.64 7.09 26.57
C LYS A 972 17.96 8.42 25.91
N ARG A 973 17.16 9.45 26.17
CA ARG A 973 17.41 10.79 25.64
C ARG A 973 17.05 11.83 26.69
N TYR A 974 17.99 12.70 27.02
CA TYR A 974 17.73 13.83 27.90
C TYR A 974 18.95 14.73 27.92
N ALA A 975 18.76 15.94 28.43
CA ALA A 975 19.84 16.87 28.71
C ALA A 975 19.83 17.23 30.19
N VAL A 976 21.01 17.40 30.78
CA VAL A 976 21.15 17.71 32.20
C VAL A 976 22.17 18.83 32.36
N PHE A 977 21.85 19.81 33.20
CA PHE A 977 22.69 21.00 33.37
C PHE A 977 23.14 21.15 34.82
N ASN A 978 24.42 21.53 34.99
CA ASN A 978 24.95 21.82 36.32
C ASN A 978 24.45 23.18 36.82
N GLU A 979 24.65 23.41 38.12
CA GLU A 979 24.28 24.68 38.71
C GLU A 979 25.07 25.83 38.10
N ASP A 980 26.32 25.59 37.69
CA ASP A 980 27.06 26.65 37.03
C ASP A 980 26.57 26.93 35.61
N GLY A 981 25.53 26.23 35.16
CA GLY A 981 24.94 26.47 33.87
C GLY A 981 25.52 25.66 32.73
N SER A 982 26.53 24.84 32.98
CA SER A 982 27.17 24.04 31.95
C SER A 982 26.47 22.69 31.78
N LEU A 983 26.62 22.12 30.58
CA LEU A 983 25.99 20.84 30.27
C LEU A 983 26.64 19.73 31.10
N ALA A 984 25.82 18.99 31.85
CA ALA A 984 26.32 17.85 32.60
C ALA A 984 26.26 16.55 31.79
N GLU A 985 25.13 16.30 31.12
CA GLU A 985 24.96 15.12 30.28
C GLU A 985 24.14 15.47 29.05
N LEU A 986 24.35 14.68 27.99
CA LEU A 986 23.54 14.80 26.77
C LEU A 986 23.47 13.42 26.11
N LYS A 987 22.38 12.71 26.35
CA LYS A 987 22.27 11.31 25.96
C LYS A 987 21.35 11.15 24.76
N GLY A 988 21.80 10.34 23.81
CA GLY A 988 20.96 9.83 22.72
C GLY A 988 20.66 10.74 21.56
N PHE A 989 20.49 12.04 21.82
CA PHE A 989 19.99 12.97 20.82
C PHE A 989 20.85 12.99 19.56
N GLU A 990 20.23 13.40 18.46
CA GLU A 990 20.88 13.50 17.16
C GLU A 990 22.18 14.29 17.22
N LEU A 991 22.18 15.41 17.96
CA LEU A 991 23.33 16.29 18.13
C LEU A 991 24.62 15.52 18.34
N LYS A 992 24.54 14.41 19.06
CA LYS A 992 25.72 13.63 19.43
C LYS A 992 25.96 12.43 18.52
N ARG A 993 24.92 11.90 17.89
CA ARG A 993 25.09 10.72 17.04
C ARG A 993 25.86 11.10 15.77
N ARG A 994 26.57 10.12 15.21
CA ARG A 994 27.30 10.36 13.98
C ARG A 994 26.33 10.55 12.82
N GLY A 995 26.57 11.57 12.02
CA GLY A 995 25.69 11.86 10.91
C GLY A 995 24.43 12.58 11.37
N GLU A 996 23.27 12.02 11.01
CA GLU A 996 21.99 12.71 11.13
C GLU A 996 21.93 13.98 10.28
N LEU A 997 20.78 14.64 10.29
CA LEU A 997 20.56 15.85 9.48
C LEU A 997 21.07 17.06 10.24
N GLN A 998 22.03 17.77 9.64
CA GLN A 998 22.72 18.86 10.33
C GLN A 998 21.74 19.87 10.93
N LEU A 999 20.63 20.13 10.24
CA LEU A 999 19.64 21.07 10.77
C LEU A 999 19.15 20.64 12.14
N ILE A 1000 18.74 19.37 12.27
CA ILE A 1000 18.27 18.91 13.58
C ILE A 1000 19.40 18.98 14.59
N LYS A 1001 20.65 18.71 14.16
CA LYS A 1001 21.78 18.81 15.08
C LYS A 1001 21.96 20.24 15.59
N ASN A 1002 22.02 21.22 14.68
CA ASN A 1002 22.22 22.60 15.09
C ASN A 1002 21.06 23.12 15.91
N PHE A 1003 19.82 22.80 15.50
CA PHE A 1003 18.66 23.23 16.26
C PHE A 1003 18.72 22.72 17.69
N GLN A 1004 19.12 21.46 17.87
CA GLN A 1004 19.18 20.87 19.21
C GLN A 1004 20.24 21.56 20.05
N SER A 1005 21.42 21.80 19.47
CA SER A 1005 22.48 22.46 20.23
C SER A 1005 22.06 23.84 20.68
N ASP A 1006 21.29 24.55 19.84
CA ASP A 1006 20.81 25.89 20.17
C ASP A 1006 19.72 25.87 21.24
N ILE A 1007 18.87 24.84 21.25
CA ILE A 1007 17.68 24.88 22.10
C ILE A 1007 17.97 24.52 23.56
N PHE A 1008 18.88 23.58 23.83
CA PHE A 1008 18.89 22.96 25.16
C PHE A 1008 19.34 23.94 26.23
N LYS A 1009 20.26 24.85 25.90
CA LYS A 1009 20.69 25.83 26.89
C LYS A 1009 19.57 26.82 27.22
N VAL A 1010 18.67 27.08 26.27
CA VAL A 1010 17.62 28.06 26.50
C VAL A 1010 16.60 27.59 27.51
N PHE A 1011 16.53 26.27 27.78
CA PHE A 1011 15.61 25.78 28.80
C PHE A 1011 15.94 26.30 30.20
N LEU A 1012 17.15 26.84 30.41
CA LEU A 1012 17.50 27.41 31.71
C LEU A 1012 16.96 28.83 31.88
N GLU A 1013 16.63 29.52 30.78
CA GLU A 1013 16.12 30.88 30.85
C GLU A 1013 14.67 30.91 31.32
N GLY A 1014 14.19 32.11 31.63
CA GLY A 1014 12.86 32.29 32.15
C GLY A 1014 12.83 32.24 33.67
N ASP A 1015 11.78 32.83 34.22
CA ASP A 1015 11.59 32.85 35.67
C ASP A 1015 10.50 31.89 36.14
N THR A 1016 9.62 31.45 35.24
CA THR A 1016 8.54 30.53 35.52
C THR A 1016 8.52 29.45 34.46
N LEU A 1017 7.80 28.35 34.74
CA LEU A 1017 7.68 27.29 33.75
C LEU A 1017 7.14 27.82 32.42
N GLU A 1018 6.22 28.77 32.44
CA GLU A 1018 5.62 29.25 31.17
C GLU A 1018 6.63 30.12 30.40
N GLY A 1019 7.45 30.87 31.10
CA GLY A 1019 8.46 31.74 30.46
C GLY A 1019 9.63 30.95 29.93
N CYS A 1020 9.99 29.87 30.61
CA CYS A 1020 11.07 28.97 30.11
C CYS A 1020 10.64 28.46 28.73
N TYR A 1021 9.40 27.96 28.63
CA TYR A 1021 8.90 27.41 27.36
C TYR A 1021 8.80 28.55 26.34
N SER A 1022 8.40 29.74 26.79
CA SER A 1022 8.24 30.91 25.90
C SER A 1022 9.59 31.30 25.30
N ALA A 1023 10.65 31.21 26.11
CA ALA A 1023 12.01 31.53 25.64
C ALA A 1023 12.46 30.52 24.60
N VAL A 1024 12.29 29.24 24.92
CA VAL A 1024 12.67 28.17 23.96
C VAL A 1024 11.85 28.41 22.69
N ALA A 1025 10.56 28.72 22.86
CA ALA A 1025 9.73 28.91 21.67
C ALA A 1025 10.32 29.97 20.73
N SER A 1026 10.92 31.02 21.30
CA SER A 1026 11.54 32.03 20.47
C SER A 1026 12.59 31.42 19.55
N VAL A 1027 13.38 30.47 20.06
CA VAL A 1027 14.43 29.87 19.23
C VAL A 1027 13.81 28.99 18.15
N CYS A 1028 12.70 28.31 18.49
CA CYS A 1028 12.00 27.48 17.52
C CYS A 1028 11.50 28.31 16.35
N ASN A 1029 10.66 29.31 16.64
CA ASN A 1029 10.09 30.15 15.59
C ASN A 1029 11.18 30.81 14.75
N ARG A 1030 12.34 31.08 15.34
CA ARG A 1030 13.48 31.54 14.55
C ARG A 1030 13.93 30.45 13.58
N TRP A 1031 14.03 29.21 14.07
CA TRP A 1031 14.42 28.10 13.20
C TRP A 1031 13.32 27.80 12.19
N LEU A 1032 12.05 27.93 12.59
CA LEU A 1032 10.96 27.70 11.64
C LEU A 1032 10.98 28.72 10.51
N ASP A 1033 11.28 29.98 10.85
CA ASP A 1033 11.36 31.02 9.82
C ASP A 1033 12.42 30.67 8.77
N VAL A 1034 13.50 30.02 9.19
CA VAL A 1034 14.52 29.59 8.24
C VAL A 1034 13.92 28.74 7.14
N LEU A 1035 13.05 27.80 7.51
CA LEU A 1035 12.52 26.83 6.56
C LEU A 1035 11.21 27.25 5.94
N ASP A 1036 10.38 28.02 6.65
CA ASP A 1036 9.20 28.61 6.01
C ASP A 1036 9.57 29.63 4.95
N SER A 1037 10.79 30.15 4.98
CA SER A 1037 11.28 31.10 3.98
C SER A 1037 12.00 30.39 2.84
N HIS A 1038 11.95 29.07 2.78
CA HIS A 1038 12.64 28.29 1.75
C HIS A 1038 14.13 28.62 1.73
N GLY A 1039 14.71 28.73 2.92
CA GLY A 1039 16.14 28.98 3.05
C GLY A 1039 16.63 30.29 2.51
N LEU A 1040 15.75 31.29 2.36
CA LEU A 1040 16.16 32.58 1.81
C LEU A 1040 16.96 33.41 2.81
N MET A 1041 16.75 33.20 4.11
CA MET A 1041 17.46 33.93 5.16
C MET A 1041 18.87 33.41 5.40
N LEU A 1042 19.41 32.61 4.48
CA LEU A 1042 20.66 31.90 4.71
C LEU A 1042 21.58 32.03 3.51
N GLU A 1043 22.85 32.34 3.78
CA GLU A 1043 23.84 32.32 2.71
C GLU A 1043 24.02 30.89 2.22
N ASP A 1044 24.68 30.73 1.07
CA ASP A 1044 24.76 29.43 0.42
C ASP A 1044 25.62 28.45 1.23
N GLU A 1045 26.77 28.93 1.71
CA GLU A 1045 27.64 28.11 2.55
C GLU A 1045 26.88 27.52 3.74
N ASP A 1046 26.17 28.36 4.50
CA ASP A 1046 25.41 27.84 5.64
C ASP A 1046 24.25 26.96 5.18
N LEU A 1047 23.81 27.11 3.93
CA LEU A 1047 22.68 26.31 3.47
C LEU A 1047 23.11 24.88 3.17
N VAL A 1048 24.21 24.69 2.46
CA VAL A 1048 24.64 23.33 2.13
C VAL A 1048 24.90 22.53 3.41
N SER A 1049 25.49 23.18 4.41
CA SER A 1049 25.80 22.48 5.65
C SER A 1049 24.53 22.10 6.41
N LEU A 1050 23.59 23.03 6.56
CA LEU A 1050 22.45 22.80 7.45
C LEU A 1050 21.52 21.73 6.90
N ILE A 1051 21.16 21.80 5.62
CA ILE A 1051 20.16 20.92 5.02
C ILE A 1051 20.75 19.57 4.60
N CYS A 1052 22.07 19.40 4.70
CA CYS A 1052 22.68 18.12 4.40
C CYS A 1052 22.43 17.09 5.50
N GLU A 1053 22.34 15.82 5.09
CA GLU A 1053 22.36 14.67 6.00
C GLU A 1053 23.49 13.73 5.56
N ASN A 1054 24.34 13.34 6.51
CA ASN A 1054 25.44 12.41 6.29
C ASN A 1054 25.13 11.10 6.99
N ARG A 1055 25.09 10.00 6.23
CA ARG A 1055 24.92 8.67 6.78
C ARG A 1055 26.06 7.78 6.32
N SER A 1056 26.38 6.77 7.12
CA SER A 1056 27.48 5.86 6.82
C SER A 1056 26.95 4.50 6.41
N MET A 1057 27.66 3.87 5.47
CA MET A 1057 27.33 2.54 4.98
C MET A 1057 28.32 1.57 5.60
N SER A 1058 27.86 0.70 6.50
CA SER A 1058 28.80 -0.14 7.22
C SER A 1058 29.49 -1.15 6.31
N LYS A 1059 28.82 -1.59 5.24
CA LYS A 1059 29.39 -2.46 4.23
C LYS A 1059 29.49 -1.71 2.90
N THR A 1060 29.87 -2.43 1.85
CA THR A 1060 29.89 -1.87 0.49
C THR A 1060 28.50 -1.98 -0.13
N LEU A 1061 28.24 -1.13 -1.13
CA LEU A 1061 26.90 -1.09 -1.72
C LEU A 1061 26.49 -2.44 -2.28
N LYS A 1062 27.44 -3.23 -2.79
CA LYS A 1062 27.10 -4.50 -3.40
C LYS A 1062 26.35 -5.42 -2.42
N GLU A 1063 26.65 -5.32 -1.12
CA GLU A 1063 26.09 -6.21 -0.13
C GLU A 1063 24.77 -5.71 0.44
N TYR A 1064 24.19 -4.66 -0.12
CA TYR A 1064 22.88 -4.18 0.31
C TYR A 1064 21.79 -4.54 -0.68
N GLU A 1065 22.08 -5.42 -1.63
CA GLU A 1065 21.18 -5.69 -2.73
C GLU A 1065 19.84 -6.22 -2.23
N GLY A 1066 18.75 -5.63 -2.71
CA GLY A 1066 17.40 -6.05 -2.29
C GLY A 1066 16.84 -5.13 -1.24
N GLN A 1067 17.53 -4.05 -0.96
CA GLN A 1067 17.10 -3.13 0.11
C GLN A 1067 17.06 -1.69 -0.41
N LYS A 1068 16.12 -0.92 0.11
CA LYS A 1068 15.99 0.49 -0.29
C LYS A 1068 16.32 1.38 0.91
N SER A 1069 17.23 2.34 0.72
CA SER A 1069 17.61 3.29 1.80
C SER A 1069 18.13 4.59 1.16
N THR A 1070 18.13 5.69 1.91
CA THR A 1070 18.67 6.95 1.41
C THR A 1070 20.18 6.88 1.23
N SER A 1071 20.86 6.14 2.09
CA SER A 1071 22.29 5.90 1.90
C SER A 1071 22.52 5.01 0.68
N ILE A 1072 21.67 4.00 0.49
CA ILE A 1072 21.82 3.10 -0.66
C ILE A 1072 21.62 3.88 -1.95
N THR A 1073 20.53 4.64 -2.04
CA THR A 1073 20.29 5.48 -3.21
C THR A 1073 21.45 6.43 -3.45
N THR A 1074 21.93 7.09 -2.39
CA THR A 1074 23.01 8.05 -2.53
C THR A 1074 24.27 7.38 -3.05
N ALA A 1075 24.61 6.23 -2.49
CA ALA A 1075 25.79 5.50 -2.96
C ALA A 1075 25.67 5.19 -4.45
N ARG A 1076 24.50 4.73 -4.88
CA ARG A 1076 24.32 4.36 -6.28
C ARG A 1076 24.52 5.56 -7.19
N ARG A 1077 23.84 6.67 -6.90
CA ARG A 1077 23.97 7.86 -7.73
C ARG A 1077 25.41 8.37 -7.73
N LEU A 1078 26.03 8.41 -6.56
CA LEU A 1078 27.42 8.85 -6.46
C LEU A 1078 28.35 7.96 -7.30
N GLY A 1079 28.01 6.69 -7.44
CA GLY A 1079 28.82 5.79 -8.24
C GLY A 1079 28.66 6.02 -9.73
N ASP A 1080 27.44 6.29 -10.18
CA ASP A 1080 27.23 6.56 -11.60
C ASP A 1080 27.93 7.83 -12.03
N PHE A 1081 27.87 8.86 -11.18
CA PHE A 1081 28.44 10.17 -11.52
C PHE A 1081 29.95 10.17 -11.37
N LEU A 1082 30.48 9.64 -10.27
CA LEU A 1082 31.91 9.69 -9.99
C LEU A 1082 32.64 8.41 -10.34
N GLY A 1083 31.94 7.35 -10.72
CA GLY A 1083 32.59 6.12 -11.10
C GLY A 1083 32.45 5.04 -10.05
N GLU A 1084 32.72 3.80 -10.47
CA GLU A 1084 32.56 2.67 -9.56
C GLU A 1084 33.57 2.70 -8.43
N ASP A 1085 34.74 3.31 -8.63
CA ASP A 1085 35.77 3.33 -7.60
C ASP A 1085 35.35 4.12 -6.36
N MET A 1086 34.20 4.77 -6.36
CA MET A 1086 33.69 5.43 -5.17
C MET A 1086 32.92 4.49 -4.25
N VAL A 1087 32.60 3.29 -4.72
CA VAL A 1087 31.85 2.30 -3.94
C VAL A 1087 32.73 1.15 -3.47
N LYS A 1088 33.93 0.99 -4.03
CA LYS A 1088 34.74 -0.21 -3.83
C LYS A 1088 34.92 -0.58 -2.35
N ASP A 1089 34.95 0.39 -1.45
CA ASP A 1089 35.24 0.13 -0.05
C ASP A 1089 34.01 0.35 0.83
N LYS A 1090 34.10 -0.13 2.06
CA LYS A 1090 33.03 0.01 3.03
C LYS A 1090 33.23 1.25 3.89
N GLY A 1091 32.18 1.63 4.61
CA GLY A 1091 32.23 2.82 5.44
C GLY A 1091 31.99 4.10 4.71
N LEU A 1092 31.44 4.04 3.49
CA LEU A 1092 31.28 5.25 2.69
C LEU A 1092 30.31 6.23 3.33
N GLN A 1093 30.67 7.50 3.26
CA GLN A 1093 29.86 8.59 3.82
C GLN A 1093 28.97 9.16 2.73
N CYS A 1094 27.67 8.93 2.84
CA CYS A 1094 26.70 9.39 1.85
C CYS A 1094 26.09 10.70 2.33
N LYS A 1095 26.42 11.79 1.64
CA LYS A 1095 25.90 13.12 1.97
C LYS A 1095 24.87 13.50 0.92
N TYR A 1096 23.63 13.68 1.35
CA TYR A 1096 22.54 13.84 0.39
C TYR A 1096 21.55 14.91 0.86
N ILE A 1097 20.70 15.34 -0.08
CA ILE A 1097 19.54 16.15 0.19
C ILE A 1097 18.33 15.47 -0.44
N ILE A 1098 17.15 15.80 0.06
CA ILE A 1098 15.90 15.24 -0.44
C ILE A 1098 15.31 16.23 -1.43
N SER A 1099 15.11 15.79 -2.68
CA SER A 1099 14.54 16.64 -3.72
C SER A 1099 13.02 16.60 -3.69
N SER A 1100 12.41 17.70 -4.12
CA SER A 1100 10.95 17.74 -4.22
C SER A 1100 10.44 16.73 -5.24
N LYS A 1101 11.09 16.64 -6.41
CA LYS A 1101 10.59 15.80 -7.49
C LYS A 1101 11.43 14.54 -7.65
N PRO A 1102 10.85 13.44 -8.14
CA PRO A 1102 9.45 13.24 -8.59
C PRO A 1102 8.44 13.35 -7.44
N PHE A 1103 7.36 14.09 -7.65
CA PHE A 1103 6.38 14.35 -6.59
C PHE A 1103 5.70 13.07 -6.13
N ASN A 1104 5.43 13.00 -4.82
CA ASN A 1104 4.69 11.92 -4.16
C ASN A 1104 5.40 10.57 -4.26
N ALA A 1105 6.71 10.59 -4.53
CA ALA A 1105 7.55 9.41 -4.66
C ALA A 1105 8.21 9.07 -3.32
N PRO A 1106 8.66 7.83 -3.14
CA PRO A 1106 9.34 7.48 -1.89
C PRO A 1106 10.61 8.30 -1.70
N VAL A 1107 10.81 8.73 -0.44
CA VAL A 1107 11.96 9.55 -0.08
C VAL A 1107 13.27 8.88 -0.47
N THR A 1108 13.34 7.55 -0.38
CA THR A 1108 14.54 6.86 -0.81
C THR A 1108 14.81 7.08 -2.30
N GLU A 1109 13.78 7.43 -3.08
CA GLU A 1109 13.98 7.67 -4.50
C GLU A 1109 14.34 9.11 -4.83
N ARG A 1110 14.21 10.02 -3.86
CA ARG A 1110 14.45 11.45 -4.07
C ARG A 1110 15.67 11.95 -3.30
N ALA A 1111 16.72 11.13 -3.25
CA ALA A 1111 17.89 11.40 -2.44
C ALA A 1111 19.07 11.67 -3.37
N ILE A 1112 19.47 12.93 -3.46
CA ILE A 1112 20.54 13.35 -4.36
C ILE A 1112 21.81 13.54 -3.58
N PRO A 1113 22.96 13.00 -4.03
CA PRO A 1113 24.23 13.30 -3.38
C PRO A 1113 24.65 14.75 -3.61
N VAL A 1114 25.01 15.43 -2.53
CA VAL A 1114 25.37 16.85 -2.61
C VAL A 1114 26.65 17.10 -3.40
N ALA A 1115 27.39 16.05 -3.77
CA ALA A 1115 28.57 16.26 -4.59
C ALA A 1115 28.20 16.71 -6.00
N ILE A 1116 27.02 16.32 -6.48
CA ILE A 1116 26.60 16.73 -7.82
C ILE A 1116 26.58 18.25 -7.93
N PHE A 1117 26.23 18.95 -6.85
CA PHE A 1117 26.17 20.40 -6.91
C PHE A 1117 27.55 21.04 -7.05
N SER A 1118 28.62 20.28 -6.88
CA SER A 1118 29.97 20.77 -7.07
C SER A 1118 30.56 20.30 -8.41
N ALA A 1119 29.74 19.73 -9.27
CA ALA A 1119 30.18 19.26 -10.57
C ALA A 1119 29.87 20.29 -11.65
N ASP A 1120 30.36 20.02 -12.86
CA ASP A 1120 30.19 20.94 -13.98
C ASP A 1120 28.73 20.98 -14.41
N ILE A 1121 28.31 22.16 -14.88
CA ILE A 1121 26.90 22.36 -15.26
C ILE A 1121 26.37 21.23 -16.15
N PRO A 1122 27.06 20.82 -17.22
CA PRO A 1122 26.52 19.70 -18.02
C PRO A 1122 26.21 18.48 -17.19
N ILE A 1123 27.12 18.12 -16.29
CA ILE A 1123 26.94 16.94 -15.45
C ILE A 1123 25.75 17.14 -14.50
N LYS A 1124 25.73 18.29 -13.81
CA LYS A 1124 24.64 18.63 -12.89
C LYS A 1124 23.27 18.45 -13.53
N ARG A 1125 23.04 19.09 -14.68
CA ARG A 1125 21.73 19.03 -15.31
C ARG A 1125 21.40 17.60 -15.75
N SER A 1126 22.38 16.92 -16.37
CA SER A 1126 22.16 15.55 -16.83
C SER A 1126 21.65 14.66 -15.70
N PHE A 1127 22.35 14.67 -14.57
CA PHE A 1127 21.97 13.79 -13.47
C PHE A 1127 20.75 14.33 -12.73
N LEU A 1128 20.71 15.64 -12.47
CA LEU A 1128 19.55 16.23 -11.80
C LEU A 1128 18.28 16.03 -12.60
N ARG A 1129 18.38 16.02 -13.94
CA ARG A 1129 17.20 15.78 -14.76
C ARG A 1129 16.73 14.34 -14.59
N ARG A 1130 17.63 13.37 -14.69
CA ARG A 1130 17.21 11.99 -14.58
C ARG A 1130 16.83 11.63 -13.15
N TRP A 1131 17.47 12.28 -12.17
CA TRP A 1131 17.17 11.96 -10.77
C TRP A 1131 15.80 12.48 -10.36
N THR A 1132 15.35 13.60 -10.95
CA THR A 1132 14.03 14.15 -10.66
C THR A 1132 12.97 13.73 -11.65
N LEU A 1133 13.32 12.88 -12.62
CA LEU A 1133 12.40 12.44 -13.68
C LEU A 1133 11.77 13.63 -14.41
N ASP A 1134 12.59 14.65 -14.67
CA ASP A 1134 12.14 15.90 -15.25
C ASP A 1134 13.18 16.31 -16.29
N PRO A 1135 12.97 15.93 -17.55
CA PRO A 1135 13.96 16.23 -18.59
C PRO A 1135 13.93 17.67 -19.08
N SER A 1136 12.97 18.47 -18.63
CA SER A 1136 12.89 19.87 -18.98
C SER A 1136 13.61 20.78 -18.00
N LEU A 1137 14.24 20.22 -16.97
CA LEU A 1137 14.83 21.01 -15.89
C LEU A 1137 16.05 21.77 -16.40
N GLU A 1138 15.95 23.10 -16.39
CA GLU A 1138 17.10 23.97 -16.64
C GLU A 1138 17.61 24.64 -15.39
N ASP A 1139 16.76 24.76 -14.36
CA ASP A 1139 17.04 25.49 -13.13
C ASP A 1139 17.71 24.56 -12.12
N LEU A 1140 18.99 24.75 -11.89
CA LEU A 1140 19.77 23.84 -11.05
C LEU A 1140 20.07 24.40 -9.67
N ASP A 1141 19.49 25.56 -9.31
CA ASP A 1141 19.74 26.16 -8.02
C ASP A 1141 19.35 25.20 -6.90
N ILE A 1142 20.33 24.85 -6.06
CA ILE A 1142 20.10 23.90 -4.97
C ILE A 1142 18.87 24.29 -4.16
N ARG A 1143 18.62 25.59 -4.02
CA ARG A 1143 17.45 26.05 -3.28
C ARG A 1143 16.16 25.57 -3.92
N THR A 1144 16.11 25.49 -5.25
CA THR A 1144 14.87 25.04 -5.90
C THR A 1144 14.72 23.53 -5.91
N ILE A 1145 15.79 22.79 -5.65
CA ILE A 1145 15.70 21.33 -5.64
C ILE A 1145 15.24 20.82 -4.28
N ILE A 1146 15.69 21.47 -3.20
CA ILE A 1146 15.39 21.02 -1.84
C ILE A 1146 13.88 20.88 -1.65
N ASP A 1147 13.47 19.75 -1.09
CA ASP A 1147 12.08 19.50 -0.70
C ASP A 1147 11.88 20.16 0.67
N TRP A 1148 11.52 21.44 0.64
CA TRP A 1148 11.49 22.22 1.87
C TRP A 1148 10.41 21.73 2.83
N GLY A 1149 9.29 21.23 2.29
CA GLY A 1149 8.26 20.71 3.17
C GLY A 1149 8.71 19.48 3.93
N TYR A 1150 9.67 18.74 3.39
CA TYR A 1150 10.25 17.60 4.09
C TYR A 1150 11.00 18.06 5.33
N TYR A 1151 11.94 18.99 5.15
CA TYR A 1151 12.73 19.48 6.27
C TYR A 1151 11.86 20.25 7.26
N ARG A 1152 10.89 21.01 6.78
CA ARG A 1152 9.99 21.71 7.67
C ARG A 1152 9.25 20.71 8.57
N GLU A 1153 8.92 19.54 8.04
CA GLU A 1153 8.25 18.54 8.86
C GLU A 1153 9.23 17.85 9.80
N ARG A 1154 10.49 17.68 9.39
CA ARG A 1154 11.45 17.04 10.28
C ARG A 1154 11.85 17.98 11.41
N LEU A 1155 12.08 19.26 11.10
CA LEU A 1155 12.31 20.22 12.17
C LEU A 1155 11.10 20.26 13.10
N GLY A 1156 9.90 20.35 12.50
CA GLY A 1156 8.70 20.40 13.31
C GLY A 1156 8.52 19.19 14.19
N SER A 1157 8.99 18.04 13.73
CA SER A 1157 8.86 16.81 14.52
C SER A 1157 9.77 16.83 15.74
N ALA A 1158 10.96 17.39 15.60
CA ALA A 1158 11.83 17.58 16.75
C ALA A 1158 11.21 18.53 17.74
N ILE A 1159 10.55 19.58 17.23
CA ILE A 1159 9.98 20.62 18.09
C ILE A 1159 8.88 20.03 18.97
N GLN A 1160 8.08 19.12 18.41
CA GLN A 1160 7.03 18.50 19.22
C GLN A 1160 7.61 17.68 20.35
N LYS A 1161 8.64 16.88 20.06
CA LYS A 1161 9.16 15.93 21.03
C LYS A 1161 9.98 16.60 22.13
N ILE A 1162 10.66 17.70 21.81
CA ILE A 1162 11.48 18.36 22.81
C ILE A 1162 10.73 19.50 23.52
N ILE A 1163 9.81 20.16 22.83
CA ILE A 1163 9.20 21.39 23.35
C ILE A 1163 7.70 21.27 23.58
N THR A 1164 6.93 21.08 22.51
CA THR A 1164 5.49 21.34 22.59
C THR A 1164 4.74 20.22 23.32
N ILE A 1165 4.93 18.97 22.92
CA ILE A 1165 4.22 17.87 23.58
C ILE A 1165 4.61 17.73 25.04
N PRO A 1166 5.90 17.86 25.44
CA PRO A 1166 6.19 17.92 26.88
C PRO A 1166 5.52 19.08 27.60
N ALA A 1167 5.52 20.28 27.00
CA ALA A 1167 4.84 21.42 27.61
C ALA A 1167 3.38 21.09 27.90
N ALA A 1168 2.72 20.42 26.96
CA ALA A 1168 1.33 20.04 27.18
C ALA A 1168 1.20 19.11 28.37
N LEU A 1169 2.15 18.18 28.51
CA LEU A 1169 2.10 17.23 29.62
C LEU A 1169 2.30 17.91 30.96
N GLN A 1170 2.89 19.11 30.98
CA GLN A 1170 3.01 19.91 32.19
C GLN A 1170 1.95 21.02 32.23
N GLY A 1171 0.91 20.91 31.42
CA GLY A 1171 -0.18 21.87 31.45
C GLY A 1171 0.18 23.25 30.92
N VAL A 1172 0.90 23.31 29.81
CA VAL A 1172 1.30 24.58 29.21
C VAL A 1172 0.80 24.61 27.76
N SER A 1173 -0.08 25.56 27.47
CA SER A 1173 -0.59 25.75 26.10
C SER A 1173 0.57 25.90 25.14
N ASN A 1174 0.39 25.32 23.94
CA ASN A 1174 1.41 25.17 22.91
C ASN A 1174 2.31 26.39 22.80
N PRO A 1175 3.56 26.30 23.24
CA PRO A 1175 4.49 27.44 23.07
C PRO A 1175 4.82 27.73 21.62
N VAL A 1176 4.74 26.74 20.73
CA VAL A 1176 4.94 26.99 19.31
C VAL A 1176 3.65 26.64 18.58
N PRO A 1177 2.76 27.60 18.36
CA PRO A 1177 1.49 27.29 17.70
C PRO A 1177 1.63 26.92 16.24
N ARG A 1178 2.73 27.30 15.59
CA ARG A 1178 2.97 26.91 14.19
C ARG A 1178 3.26 25.43 14.05
N VAL A 1179 3.56 24.73 15.14
CA VAL A 1179 3.69 23.28 15.12
C VAL A 1179 2.44 22.71 15.78
N GLU A 1180 1.54 22.17 14.96
CA GLU A 1180 0.21 21.72 15.47
C GLU A 1180 0.32 20.46 16.32
N HIS A 1181 -0.47 20.44 17.40
CA HIS A 1181 -0.41 19.31 18.35
C HIS A 1181 -0.95 18.05 17.69
N PRO A 1182 -0.48 16.84 18.09
CA PRO A 1182 -1.02 15.61 17.56
C PRO A 1182 -2.52 15.59 17.87
N ASP A 1183 -3.32 15.07 16.95
CA ASP A 1183 -4.79 15.12 17.12
C ASP A 1183 -5.16 14.53 18.50
N TRP A 1184 -4.51 13.45 18.91
CA TRP A 1184 -4.89 12.80 20.19
C TRP A 1184 -4.77 13.82 21.32
N LEU A 1185 -3.71 14.63 21.29
CA LEU A 1185 -3.48 15.62 22.39
C LEU A 1185 -4.56 16.69 22.35
N LYS A 1186 -4.90 17.15 21.14
CA LYS A 1186 -5.93 18.21 20.99
C LYS A 1186 -7.22 17.71 21.64
N ARG A 1187 -7.56 16.44 21.36
CA ARG A 1187 -8.78 15.83 21.95
C ARG A 1187 -8.67 15.78 23.47
N LYS A 1188 -7.56 15.26 23.98
CA LYS A 1188 -7.37 15.16 25.46
C LYS A 1188 -7.36 16.57 26.03
N ILE A 1189 -6.70 17.49 25.33
CA ILE A 1189 -6.67 18.90 25.80
C ILE A 1189 -8.12 19.35 25.93
N ALA A 1190 -8.97 18.95 24.98
CA ALA A 1190 -10.40 19.32 25.00
C ALA A 1190 -11.14 18.46 26.02
N THR A 1191 -10.41 17.76 26.88
CA THR A 1191 -11.03 16.86 27.89
C THR A 1191 -11.93 15.85 27.16
N ASN B 33 -73.93 -13.61 -20.47
CA ASN B 33 -72.60 -13.87 -21.02
C ASN B 33 -71.95 -12.58 -21.51
N ASN B 34 -71.92 -12.38 -22.83
CA ASN B 34 -71.32 -11.16 -23.38
C ASN B 34 -72.04 -9.91 -22.88
N TYR B 35 -73.32 -10.03 -22.52
CA TYR B 35 -74.04 -8.90 -21.94
C TYR B 35 -73.58 -8.61 -20.52
N ALA B 36 -73.09 -9.63 -19.81
CA ALA B 36 -72.65 -9.44 -18.42
C ALA B 36 -71.37 -8.61 -18.35
N LEU B 37 -70.48 -8.79 -19.32
CA LEU B 37 -69.27 -7.96 -19.37
C LEU B 37 -69.62 -6.50 -19.62
N SER B 38 -70.53 -6.25 -20.56
CA SER B 38 -71.01 -4.89 -20.80
C SER B 38 -71.64 -4.29 -19.55
N ALA B 39 -72.36 -5.11 -18.77
CA ALA B 39 -73.03 -4.62 -17.58
C ALA B 39 -72.02 -4.17 -16.54
N GLN B 40 -70.97 -4.96 -16.35
CA GLN B 40 -69.93 -4.59 -15.39
C GLN B 40 -69.13 -3.39 -15.91
N GLN B 41 -68.83 -3.38 -17.21
CA GLN B 41 -68.10 -2.26 -17.79
C GLN B 41 -68.90 -0.97 -17.70
N LEU B 42 -70.19 -1.02 -18.00
CA LEU B 42 -71.02 0.18 -17.89
C LEU B 42 -71.08 0.67 -16.45
N LEU B 43 -71.01 -0.24 -15.48
CA LEU B 43 -70.96 0.16 -14.09
C LEU B 43 -69.71 1.00 -13.83
N ASN B 44 -68.55 0.49 -14.26
CA ASN B 44 -67.31 1.25 -14.07
C ASN B 44 -67.38 2.60 -14.76
N ALA B 45 -67.96 2.63 -15.96
CA ALA B 45 -68.05 3.89 -16.68
C ALA B 45 -68.85 4.92 -15.89
N SER B 46 -69.92 4.47 -15.24
CA SER B 46 -70.70 5.38 -14.40
C SER B 46 -69.89 5.85 -13.21
N LYS B 47 -69.26 4.91 -12.49
CA LYS B 47 -68.38 5.28 -11.38
C LYS B 47 -67.29 6.24 -11.84
N ILE B 48 -66.55 5.86 -12.89
CA ILE B 48 -65.50 6.73 -13.43
C ILE B 48 -66.09 8.10 -13.78
N ASP B 49 -67.27 8.10 -14.39
CA ASP B 49 -67.95 9.36 -14.71
C ASP B 49 -68.24 10.18 -13.46
N ASP B 50 -68.63 9.52 -12.37
CA ASP B 50 -68.81 10.24 -11.11
C ASP B 50 -67.50 10.82 -10.62
N ILE B 51 -66.46 9.98 -10.54
CA ILE B 51 -65.11 10.44 -10.16
C ILE B 51 -64.70 11.64 -11.00
N ASP B 52 -64.87 11.53 -12.32
CA ASP B 52 -64.47 12.61 -13.23
C ASP B 52 -65.24 13.89 -12.94
N SER B 53 -66.56 13.79 -12.80
CA SER B 53 -67.36 14.98 -12.54
C SER B 53 -66.97 15.60 -11.19
N MET B 54 -66.59 14.76 -10.22
CA MET B 54 -66.10 15.27 -8.94
C MET B 54 -64.79 16.03 -9.12
N MET B 55 -63.90 15.53 -9.98
CA MET B 55 -62.61 16.17 -10.20
C MET B 55 -62.66 17.20 -11.34
N GLY B 56 -63.83 17.73 -11.67
CA GLY B 56 -63.93 18.80 -12.64
C GLY B 56 -64.01 18.38 -14.09
N PHE B 57 -64.28 17.11 -14.38
CA PHE B 57 -64.41 16.63 -15.75
C PHE B 57 -65.83 16.14 -15.97
N GLU B 58 -66.70 17.03 -16.43
CA GLU B 58 -68.06 16.69 -16.81
C GLU B 58 -68.12 16.47 -18.31
N ARG B 59 -68.92 15.50 -18.73
CA ARG B 59 -69.07 15.21 -20.15
C ARG B 59 -69.73 16.39 -20.88
N TYR B 60 -68.97 17.02 -21.77
CA TYR B 60 -69.47 18.13 -22.58
C TYR B 60 -69.97 17.62 -23.92
N VAL B 61 -71.13 18.09 -24.33
CA VAL B 61 -71.73 17.75 -25.62
C VAL B 61 -71.85 19.04 -26.43
N PRO B 62 -71.35 19.08 -27.66
CA PRO B 62 -71.35 20.33 -28.41
C PRO B 62 -72.70 20.62 -29.02
N PRO B 63 -72.96 21.87 -29.40
CA PRO B 63 -74.25 22.22 -30.00
C PRO B 63 -74.39 21.71 -31.44
N GLN B 64 -75.63 21.67 -31.90
CA GLN B 64 -75.96 21.18 -33.23
C GLN B 64 -75.61 22.22 -34.29
N TYR B 65 -75.06 21.76 -35.41
CA TYR B 65 -74.67 22.65 -36.51
C TYR B 65 -75.04 21.98 -37.84
N ASN B 66 -76.18 22.39 -38.42
CA ASN B 66 -76.72 21.71 -39.60
C ASN B 66 -75.99 22.13 -40.87
N GLY B 67 -75.56 23.37 -40.96
CA GLY B 67 -74.56 23.73 -41.93
C GLY B 67 -73.31 22.89 -41.74
N ARG B 68 -72.40 22.99 -42.69
CA ARG B 68 -71.11 22.34 -42.53
C ARG B 68 -70.02 23.24 -43.09
N PHE B 69 -69.05 23.53 -42.24
CA PHE B 69 -67.86 24.24 -42.62
C PHE B 69 -66.68 23.29 -42.56
N ASP B 70 -65.65 23.59 -43.36
CA ASP B 70 -64.40 22.87 -43.21
C ASP B 70 -63.67 23.38 -41.97
N ALA B 71 -62.47 22.86 -41.74
CA ALA B 71 -61.63 23.40 -40.68
C ALA B 71 -61.32 24.88 -40.90
N LYS B 72 -61.62 25.42 -42.07
CA LYS B 72 -61.40 26.84 -42.33
C LYS B 72 -62.25 27.69 -41.40
N ASP B 73 -63.50 27.31 -41.16
CA ASP B 73 -64.43 28.11 -40.38
C ASP B 73 -64.56 27.58 -38.95
N ILE B 74 -63.46 27.15 -38.36
CA ILE B 74 -63.50 26.59 -37.00
C ILE B 74 -64.14 27.59 -36.05
N ASP B 75 -63.78 28.87 -36.16
CA ASP B 75 -64.37 29.87 -35.28
C ASP B 75 -65.86 30.04 -35.53
N GLN B 76 -66.32 29.78 -36.76
CA GLN B 76 -67.75 29.81 -37.04
C GLN B 76 -68.48 28.56 -36.57
N ILE B 77 -67.77 27.44 -36.37
CA ILE B 77 -68.43 26.20 -35.95
C ILE B 77 -68.62 26.25 -34.43
N PRO B 78 -69.83 26.01 -33.93
CA PRO B 78 -70.05 26.06 -32.48
C PRO B 78 -69.35 24.89 -31.79
N GLY B 79 -68.82 25.16 -30.61
CA GLY B 79 -68.17 24.11 -29.85
C GLY B 79 -67.29 24.68 -28.76
N ARG B 80 -66.35 23.86 -28.30
CA ARG B 80 -65.50 24.17 -27.16
C ARG B 80 -64.06 23.82 -27.49
N VAL B 81 -63.15 24.78 -27.30
CA VAL B 81 -61.73 24.57 -27.54
C VAL B 81 -61.09 24.02 -26.27
N GLY B 82 -60.11 23.14 -26.43
CA GLY B 82 -59.44 22.57 -25.29
C GLY B 82 -58.12 21.94 -25.65
N TRP B 83 -57.23 21.88 -24.67
CA TRP B 83 -55.96 21.16 -24.79
C TRP B 83 -56.16 19.73 -24.31
N LEU B 84 -55.81 18.76 -25.14
CA LEU B 84 -56.08 17.36 -24.84
C LEU B 84 -55.01 16.80 -23.92
N THR B 85 -55.40 16.39 -22.71
CA THR B 85 -54.44 15.91 -21.73
C THR B 85 -54.57 14.43 -21.39
N ASN B 86 -55.59 13.74 -21.89
CA ASN B 86 -55.76 12.32 -21.58
C ASN B 86 -56.84 11.71 -22.47
N MET B 87 -56.80 10.39 -22.56
CA MET B 87 -57.86 9.62 -23.21
C MET B 87 -57.90 8.21 -22.62
N HIS B 88 -59.11 7.63 -22.59
CA HIS B 88 -59.34 6.27 -22.11
C HIS B 88 -60.52 5.66 -22.83
N ALA B 89 -60.39 4.38 -23.18
CA ALA B 89 -61.55 3.63 -23.63
C ALA B 89 -62.61 3.62 -22.53
N THR B 90 -63.86 3.50 -22.95
CA THR B 90 -64.99 3.42 -22.04
C THR B 90 -66.17 2.81 -22.78
N LEU B 91 -67.24 2.55 -22.05
CA LEU B 91 -68.45 1.98 -22.62
C LEU B 91 -69.62 2.90 -22.31
N VAL B 92 -70.25 3.41 -23.36
CA VAL B 92 -71.30 4.42 -23.25
C VAL B 92 -72.65 3.72 -23.39
N SER B 93 -73.58 4.06 -22.51
CA SER B 93 -74.96 3.58 -22.62
C SER B 93 -75.68 4.32 -23.75
N GLN B 94 -76.93 3.93 -24.00
CA GLN B 94 -77.75 4.63 -24.98
C GLN B 94 -77.86 6.12 -24.66
N GLU B 95 -77.45 6.49 -23.44
CA GLU B 95 -77.52 7.87 -22.92
C GLU B 95 -78.96 8.30 -22.72
N ASN B 116 -79.81 -2.91 -25.60
CA ASN B 116 -79.36 -1.88 -24.68
C ASN B 116 -77.93 -2.15 -24.24
N GLN B 117 -77.22 -2.97 -25.02
CA GLN B 117 -75.82 -3.23 -24.73
C GLN B 117 -74.99 -1.96 -24.92
N GLY B 118 -73.82 -1.95 -24.29
CA GLY B 118 -72.99 -0.76 -24.31
C GLY B 118 -72.40 -0.49 -25.68
N ILE B 119 -72.13 0.78 -25.93
CA ILE B 119 -71.45 1.22 -27.15
C ILE B 119 -70.01 1.57 -26.81
N SER B 120 -69.07 1.11 -27.65
CA SER B 120 -67.67 1.43 -27.44
C SER B 120 -67.33 2.87 -27.83
N GLY B 121 -66.39 3.45 -27.10
CA GLY B 121 -66.00 4.83 -27.32
C GLY B 121 -64.79 5.17 -26.48
N VAL B 122 -64.45 6.46 -26.49
CA VAL B 122 -63.28 6.95 -25.76
C VAL B 122 -63.62 8.29 -25.13
N ASP B 123 -63.24 8.47 -23.87
CA ASP B 123 -63.34 9.74 -23.17
C ASP B 123 -62.06 10.55 -23.41
N PHE B 124 -62.21 11.82 -23.76
CA PHE B 124 -61.09 12.70 -24.05
C PHE B 124 -61.10 13.84 -23.04
N TYR B 125 -60.03 13.95 -22.26
CA TYR B 125 -59.96 14.88 -21.13
C TYR B 125 -59.23 16.14 -21.58
N PHE B 126 -59.92 17.28 -21.46
CA PHE B 126 -59.42 18.55 -21.98
C PHE B 126 -59.19 19.54 -20.85
N LEU B 127 -58.34 20.53 -21.14
CA LEU B 127 -58.23 21.76 -20.36
C LEU B 127 -58.68 22.90 -21.25
N ASP B 128 -59.58 23.75 -20.77
CA ASP B 128 -60.08 24.81 -21.63
C ASP B 128 -59.20 26.06 -21.48
N GLU B 129 -59.50 27.08 -22.27
CA GLU B 129 -58.70 28.30 -22.25
C GLU B 129 -59.08 29.26 -21.13
N GLU B 130 -60.04 28.90 -20.28
CA GLU B 130 -60.50 29.80 -19.23
C GLU B 130 -60.24 29.23 -17.83
N GLY B 131 -59.26 28.34 -17.68
CA GLY B 131 -58.91 27.80 -16.39
C GLY B 131 -59.71 26.60 -15.93
N GLY B 132 -60.67 26.14 -16.74
CA GLY B 132 -61.49 25.01 -16.40
C GLY B 132 -61.11 23.76 -17.19
N SER B 133 -61.89 22.70 -16.94
CA SER B 133 -61.65 21.42 -17.58
C SER B 133 -62.98 20.76 -17.93
N PHE B 134 -62.95 19.95 -18.97
CA PHE B 134 -64.11 19.20 -19.44
C PHE B 134 -63.62 17.97 -20.18
N LYS B 135 -64.53 17.04 -20.42
CA LYS B 135 -64.23 15.87 -21.23
C LYS B 135 -65.31 15.68 -22.27
N SER B 136 -64.92 15.12 -23.42
CA SER B 136 -65.85 14.78 -24.49
C SER B 136 -65.60 13.34 -24.91
N THR B 137 -66.58 12.76 -25.57
CA THR B 137 -66.59 11.33 -25.85
C THR B 137 -66.85 11.10 -27.33
N VAL B 138 -66.10 10.18 -27.91
CA VAL B 138 -66.28 9.76 -29.30
C VAL B 138 -66.58 8.28 -29.30
N VAL B 139 -67.54 7.87 -30.14
CA VAL B 139 -67.85 6.46 -30.30
C VAL B 139 -67.43 6.02 -31.69
N TYR B 140 -67.12 4.73 -31.82
CA TYR B 140 -66.49 4.19 -33.01
C TYR B 140 -66.49 2.67 -32.91
N ASP B 141 -67.18 2.00 -33.82
CA ASP B 141 -67.32 0.54 -33.74
C ASP B 141 -65.97 -0.13 -33.87
N PRO B 142 -65.58 -1.03 -32.96
CA PRO B 142 -64.39 -1.85 -33.18
C PRO B 142 -64.57 -2.72 -34.41
N TYR B 143 -63.45 -3.19 -34.95
CA TYR B 143 -63.54 -3.94 -36.18
C TYR B 143 -62.24 -4.70 -36.44
N PHE B 144 -62.36 -5.82 -37.16
CA PHE B 144 -61.22 -6.48 -37.76
C PHE B 144 -61.63 -6.99 -39.14
N PHE B 145 -60.67 -7.61 -39.83
CA PHE B 145 -60.88 -8.03 -41.21
C PHE B 145 -60.78 -9.55 -41.29
N ILE B 146 -61.47 -10.11 -42.28
CA ILE B 146 -61.30 -11.51 -42.68
C ILE B 146 -60.69 -11.50 -44.07
N ALA B 147 -59.69 -12.34 -44.29
CA ALA B 147 -59.06 -12.47 -45.59
C ALA B 147 -59.45 -13.80 -46.22
N CYS B 148 -59.67 -13.78 -47.53
CA CYS B 148 -60.09 -14.97 -48.29
C CYS B 148 -58.97 -15.43 -49.20
N ASN B 149 -58.87 -16.75 -49.37
CA ASN B 149 -57.90 -17.28 -50.33
C ASN B 149 -58.43 -17.25 -51.75
N ASP B 150 -59.73 -17.40 -51.95
CA ASP B 150 -60.37 -17.30 -53.26
C ASP B 150 -61.12 -15.98 -53.30
N GLU B 151 -60.52 -14.97 -53.94
CA GLU B 151 -61.15 -13.66 -54.06
C GLU B 151 -62.36 -13.65 -54.98
N SER B 152 -62.61 -14.73 -55.71
CA SER B 152 -63.79 -14.76 -56.57
C SER B 152 -65.06 -14.96 -55.77
N ARG B 153 -65.02 -15.87 -54.80
CA ARG B 153 -66.22 -16.16 -54.00
C ARG B 153 -66.19 -15.41 -52.67
N VAL B 154 -65.86 -14.11 -52.72
CA VAL B 154 -65.91 -13.29 -51.51
C VAL B 154 -67.33 -13.20 -50.97
N ASN B 155 -68.33 -13.13 -51.88
CA ASN B 155 -69.72 -13.08 -51.45
C ASN B 155 -70.15 -14.39 -50.79
N ASP B 156 -69.56 -15.51 -51.20
CA ASP B 156 -69.86 -16.79 -50.58
C ASP B 156 -69.49 -16.78 -49.10
N VAL B 157 -68.29 -16.25 -48.81
CA VAL B 157 -67.84 -16.14 -47.42
C VAL B 157 -68.71 -15.16 -46.64
N GLU B 158 -69.09 -14.05 -47.28
CA GLU B 158 -69.85 -13.01 -46.61
C GLU B 158 -71.16 -13.56 -46.04
N GLU B 159 -71.85 -14.39 -46.80
CA GLU B 159 -73.12 -14.94 -46.34
C GLU B 159 -72.92 -15.94 -45.20
N LEU B 160 -71.81 -16.68 -45.23
CA LEU B 160 -71.53 -17.62 -44.15
C LEU B 160 -71.30 -16.89 -42.83
N VAL B 161 -70.41 -15.90 -42.83
CA VAL B 161 -70.11 -15.21 -41.57
C VAL B 161 -71.32 -14.39 -41.11
N LYS B 162 -72.12 -13.89 -42.05
CA LYS B 162 -73.32 -13.13 -41.68
C LYS B 162 -74.27 -14.01 -40.87
N LYS B 163 -74.40 -15.28 -41.26
CA LYS B 163 -75.18 -16.24 -40.47
C LYS B 163 -74.39 -16.70 -39.25
N TYR B 164 -73.13 -17.09 -39.44
CA TYR B 164 -72.40 -17.78 -38.37
C TYR B 164 -72.20 -16.88 -37.17
N LEU B 165 -71.79 -15.63 -37.38
CA LEU B 165 -71.53 -14.70 -36.29
C LEU B 165 -72.72 -13.81 -35.96
N GLU B 166 -73.93 -14.19 -36.39
CA GLU B 166 -75.11 -13.37 -36.13
C GLU B 166 -75.24 -12.99 -34.65
N SER B 167 -74.76 -13.86 -33.76
CA SER B 167 -74.86 -13.60 -32.33
C SER B 167 -74.11 -12.35 -31.90
N CYS B 168 -73.13 -11.87 -32.67
CA CYS B 168 -72.33 -10.72 -32.27
C CYS B 168 -72.05 -9.69 -33.37
N LEU B 169 -72.23 -10.01 -34.64
CA LEU B 169 -71.87 -9.08 -35.71
C LEU B 169 -72.85 -7.92 -35.79
N LYS B 170 -72.34 -6.69 -35.87
CA LYS B 170 -73.20 -5.53 -36.06
C LYS B 170 -73.38 -5.19 -37.52
N SER B 171 -72.33 -5.38 -38.32
CA SER B 171 -72.26 -4.80 -39.64
C SER B 171 -71.13 -5.48 -40.39
N LEU B 172 -71.05 -5.18 -41.69
CA LEU B 172 -70.21 -5.96 -42.58
C LEU B 172 -69.98 -5.14 -43.84
N GLN B 173 -68.81 -5.31 -44.44
CA GLN B 173 -68.42 -4.51 -45.59
C GLN B 173 -67.29 -5.23 -46.33
N ILE B 174 -67.12 -4.85 -47.59
CA ILE B 174 -65.98 -5.31 -48.38
C ILE B 174 -65.09 -4.12 -48.65
N ILE B 175 -63.85 -4.18 -48.16
CA ILE B 175 -62.87 -3.11 -48.30
C ILE B 175 -61.69 -3.69 -49.09
N ARG B 176 -60.97 -2.81 -49.76
CA ARG B 176 -59.71 -3.15 -50.40
C ARG B 176 -58.59 -2.41 -49.69
N LYS B 177 -57.51 -3.12 -49.37
CA LYS B 177 -56.31 -2.51 -48.82
C LYS B 177 -55.10 -3.00 -49.61
N GLU B 178 -53.98 -2.31 -49.42
CA GLU B 178 -52.75 -2.72 -50.07
C GLU B 178 -52.03 -3.72 -49.17
N ASP B 179 -51.73 -4.89 -49.73
CA ASP B 179 -51.03 -5.95 -49.02
C ASP B 179 -49.62 -6.07 -49.61
N LEU B 180 -48.63 -5.68 -48.83
CA LEU B 180 -47.23 -5.64 -49.27
C LEU B 180 -46.63 -7.03 -49.47
N THR B 181 -47.39 -8.10 -49.30
CA THR B 181 -46.91 -9.44 -49.62
C THR B 181 -47.56 -10.00 -50.89
N MET B 182 -48.47 -9.25 -51.51
CA MET B 182 -49.24 -9.73 -52.64
C MET B 182 -48.57 -9.35 -53.97
N ASP B 183 -48.63 -10.28 -54.93
CA ASP B 183 -47.99 -10.05 -56.22
C ASP B 183 -48.72 -8.97 -57.01
N ASN B 184 -47.94 -8.10 -57.64
CA ASN B 184 -48.43 -6.95 -58.42
C ASN B 184 -49.10 -5.89 -57.55
N HIS B 185 -48.72 -5.79 -56.28
CA HIS B 185 -49.27 -4.73 -55.45
C HIS B 185 -48.67 -3.37 -55.76
N LEU B 186 -47.47 -3.35 -56.35
CA LEU B 186 -46.84 -2.11 -56.79
C LEU B 186 -47.47 -1.56 -58.07
N LEU B 187 -48.37 -2.33 -58.71
CA LEU B 187 -49.13 -1.88 -59.86
C LEU B 187 -50.54 -1.45 -59.48
N GLY B 188 -50.84 -1.37 -58.19
CA GLY B 188 -52.14 -0.95 -57.73
C GLY B 188 -53.08 -2.07 -57.36
N LEU B 189 -52.74 -3.32 -57.63
CA LEU B 189 -53.59 -4.43 -57.20
C LEU B 189 -53.70 -4.45 -55.68
N GLN B 190 -54.88 -4.77 -55.18
CA GLN B 190 -55.19 -4.65 -53.76
C GLN B 190 -55.81 -5.93 -53.24
N LYS B 191 -55.67 -6.15 -51.94
CA LYS B 191 -56.27 -7.29 -51.28
C LYS B 191 -57.71 -6.97 -50.90
N THR B 192 -58.62 -7.88 -51.22
CA THR B 192 -60.03 -7.71 -50.90
C THR B 192 -60.32 -8.34 -49.54
N LEU B 193 -61.01 -7.60 -48.69
CA LEU B 193 -61.20 -8.02 -47.31
C LEU B 193 -62.65 -7.79 -46.91
N ILE B 194 -63.05 -8.48 -45.85
CA ILE B 194 -64.37 -8.34 -45.25
C ILE B 194 -64.19 -7.64 -43.91
N LYS B 195 -64.74 -6.43 -43.79
CA LYS B 195 -64.61 -5.62 -42.58
C LYS B 195 -65.75 -5.97 -41.62
N LEU B 196 -65.43 -6.70 -40.57
CA LEU B 196 -66.41 -7.07 -39.55
C LEU B 196 -66.42 -5.99 -38.48
N SER B 197 -67.58 -5.37 -38.28
CA SER B 197 -67.75 -4.36 -37.23
C SER B 197 -68.60 -4.91 -36.09
N PHE B 198 -68.47 -4.27 -34.93
CA PHE B 198 -69.14 -4.72 -33.72
C PHE B 198 -69.57 -3.52 -32.91
N VAL B 199 -70.58 -3.73 -32.06
CA VAL B 199 -71.08 -2.61 -31.26
C VAL B 199 -70.04 -2.19 -30.23
N ASN B 200 -69.36 -3.15 -29.62
CA ASN B 200 -68.35 -2.90 -28.61
C ASN B 200 -67.28 -3.98 -28.71
N SER B 201 -66.33 -3.95 -27.78
CA SER B 201 -65.17 -4.84 -27.87
C SER B 201 -65.45 -6.25 -27.39
N ASN B 202 -66.42 -6.45 -26.50
CA ASN B 202 -66.77 -7.81 -26.11
C ASN B 202 -67.33 -8.58 -27.31
N GLN B 203 -68.29 -7.96 -28.02
CA GLN B 203 -68.85 -8.59 -29.21
C GLN B 203 -67.77 -8.90 -30.24
N LEU B 204 -66.77 -8.01 -30.37
CA LEU B 204 -65.64 -8.32 -31.24
C LEU B 204 -64.93 -9.60 -30.79
N PHE B 205 -64.72 -9.74 -29.48
CA PHE B 205 -64.00 -10.90 -28.97
C PHE B 205 -64.80 -12.18 -29.16
N GLU B 206 -66.10 -12.14 -28.89
CA GLU B 206 -66.92 -13.32 -29.09
C GLU B 206 -66.85 -13.78 -30.54
N ALA B 207 -66.86 -12.84 -31.48
CA ALA B 207 -66.62 -13.18 -32.88
C ALA B 207 -65.27 -13.87 -33.05
N ARG B 208 -64.24 -13.35 -32.39
CA ARG B 208 -62.93 -13.98 -32.50
C ARG B 208 -62.98 -15.42 -32.01
N LYS B 209 -63.74 -15.68 -30.94
CA LYS B 209 -63.82 -17.03 -30.42
C LYS B 209 -64.51 -17.95 -31.42
N LEU B 210 -65.66 -17.53 -31.94
CA LEU B 210 -66.40 -18.39 -32.87
C LEU B 210 -65.62 -18.64 -34.15
N LEU B 211 -64.65 -17.79 -34.48
CA LEU B 211 -63.93 -17.86 -35.74
C LEU B 211 -62.65 -18.67 -35.64
N ARG B 212 -62.06 -18.79 -34.46
CA ARG B 212 -60.81 -19.55 -34.32
C ARG B 212 -60.98 -21.01 -34.72
N PRO B 213 -62.03 -21.77 -34.27
CA PRO B 213 -62.20 -23.16 -34.74
C PRO B 213 -62.11 -23.33 -36.24
N ILE B 214 -62.82 -22.48 -37.00
CA ILE B 214 -62.78 -22.56 -38.46
C ILE B 214 -61.35 -22.40 -38.98
N LEU B 215 -60.63 -21.41 -38.47
CA LEU B 215 -59.24 -21.22 -38.88
C LEU B 215 -58.38 -22.40 -38.47
N GLN B 216 -58.60 -22.92 -37.26
CA GLN B 216 -57.82 -24.06 -36.78
C GLN B 216 -58.17 -25.33 -37.56
N ASP B 217 -59.47 -25.58 -37.77
CA ASP B 217 -59.92 -26.74 -38.54
C ASP B 217 -59.59 -26.63 -40.03
N ASN B 218 -59.00 -25.52 -40.46
CA ASN B 218 -58.61 -25.31 -41.85
C ASN B 218 -57.17 -25.68 -42.11
N ALA B 219 -56.32 -25.63 -41.08
CA ALA B 219 -54.93 -26.07 -41.25
C ALA B 219 -54.90 -27.58 -41.07
N ASN B 220 -55.77 -28.06 -40.19
CA ASN B 220 -55.89 -29.52 -40.02
C ASN B 220 -56.45 -30.10 -41.33
N ASN B 221 -56.12 -31.35 -41.62
CA ASN B 221 -56.68 -32.02 -42.81
C ASN B 221 -58.08 -32.52 -42.43
N ASN B 222 -58.93 -32.82 -43.42
CA ASN B 222 -60.34 -33.22 -43.11
C ASN B 222 -60.78 -34.62 -43.52
N VAL B 223 -61.31 -34.78 -44.73
CA VAL B 223 -61.71 -36.12 -45.26
C VAL B 223 -62.62 -37.06 -44.47
N GLN B 224 -62.18 -38.31 -44.30
CA GLN B 224 -62.98 -39.34 -43.59
C GLN B 224 -64.43 -39.51 -44.04
N ARG B 225 -64.71 -39.31 -45.33
CA ARG B 225 -66.06 -39.58 -45.86
C ARG B 225 -65.91 -40.58 -47.02
N ASN B 226 -66.53 -40.32 -48.18
CA ASN B 226 -66.31 -41.23 -49.33
C ASN B 226 -64.88 -41.08 -49.79
N ILE B 227 -64.12 -42.16 -49.79
CA ILE B 227 -62.68 -42.12 -50.16
C ILE B 227 -62.54 -42.21 -51.67
N TYR B 228 -63.63 -42.52 -52.37
CA TYR B 228 -63.58 -42.59 -53.83
C TYR B 228 -64.18 -41.37 -54.50
N ASN B 229 -64.56 -40.34 -53.73
CA ASN B 229 -65.27 -39.18 -54.27
C ASN B 229 -64.28 -38.24 -54.96
N VAL B 230 -63.76 -38.71 -56.09
CA VAL B 230 -62.71 -38.07 -56.88
C VAL B 230 -61.60 -37.54 -55.96
N VAL B 238 -65.82 -26.05 -52.82
CA VAL B 238 -65.47 -26.21 -51.41
C VAL B 238 -66.36 -25.34 -50.54
N ASP B 239 -66.59 -25.78 -49.30
CA ASP B 239 -67.37 -24.98 -48.37
C ASP B 239 -66.69 -23.64 -48.11
N ALA B 240 -67.50 -22.59 -47.91
CA ALA B 240 -66.95 -21.25 -47.73
C ALA B 240 -66.05 -21.17 -46.49
N LYS B 241 -66.28 -22.03 -45.50
CA LYS B 241 -65.42 -22.09 -44.32
C LYS B 241 -63.96 -22.21 -44.74
N HIS B 242 -63.66 -23.12 -45.66
CA HIS B 242 -62.30 -23.30 -46.14
C HIS B 242 -61.79 -22.13 -46.96
N LEU B 243 -62.67 -21.21 -47.37
CA LEU B 243 -62.20 -19.99 -48.01
C LEU B 243 -61.63 -19.00 -47.02
N ILE B 244 -62.01 -19.08 -45.74
CA ILE B 244 -61.46 -18.18 -44.73
C ILE B 244 -60.00 -18.54 -44.52
N GLU B 245 -59.09 -17.63 -44.90
CA GLU B 245 -57.66 -17.87 -44.80
C GLU B 245 -57.06 -17.36 -43.49
N ASP B 246 -57.48 -16.18 -43.02
CA ASP B 246 -56.97 -15.64 -41.77
C ASP B 246 -57.81 -14.43 -41.36
N ILE B 247 -57.76 -14.10 -40.05
CA ILE B 247 -58.28 -12.84 -39.52
C ILE B 247 -57.12 -11.86 -39.42
N ARG B 248 -57.42 -10.57 -39.59
CA ARG B 248 -56.37 -9.56 -39.62
C ARG B 248 -56.80 -8.35 -38.81
N GLU B 249 -55.80 -7.69 -38.19
CA GLU B 249 -55.99 -6.45 -37.43
C GLU B 249 -56.95 -6.63 -36.26
N TYR B 250 -56.96 -7.82 -35.66
CA TYR B 250 -57.90 -8.18 -34.59
C TYR B 250 -57.39 -7.83 -33.20
N ASP B 251 -56.16 -7.38 -33.06
CA ASP B 251 -55.58 -7.19 -31.73
C ASP B 251 -55.00 -5.78 -31.58
N VAL B 252 -55.59 -4.81 -32.26
CA VAL B 252 -55.21 -3.42 -32.07
C VAL B 252 -55.95 -2.93 -30.84
N PRO B 253 -55.26 -2.43 -29.81
CA PRO B 253 -55.95 -1.79 -28.68
C PRO B 253 -56.97 -0.78 -29.18
N TYR B 254 -58.18 -0.85 -28.61
CA TYR B 254 -59.29 -0.05 -29.12
C TYR B 254 -58.97 1.43 -29.11
N HIS B 255 -58.39 1.93 -28.01
CA HIS B 255 -58.15 3.37 -27.95
C HIS B 255 -57.05 3.78 -28.90
N VAL B 256 -56.08 2.88 -29.17
CA VAL B 256 -55.14 3.12 -30.25
C VAL B 256 -55.88 3.16 -31.58
N ARG B 257 -56.79 2.21 -31.79
CA ARG B 257 -57.56 2.20 -33.03
C ARG B 257 -58.29 3.52 -33.24
N VAL B 258 -58.92 4.04 -32.19
CA VAL B 258 -59.63 5.30 -32.29
C VAL B 258 -58.66 6.44 -32.58
N SER B 259 -57.60 6.54 -31.78
CA SER B 259 -56.63 7.62 -31.93
C SER B 259 -56.00 7.63 -33.33
N ILE B 260 -55.82 6.45 -33.93
CA ILE B 260 -55.27 6.38 -35.29
C ILE B 260 -56.33 6.76 -36.33
N ASP B 261 -57.45 6.04 -36.38
CA ASP B 261 -58.44 6.25 -37.43
C ASP B 261 -59.04 7.66 -37.38
N LYS B 262 -59.22 8.22 -36.18
CA LYS B 262 -59.74 9.57 -36.02
C LYS B 262 -58.64 10.62 -35.92
N ASP B 263 -57.37 10.20 -36.01
CA ASP B 263 -56.22 11.10 -36.05
C ASP B 263 -56.24 12.13 -34.92
N ILE B 264 -56.25 11.62 -33.67
CA ILE B 264 -56.32 12.47 -32.48
C ILE B 264 -55.12 12.18 -31.60
N ARG B 265 -54.57 13.22 -30.95
CA ARG B 265 -53.35 13.08 -30.17
C ARG B 265 -53.39 13.90 -28.90
N VAL B 266 -53.11 13.25 -27.77
CA VAL B 266 -52.82 13.99 -26.54
C VAL B 266 -51.68 14.96 -26.81
N GLY B 267 -51.79 16.17 -26.25
CA GLY B 267 -50.85 17.23 -26.49
C GLY B 267 -51.32 18.29 -27.46
N LYS B 268 -52.29 17.96 -28.32
CA LYS B 268 -52.75 18.92 -29.31
C LYS B 268 -53.98 19.68 -28.82
N TRP B 269 -54.25 20.82 -29.45
CA TRP B 269 -55.44 21.62 -29.17
C TRP B 269 -56.55 21.24 -30.15
N TYR B 270 -57.78 21.18 -29.64
CA TYR B 270 -58.92 20.80 -30.47
C TYR B 270 -60.15 21.61 -30.10
N LYS B 271 -61.05 21.76 -31.08
CA LYS B 271 -62.38 22.28 -30.88
C LYS B 271 -63.35 21.11 -30.98
N VAL B 272 -64.04 20.81 -29.87
CA VAL B 272 -65.04 19.75 -29.90
C VAL B 272 -66.29 20.28 -30.60
N THR B 273 -66.85 19.45 -31.49
CA THR B 273 -67.82 19.89 -32.48
C THR B 273 -68.73 18.72 -32.79
N GLN B 274 -70.00 19.02 -33.12
CA GLN B 274 -70.97 17.97 -33.44
C GLN B 274 -70.41 16.97 -34.43
N GLN B 275 -69.58 17.43 -35.37
CA GLN B 275 -69.01 16.59 -36.41
C GLN B 275 -67.72 15.90 -35.99
N GLY B 276 -67.08 16.31 -34.91
CA GLY B 276 -65.86 15.71 -34.43
C GLY B 276 -64.89 16.76 -33.94
N PHE B 277 -63.66 16.34 -33.69
CA PHE B 277 -62.64 17.26 -33.20
C PHE B 277 -62.02 18.02 -34.37
N ILE B 278 -61.72 19.31 -34.16
CA ILE B 278 -61.00 20.11 -35.14
C ILE B 278 -59.76 20.64 -34.46
N GLU B 279 -58.59 20.28 -34.98
CA GLU B 279 -57.35 20.75 -34.40
C GLU B 279 -57.20 22.24 -34.62
N ASP B 280 -56.96 22.98 -33.55
CA ASP B 280 -56.68 24.40 -33.65
C ASP B 280 -55.18 24.59 -33.82
N THR B 281 -54.74 24.41 -35.07
CA THR B 281 -53.33 24.58 -35.40
C THR B 281 -52.78 25.95 -35.00
N ARG B 282 -53.65 26.94 -34.75
CA ARG B 282 -53.18 28.25 -34.32
C ARG B 282 -52.53 28.19 -32.95
N LYS B 283 -52.92 27.24 -32.11
CA LYS B 283 -52.31 27.06 -30.79
C LYS B 283 -51.41 25.83 -30.84
N ILE B 284 -50.12 26.03 -30.59
CA ILE B 284 -49.22 24.91 -30.37
C ILE B 284 -48.56 24.92 -29.00
N ALA B 285 -48.50 26.07 -28.31
CA ALA B 285 -48.02 26.08 -26.93
C ALA B 285 -48.95 25.29 -26.03
N PHE B 286 -48.37 24.44 -25.18
CA PHE B 286 -49.17 23.61 -24.30
C PHE B 286 -49.95 24.45 -23.29
N ALA B 287 -51.05 23.89 -22.80
CA ALA B 287 -51.67 24.39 -21.59
C ALA B 287 -50.87 23.90 -20.38
N ASP B 288 -51.19 24.43 -19.22
CA ASP B 288 -50.44 24.10 -18.01
C ASP B 288 -51.31 23.26 -17.07
N PRO B 289 -51.14 21.93 -17.06
CA PRO B 289 -51.84 21.13 -16.06
C PRO B 289 -51.40 21.51 -14.67
N VAL B 290 -52.27 21.23 -13.70
CA VAL B 290 -51.92 21.30 -12.28
C VAL B 290 -51.14 20.04 -11.94
N VAL B 291 -49.86 20.19 -11.63
CA VAL B 291 -48.96 19.05 -11.43
C VAL B 291 -48.64 18.91 -9.95
N MET B 292 -48.66 17.67 -9.46
CA MET B 292 -48.30 17.37 -8.08
C MET B 292 -47.38 16.18 -8.04
N ALA B 293 -46.35 16.25 -7.19
CA ALA B 293 -45.39 15.15 -7.03
C ALA B 293 -45.23 14.85 -5.54
N PHE B 294 -45.31 13.58 -5.17
CA PHE B 294 -45.26 13.23 -3.75
C PHE B 294 -44.29 12.09 -3.50
N ALA B 295 -43.93 11.96 -2.22
CA ALA B 295 -43.12 10.88 -1.68
C ALA B 295 -43.58 10.61 -0.26
N ILE B 296 -43.51 9.35 0.16
CA ILE B 296 -43.93 8.96 1.50
C ILE B 296 -42.76 8.42 2.30
N ALA B 297 -42.75 8.72 3.59
CA ALA B 297 -41.81 8.18 4.56
C ALA B 297 -42.56 7.22 5.48
N THR B 298 -41.97 6.06 5.71
CA THR B 298 -42.63 4.98 6.43
C THR B 298 -41.73 4.46 7.55
N THR B 299 -42.36 4.01 8.64
CA THR B 299 -41.66 3.23 9.65
C THR B 299 -41.24 1.91 9.05
N LYS B 300 -40.21 1.31 9.65
CA LYS B 300 -39.61 0.17 9.05
C LYS B 300 -39.04 -0.68 10.17
N PRO B 301 -39.30 -1.99 10.16
CA PRO B 301 -38.63 -2.89 11.10
C PRO B 301 -37.13 -2.85 10.91
N PRO B 302 -36.36 -2.82 11.99
CA PRO B 302 -34.90 -2.65 11.87
C PRO B 302 -34.28 -3.81 11.11
N LEU B 303 -33.43 -3.46 10.15
CA LEU B 303 -32.72 -4.35 9.24
C LEU B 303 -33.65 -5.03 8.24
N LYS B 304 -34.91 -4.57 8.15
CA LYS B 304 -35.92 -5.25 7.35
C LYS B 304 -36.59 -4.25 6.40
N PHE B 305 -37.52 -4.76 5.59
CA PHE B 305 -38.26 -3.93 4.64
C PHE B 305 -39.57 -3.46 5.26
N PRO B 306 -40.04 -2.27 4.89
CA PRO B 306 -41.37 -1.84 5.38
C PRO B 306 -42.44 -2.83 4.96
N ASP B 307 -43.38 -3.08 5.86
CA ASP B 307 -44.49 -3.98 5.60
C ASP B 307 -45.77 -3.22 5.92
N SER B 308 -46.50 -2.85 4.87
CA SER B 308 -47.69 -2.02 5.04
C SER B 308 -48.78 -2.70 5.85
N ALA B 309 -48.68 -4.01 6.10
CA ALA B 309 -49.63 -4.66 6.99
C ALA B 309 -49.52 -4.14 8.42
N VAL B 310 -48.30 -3.80 8.87
CA VAL B 310 -48.08 -3.38 10.25
C VAL B 310 -47.42 -2.01 10.35
N ASP B 311 -46.64 -1.62 9.34
CA ASP B 311 -45.92 -0.35 9.43
C ASP B 311 -46.81 0.82 9.05
N GLN B 312 -46.36 2.03 9.44
CA GLN B 312 -47.19 3.22 9.37
C GLN B 312 -46.50 4.34 8.60
N ILE B 313 -47.30 5.12 7.88
CA ILE B 313 -46.82 6.31 7.17
C ILE B 313 -46.43 7.37 8.19
N MET B 314 -45.14 7.72 8.22
CA MET B 314 -44.69 8.76 9.12
C MET B 314 -45.06 10.14 8.60
N MET B 315 -44.71 10.43 7.35
CA MET B 315 -45.03 11.71 6.73
C MET B 315 -45.28 11.51 5.24
N ILE B 316 -46.07 12.41 4.67
CA ILE B 316 -46.21 12.54 3.22
C ILE B 316 -45.73 13.93 2.85
N SER B 317 -44.71 13.99 2.01
CA SER B 317 -44.23 15.24 1.43
C SER B 317 -44.67 15.33 -0.02
N TYR B 318 -44.92 16.55 -0.48
CA TYR B 318 -45.32 16.71 -1.87
C TYR B 318 -45.08 18.15 -2.31
N MET B 319 -45.31 18.37 -3.60
CA MET B 319 -45.22 19.69 -4.19
C MET B 319 -46.33 19.80 -5.23
N ILE B 320 -47.11 20.86 -5.13
CA ILE B 320 -48.19 21.13 -6.08
C ILE B 320 -47.77 22.38 -6.83
N ASP B 321 -47.55 22.25 -8.14
CA ASP B 321 -47.45 23.40 -9.03
C ASP B 321 -46.45 24.43 -8.50
N GLY B 322 -45.44 23.98 -7.75
CA GLY B 322 -44.39 24.85 -7.26
C GLY B 322 -44.39 25.11 -5.77
N GLU B 323 -45.47 24.77 -5.04
CA GLU B 323 -45.58 25.05 -3.62
C GLU B 323 -45.47 23.75 -2.83
N GLY B 324 -44.60 23.73 -1.83
CA GLY B 324 -44.32 22.50 -1.09
C GLY B 324 -45.21 22.32 0.14
N PHE B 325 -45.42 21.05 0.49
CA PHE B 325 -46.21 20.70 1.67
C PHE B 325 -45.62 19.47 2.34
N LEU B 326 -45.99 19.29 3.61
CA LEU B 326 -45.62 18.09 4.36
C LEU B 326 -46.68 17.80 5.40
N ILE B 327 -47.27 16.63 5.33
CA ILE B 327 -48.14 16.11 6.38
C ILE B 327 -47.31 15.22 7.29
N THR B 328 -47.61 15.23 8.59
CA THR B 328 -46.95 14.40 9.56
C THR B 328 -47.95 13.54 10.32
N ASN B 329 -47.51 12.37 10.74
CA ASN B 329 -48.26 11.51 11.65
C ASN B 329 -47.73 11.77 13.05
N ARG B 330 -48.45 12.59 13.82
CA ARG B 330 -48.00 12.98 15.14
C ARG B 330 -48.02 11.82 16.15
N GLU B 331 -48.67 10.71 15.83
CA GLU B 331 -48.51 9.50 16.63
C GLU B 331 -47.13 8.87 16.47
N ILE B 332 -46.36 9.29 15.47
CA ILE B 332 -45.01 8.79 15.22
C ILE B 332 -43.98 9.90 15.24
N ILE B 333 -44.34 11.09 14.75
CA ILE B 333 -43.45 12.24 14.73
C ILE B 333 -43.56 12.95 16.07
N SER B 334 -42.41 13.14 16.73
CA SER B 334 -42.42 13.52 18.15
C SER B 334 -42.93 14.94 18.38
N GLU B 335 -42.73 15.84 17.43
CA GLU B 335 -43.12 17.23 17.63
C GLU B 335 -43.70 17.80 16.34
N ASP B 336 -44.53 18.83 16.51
CA ASP B 336 -45.05 19.56 15.36
C ASP B 336 -43.89 20.20 14.61
N ILE B 337 -43.96 20.13 13.29
CA ILE B 337 -42.92 20.69 12.43
C ILE B 337 -43.33 22.11 12.04
N GLU B 338 -42.40 23.05 12.17
CA GLU B 338 -42.62 24.40 11.70
C GLU B 338 -42.35 24.49 10.20
N ASP B 339 -43.04 25.42 9.55
CA ASP B 339 -42.80 25.66 8.13
C ASP B 339 -41.35 26.05 7.90
N PHE B 340 -40.72 25.42 6.90
CA PHE B 340 -39.34 25.71 6.55
C PHE B 340 -39.19 25.76 5.04
N GLU B 341 -37.98 26.05 4.59
CA GLU B 341 -37.67 26.19 3.18
C GLU B 341 -36.51 25.27 2.85
N TYR B 342 -36.55 24.70 1.66
CA TYR B 342 -35.45 23.88 1.14
C TYR B 342 -35.39 24.17 -0.36
N THR B 343 -34.51 25.10 -0.72
CA THR B 343 -34.21 25.44 -2.11
C THR B 343 -32.81 24.98 -2.43
N PRO B 344 -32.63 23.76 -2.95
CA PRO B 344 -31.28 23.25 -3.21
C PRO B 344 -30.47 24.14 -4.13
N LYS B 345 -31.09 24.68 -5.16
CA LYS B 345 -30.50 25.67 -6.04
C LYS B 345 -31.62 26.62 -6.45
N PRO B 346 -31.30 27.88 -6.75
CA PRO B 346 -32.37 28.86 -7.00
C PRO B 346 -33.35 28.46 -8.10
N GLU B 347 -32.95 27.58 -9.03
CA GLU B 347 -33.88 27.09 -10.05
C GLU B 347 -34.87 26.07 -9.50
N TYR B 348 -34.70 25.65 -8.25
CA TYR B 348 -35.58 24.67 -7.61
C TYR B 348 -36.06 25.23 -6.28
N PRO B 349 -36.95 26.22 -6.30
CA PRO B 349 -37.48 26.76 -5.03
C PRO B 349 -38.38 25.76 -4.34
N GLY B 350 -38.32 25.76 -3.00
CA GLY B 350 -39.15 24.86 -2.23
C GLY B 350 -39.56 25.39 -0.87
N PHE B 351 -40.69 26.08 -0.80
CA PHE B 351 -41.24 26.56 0.47
C PHE B 351 -42.34 25.60 0.92
N PHE B 352 -42.17 25.01 2.10
CA PHE B 352 -43.02 23.92 2.54
C PHE B 352 -43.89 24.35 3.73
N THR B 353 -45.21 24.34 3.53
CA THR B 353 -46.17 24.48 4.61
C THR B 353 -46.39 23.12 5.26
N ILE B 354 -46.56 23.10 6.57
CA ILE B 354 -46.63 21.87 7.34
C ILE B 354 -48.07 21.64 7.80
N PHE B 355 -48.56 20.42 7.56
CA PHE B 355 -49.84 19.95 8.11
C PHE B 355 -49.51 18.86 9.13
N ASN B 356 -49.53 19.21 10.41
CA ASN B 356 -49.29 18.23 11.47
C ASN B 356 -50.62 17.66 11.91
N GLU B 357 -50.81 16.35 11.71
CA GLU B 357 -52.07 15.69 11.99
C GLU B 357 -51.89 14.63 13.09
N ASN B 358 -53.00 14.32 13.77
CA ASN B 358 -52.92 13.51 14.99
C ASN B 358 -52.46 12.09 14.71
N ASP B 359 -53.22 11.36 13.90
CA ASP B 359 -52.92 9.95 13.63
C ASP B 359 -52.68 9.75 12.13
N GLU B 360 -52.56 8.47 11.74
CA GLU B 360 -52.36 8.12 10.34
C GLU B 360 -53.60 8.37 9.51
N VAL B 361 -54.77 8.09 10.07
CA VAL B 361 -56.03 8.32 9.35
C VAL B 361 -56.16 9.78 8.94
N ALA B 362 -55.78 10.69 9.83
CA ALA B 362 -55.86 12.12 9.53
C ALA B 362 -54.87 12.52 8.44
N LEU B 363 -53.69 11.89 8.42
CA LEU B 363 -52.73 12.15 7.34
C LEU B 363 -53.31 11.77 5.99
N LEU B 364 -53.81 10.53 5.89
CA LEU B 364 -54.42 10.07 4.65
C LEU B 364 -55.55 10.99 4.21
N GLN B 365 -56.39 11.39 5.15
CA GLN B 365 -57.52 12.26 4.83
C GLN B 365 -57.08 13.65 4.41
N ARG B 366 -55.97 14.14 4.97
CA ARG B 366 -55.44 15.47 4.53
C ARG B 366 -54.90 15.32 3.10
N PHE B 367 -54.22 14.22 2.81
CA PHE B 367 -53.72 13.95 1.47
C PHE B 367 -54.86 13.92 0.48
N PHE B 368 -55.83 13.02 0.69
CA PHE B 368 -56.93 12.86 -0.24
C PHE B 368 -57.77 14.14 -0.38
N GLU B 369 -57.91 14.89 0.70
CA GLU B 369 -58.67 16.14 0.63
C GLU B 369 -57.90 17.20 -0.15
N HIS B 370 -56.59 17.27 0.05
CA HIS B 370 -55.80 18.27 -0.68
C HIS B 370 -55.80 17.97 -2.17
N ILE B 371 -55.77 16.67 -2.52
CA ILE B 371 -55.88 16.25 -3.91
C ILE B 371 -57.22 16.67 -4.51
N ARG B 372 -58.31 16.37 -3.80
CA ARG B 372 -59.63 16.79 -4.27
C ARG B 372 -59.68 18.30 -4.50
N ASP B 373 -59.19 19.08 -3.55
CA ASP B 373 -59.26 20.54 -3.67
C ASP B 373 -58.46 21.04 -4.88
N VAL B 374 -57.24 20.52 -5.09
CA VAL B 374 -56.38 21.11 -6.12
C VAL B 374 -56.62 20.51 -7.50
N ARG B 375 -57.26 19.34 -7.58
CA ARG B 375 -57.59 18.65 -8.83
C ARG B 375 -56.38 18.49 -9.76
N PRO B 376 -55.41 17.66 -9.42
CA PRO B 376 -54.25 17.48 -10.30
C PRO B 376 -54.60 16.66 -11.54
N THR B 377 -54.10 17.13 -12.68
CA THR B 377 -54.16 16.35 -13.91
C THR B 377 -52.95 15.44 -14.08
N VAL B 378 -51.86 15.72 -13.37
CA VAL B 378 -50.66 14.88 -13.34
C VAL B 378 -50.23 14.72 -11.89
N ILE B 379 -49.99 13.47 -11.48
CA ILE B 379 -49.38 13.15 -10.19
C ILE B 379 -48.12 12.35 -10.47
N SER B 380 -46.99 12.81 -9.91
CA SER B 380 -45.70 12.20 -10.17
C SER B 380 -45.09 11.62 -8.90
N THR B 381 -44.41 10.49 -9.03
CA THR B 381 -43.68 9.82 -7.96
C THR B 381 -42.35 9.33 -8.50
N PHE B 382 -41.51 8.81 -7.61
CA PHE B 382 -40.31 8.08 -7.98
C PHE B 382 -40.46 6.64 -7.51
N ASN B 383 -40.88 5.76 -8.43
CA ASN B 383 -41.19 4.36 -8.12
C ASN B 383 -42.42 4.26 -7.21
N GLY B 384 -43.42 5.09 -7.47
CA GLY B 384 -44.64 5.02 -6.68
C GLY B 384 -45.51 3.83 -7.04
N ASP B 385 -45.39 3.33 -8.27
CA ASP B 385 -46.24 2.23 -8.68
C ASP B 385 -45.99 0.97 -7.86
N PHE B 386 -44.82 0.85 -7.23
CA PHE B 386 -44.53 -0.38 -6.53
C PHE B 386 -44.16 -0.19 -5.07
N PHE B 387 -44.11 1.03 -4.57
CA PHE B 387 -43.98 1.24 -3.14
C PHE B 387 -44.99 2.26 -2.63
N ASP B 388 -44.88 3.50 -3.09
CA ASP B 388 -45.63 4.60 -2.50
C ASP B 388 -47.14 4.40 -2.64
N TRP B 389 -47.60 4.11 -3.85
CA TRP B 389 -49.05 3.91 -4.04
C TRP B 389 -49.55 2.67 -3.33
N PRO B 390 -48.90 1.50 -3.41
CA PRO B 390 -49.45 0.34 -2.70
C PRO B 390 -49.47 0.51 -1.19
N PHE B 391 -48.48 1.22 -0.63
CA PHE B 391 -48.46 1.45 0.81
C PHE B 391 -49.67 2.26 1.23
N ILE B 392 -49.85 3.44 0.60
CA ILE B 392 -51.01 4.30 0.87
C ILE B 392 -52.32 3.50 0.76
N HIS B 393 -52.39 2.62 -0.23
CA HIS B 393 -53.63 1.90 -0.50
C HIS B 393 -53.91 0.89 0.61
N ASN B 394 -52.94 0.00 0.90
CA ASN B 394 -53.14 -0.99 1.96
C ASN B 394 -53.42 -0.32 3.29
N ARG B 395 -52.70 0.76 3.60
CA ARG B 395 -52.95 1.50 4.84
C ARG B 395 -54.36 2.08 4.86
N SER B 396 -54.79 2.70 3.76
CA SER B 396 -56.13 3.26 3.68
C SER B 396 -57.20 2.20 3.90
N LYS B 397 -56.96 0.97 3.43
CA LYS B 397 -57.91 -0.11 3.68
C LYS B 397 -57.96 -0.45 5.16
N ILE B 398 -56.79 -0.63 5.79
CA ILE B 398 -56.72 -0.96 7.20
C ILE B 398 -57.52 0.03 8.05
N HIS B 399 -57.58 1.28 7.64
CA HIS B 399 -58.33 2.30 8.35
C HIS B 399 -59.72 2.52 7.76
N GLY B 400 -60.18 1.63 6.90
CA GLY B 400 -61.52 1.73 6.35
C GLY B 400 -61.75 2.88 5.41
N LEU B 401 -60.81 3.10 4.49
CA LEU B 401 -60.94 4.11 3.46
C LEU B 401 -60.87 3.47 2.09
N ASP B 402 -61.76 3.88 1.20
CA ASP B 402 -61.71 3.50 -0.21
C ASP B 402 -60.94 4.59 -0.97
N MET B 403 -59.72 4.26 -1.39
CA MET B 403 -58.92 5.22 -2.14
C MET B 403 -59.61 5.61 -3.44
N PHE B 404 -60.26 4.65 -4.10
CA PHE B 404 -60.96 4.96 -5.35
C PHE B 404 -62.13 5.90 -5.12
N ASP B 405 -62.90 5.69 -4.05
CA ASP B 405 -63.97 6.63 -3.75
C ASP B 405 -63.43 7.98 -3.33
N GLU B 406 -62.19 8.00 -2.84
CA GLU B 406 -61.62 9.22 -2.26
C GLU B 406 -60.92 10.07 -3.30
N ILE B 407 -60.04 9.46 -4.12
CA ILE B 407 -59.29 10.19 -5.14
C ILE B 407 -59.31 9.49 -6.49
N GLY B 408 -60.03 8.38 -6.64
CA GLY B 408 -60.20 7.77 -7.94
C GLY B 408 -58.98 7.06 -8.49
N PHE B 409 -58.07 6.62 -7.63
CA PHE B 409 -56.94 5.81 -8.06
C PHE B 409 -57.17 4.36 -7.63
N ALA B 410 -56.59 3.44 -8.39
CA ALA B 410 -56.78 2.02 -8.14
C ALA B 410 -55.77 1.27 -8.98
N PRO B 411 -55.31 0.09 -8.53
CA PRO B 411 -54.34 -0.66 -9.33
C PRO B 411 -55.00 -1.21 -10.59
N ASP B 412 -54.18 -1.39 -11.63
CA ASP B 412 -54.66 -1.86 -12.93
C ASP B 412 -54.23 -3.31 -13.16
N ALA B 413 -54.42 -3.78 -14.39
CA ALA B 413 -54.13 -5.16 -14.74
C ALA B 413 -52.70 -5.55 -14.43
N GLU B 414 -51.80 -4.58 -14.29
CA GLU B 414 -50.39 -4.85 -14.03
C GLU B 414 -49.96 -4.38 -12.65
N GLY B 415 -50.90 -4.01 -11.79
CA GLY B 415 -50.54 -3.59 -10.46
C GLY B 415 -49.99 -2.18 -10.36
N GLU B 416 -50.03 -1.42 -11.45
CA GLU B 416 -49.68 -0.02 -11.42
C GLU B 416 -50.91 0.80 -11.07
N TYR B 417 -50.69 1.94 -10.42
CA TYR B 417 -51.81 2.75 -9.93
C TYR B 417 -52.11 3.84 -10.97
N LYS B 418 -53.36 3.86 -11.41
CA LYS B 418 -53.81 4.71 -12.49
C LYS B 418 -55.09 5.42 -12.07
N SER B 419 -55.65 6.20 -12.99
CA SER B 419 -56.73 7.15 -12.72
C SER B 419 -57.29 7.64 -14.04
N SER B 420 -58.60 7.81 -14.11
CA SER B 420 -59.22 8.31 -15.33
C SER B 420 -58.75 9.74 -15.61
N TYR B 421 -58.79 10.60 -14.59
CA TYR B 421 -58.60 12.03 -14.80
C TYR B 421 -57.16 12.49 -14.62
N CYS B 422 -56.29 11.68 -14.03
CA CYS B 422 -54.95 12.14 -13.65
C CYS B 422 -53.92 11.10 -14.02
N SER B 423 -52.96 11.49 -14.86
CA SER B 423 -51.88 10.59 -15.24
C SER B 423 -50.90 10.43 -14.09
N HIS B 424 -50.52 9.18 -13.82
CA HIS B 424 -49.50 8.90 -12.81
C HIS B 424 -48.14 8.76 -13.52
N MET B 425 -47.28 9.75 -13.32
CA MET B 425 -45.99 9.83 -14.02
C MET B 425 -44.92 9.33 -13.06
N ASP B 426 -44.60 8.05 -13.16
CA ASP B 426 -43.52 7.47 -12.35
C ASP B 426 -42.21 7.79 -13.02
N CYS B 427 -41.50 8.77 -12.48
CA CYS B 427 -40.24 9.23 -13.08
C CYS B 427 -39.22 8.10 -13.22
N PHE B 428 -39.33 7.07 -12.38
CA PHE B 428 -38.38 5.97 -12.46
C PHE B 428 -38.50 5.24 -13.81
N ARG B 429 -39.71 5.21 -14.37
CA ARG B 429 -39.89 4.57 -15.67
C ARG B 429 -39.14 5.33 -16.76
N TRP B 430 -39.12 6.66 -16.66
CA TRP B 430 -38.36 7.48 -17.58
C TRP B 430 -36.86 7.25 -17.41
N VAL B 431 -36.40 7.23 -16.15
CA VAL B 431 -35.00 6.96 -15.88
C VAL B 431 -34.60 5.60 -16.43
N LYS B 432 -35.44 4.59 -16.23
CA LYS B 432 -35.12 3.26 -16.73
C LYS B 432 -35.04 3.25 -18.26
N ARG B 433 -36.00 3.88 -18.95
CA ARG B 433 -36.13 3.66 -20.39
C ARG B 433 -35.39 4.69 -21.23
N ASP B 434 -35.44 5.97 -20.86
CA ASP B 434 -35.07 7.05 -21.76
C ASP B 434 -33.82 7.83 -21.34
N SER B 435 -33.36 7.69 -20.09
CA SER B 435 -32.32 8.56 -19.56
C SER B 435 -30.92 8.19 -20.03
N TYR B 436 -30.71 6.96 -20.48
CA TYR B 436 -29.42 6.41 -20.85
C TYR B 436 -28.42 6.38 -19.69
N LEU B 437 -28.89 6.61 -18.47
CA LEU B 437 -28.03 6.48 -17.33
C LEU B 437 -27.72 5.00 -17.08
N PRO B 438 -26.56 4.71 -16.50
CA PRO B 438 -26.25 3.32 -16.14
C PRO B 438 -27.06 2.89 -14.91
N GLN B 439 -27.28 1.58 -14.81
CA GLN B 439 -28.10 1.05 -13.72
C GLN B 439 -27.56 1.48 -12.36
N GLY B 440 -26.24 1.60 -12.25
CA GLY B 440 -25.64 2.09 -11.02
C GLY B 440 -26.02 3.51 -10.65
N SER B 441 -26.71 4.23 -11.53
CA SER B 441 -27.07 5.61 -11.25
C SER B 441 -28.57 5.87 -11.39
N GLN B 442 -29.40 4.83 -11.37
CA GLN B 442 -30.83 5.02 -11.56
C GLN B 442 -31.59 5.23 -10.25
N GLY B 443 -30.87 5.34 -9.12
CA GLY B 443 -31.49 5.81 -7.90
C GLY B 443 -31.73 7.31 -7.95
N LEU B 444 -32.68 7.77 -7.12
CA LEU B 444 -33.04 9.18 -7.15
C LEU B 444 -31.85 10.08 -6.85
N LYS B 445 -30.98 9.66 -5.91
CA LYS B 445 -29.83 10.48 -5.53
C LYS B 445 -28.94 10.77 -6.72
N ALA B 446 -28.50 9.73 -7.44
CA ALA B 446 -27.66 9.95 -8.61
C ALA B 446 -28.38 10.75 -9.68
N VAL B 447 -29.64 10.40 -9.95
CA VAL B 447 -30.42 11.10 -10.98
C VAL B 447 -30.52 12.58 -10.64
N THR B 448 -30.75 12.89 -9.36
CA THR B 448 -30.78 14.28 -8.92
C THR B 448 -29.47 14.99 -9.21
N GLN B 449 -28.34 14.28 -9.00
CA GLN B 449 -27.03 14.87 -9.25
C GLN B 449 -26.79 15.10 -10.72
N SER B 450 -27.05 14.07 -11.55
CA SER B 450 -26.71 14.14 -12.96
C SER B 450 -27.66 15.03 -13.76
N LYS B 451 -28.94 15.04 -13.40
CA LYS B 451 -29.94 15.74 -14.19
C LYS B 451 -30.36 17.08 -13.61
N LEU B 452 -30.30 17.25 -12.29
CA LEU B 452 -30.70 18.51 -11.68
C LEU B 452 -29.52 19.35 -11.24
N GLY B 453 -28.41 18.73 -10.84
CA GLY B 453 -27.18 19.44 -10.59
C GLY B 453 -26.98 19.84 -9.14
N TYR B 454 -27.31 18.95 -8.21
CA TYR B 454 -27.10 19.19 -6.79
C TYR B 454 -27.20 17.85 -6.08
N ASN B 455 -26.71 17.82 -4.83
CA ASN B 455 -26.76 16.59 -4.05
C ASN B 455 -27.93 16.66 -3.08
N PRO B 456 -28.98 15.87 -3.28
CA PRO B 456 -30.11 15.90 -2.35
C PRO B 456 -29.71 15.38 -0.98
N ILE B 457 -30.55 15.68 0.00
CA ILE B 457 -30.32 15.22 1.36
C ILE B 457 -30.33 13.69 1.40
N GLU B 458 -29.42 13.12 2.19
CA GLU B 458 -29.32 11.68 2.37
C GLU B 458 -29.49 11.34 3.83
N LEU B 459 -30.23 10.25 4.09
CA LEU B 459 -30.44 9.74 5.43
C LEU B 459 -30.44 8.22 5.36
N ASP B 460 -29.73 7.58 6.29
CA ASP B 460 -29.66 6.12 6.27
C ASP B 460 -31.05 5.54 6.51
N PRO B 461 -31.42 4.47 5.79
CA PRO B 461 -32.75 3.86 5.99
C PRO B 461 -32.98 3.38 7.42
N GLU B 462 -31.95 2.88 8.10
CA GLU B 462 -32.10 2.41 9.47
C GLU B 462 -32.23 3.54 10.48
N LEU B 463 -32.12 4.79 10.05
CA LEU B 463 -32.22 5.92 10.97
C LEU B 463 -33.53 6.68 10.84
N MET B 464 -34.39 6.34 9.88
CA MET B 464 -35.59 7.13 9.65
C MET B 464 -36.63 6.90 10.73
N THR B 465 -36.97 5.64 11.00
CA THR B 465 -37.84 5.35 12.14
C THR B 465 -37.27 5.84 13.46
N PRO B 466 -35.97 5.69 13.76
CA PRO B 466 -35.43 6.31 14.97
C PRO B 466 -35.55 7.83 15.01
N TYR B 467 -35.18 8.51 13.92
CA TYR B 467 -35.20 9.97 13.92
C TYR B 467 -36.60 10.55 14.03
N ALA B 468 -37.65 9.73 13.90
CA ALA B 468 -39.01 10.22 14.12
C ALA B 468 -39.15 10.90 15.49
N PHE B 469 -38.38 10.44 16.48
CA PHE B 469 -38.34 11.02 17.82
C PHE B 469 -37.03 11.75 18.10
N GLU B 470 -35.89 11.17 17.73
CA GLU B 470 -34.60 11.78 18.07
C GLU B 470 -34.38 13.09 17.31
N LYS B 471 -34.57 13.08 15.99
CA LYS B 471 -34.35 14.26 15.16
C LYS B 471 -35.46 14.37 14.12
N PRO B 472 -36.68 14.71 14.55
CA PRO B 472 -37.80 14.79 13.58
C PRO B 472 -37.58 15.83 12.51
N GLN B 473 -37.06 17.01 12.85
CA GLN B 473 -36.79 18.02 11.84
C GLN B 473 -35.70 17.58 10.88
N HIS B 474 -34.72 16.82 11.36
CA HIS B 474 -33.73 16.25 10.45
C HIS B 474 -34.40 15.34 9.43
N LEU B 475 -35.30 14.48 9.89
CA LEU B 475 -36.02 13.59 8.98
C LEU B 475 -36.92 14.38 8.05
N SER B 476 -37.68 15.34 8.59
CA SER B 476 -38.58 16.16 7.77
C SER B 476 -37.84 16.83 6.62
N GLU B 477 -36.57 17.19 6.82
CA GLU B 477 -35.80 17.77 5.73
C GLU B 477 -35.44 16.71 4.69
N TYR B 478 -35.18 15.47 5.11
CA TYR B 478 -34.97 14.41 4.15
C TYR B 478 -36.24 14.13 3.36
N SER B 479 -37.39 14.16 4.02
CA SER B 479 -38.66 13.88 3.37
C SER B 479 -38.96 14.91 2.28
N VAL B 480 -38.74 16.20 2.59
CA VAL B 480 -39.02 17.21 1.59
C VAL B 480 -37.98 17.19 0.49
N SER B 481 -36.80 16.61 0.73
CA SER B 481 -35.79 16.53 -0.32
C SER B 481 -36.28 15.65 -1.47
N ASP B 482 -36.80 14.46 -1.15
CA ASP B 482 -37.35 13.60 -2.18
C ASP B 482 -38.43 14.31 -2.97
N ALA B 483 -39.30 15.06 -2.29
CA ALA B 483 -40.39 15.76 -2.98
C ALA B 483 -39.86 16.80 -3.95
N VAL B 484 -38.96 17.69 -3.49
CA VAL B 484 -38.38 18.69 -4.38
C VAL B 484 -37.65 18.02 -5.54
N ALA B 485 -36.91 16.94 -5.25
CA ALA B 485 -36.12 16.30 -6.29
C ALA B 485 -37.02 15.64 -7.33
N THR B 486 -38.09 14.97 -6.90
CA THR B 486 -38.98 14.32 -7.88
C THR B 486 -39.77 15.36 -8.68
N TYR B 487 -40.28 16.40 -8.01
CA TYR B 487 -41.13 17.37 -8.70
C TYR B 487 -40.36 18.07 -9.82
N TYR B 488 -39.24 18.69 -9.49
CA TYR B 488 -38.49 19.40 -10.51
C TYR B 488 -37.85 18.45 -11.51
N LEU B 489 -37.58 17.20 -11.11
CA LEU B 489 -37.21 16.18 -12.08
C LEU B 489 -38.31 16.00 -13.12
N TYR B 490 -39.55 15.87 -12.65
CA TYR B 490 -40.64 15.68 -13.60
C TYR B 490 -40.80 16.88 -14.52
N MET B 491 -40.77 18.10 -13.98
CA MET B 491 -41.11 19.23 -14.82
C MET B 491 -40.02 19.58 -15.82
N LYS B 492 -38.75 19.31 -15.49
CA LYS B 492 -37.68 19.69 -16.42
C LYS B 492 -37.51 18.66 -17.55
N TYR B 493 -37.67 17.38 -17.25
CA TYR B 493 -37.29 16.32 -18.17
C TYR B 493 -38.47 15.48 -18.65
N VAL B 494 -39.33 15.01 -17.75
CA VAL B 494 -40.35 14.05 -18.15
C VAL B 494 -41.52 14.75 -18.81
N HIS B 495 -42.02 15.81 -18.20
CA HIS B 495 -43.22 16.47 -18.73
C HIS B 495 -43.06 16.91 -20.17
N PRO B 496 -42.01 17.66 -20.56
CA PRO B 496 -41.93 18.05 -21.97
C PRO B 496 -41.71 16.87 -22.89
N PHE B 497 -40.94 15.87 -22.46
CA PHE B 497 -40.64 14.75 -23.34
C PHE B 497 -41.88 13.90 -23.61
N ILE B 498 -42.64 13.56 -22.56
CA ILE B 498 -43.74 12.61 -22.74
C ILE B 498 -44.90 13.28 -23.45
N PHE B 499 -45.29 14.48 -23.01
CA PHE B 499 -46.44 15.15 -23.63
C PHE B 499 -46.14 15.57 -25.06
N SER B 500 -44.88 15.80 -25.39
CA SER B 500 -44.55 16.03 -26.79
C SER B 500 -44.58 14.73 -27.58
N LEU B 501 -44.02 13.67 -27.04
CA LEU B 501 -44.09 12.36 -27.70
C LEU B 501 -45.53 11.97 -28.00
N CYS B 502 -46.44 12.26 -27.08
CA CYS B 502 -47.86 12.00 -27.27
C CYS B 502 -48.42 12.67 -28.52
N THR B 503 -47.87 13.82 -28.90
CA THR B 503 -48.40 14.49 -30.09
C THR B 503 -48.18 13.69 -31.37
N ILE B 504 -47.32 12.67 -31.35
CA ILE B 504 -47.13 11.82 -32.52
C ILE B 504 -47.39 10.35 -32.25
N ILE B 505 -47.36 9.87 -31.00
CA ILE B 505 -47.58 8.46 -30.70
C ILE B 505 -49.01 8.30 -30.18
N PRO B 506 -49.83 7.44 -30.80
CA PRO B 506 -51.27 7.38 -30.47
C PRO B 506 -51.54 6.64 -29.17
N LEU B 507 -51.04 7.20 -28.07
CA LEU B 507 -51.21 6.64 -26.73
C LEU B 507 -51.41 7.79 -25.76
N ASN B 508 -51.94 7.47 -24.57
CA ASN B 508 -52.10 8.49 -23.55
C ASN B 508 -50.76 8.64 -22.82
N PRO B 509 -50.64 9.65 -21.94
CA PRO B 509 -49.35 9.83 -21.25
C PRO B 509 -48.92 8.64 -20.42
N ASP B 510 -49.85 8.02 -19.67
CA ASP B 510 -49.50 6.85 -18.85
C ASP B 510 -48.79 5.76 -19.65
N GLU B 511 -49.26 5.49 -20.86
CA GLU B 511 -48.62 4.46 -21.68
C GLU B 511 -47.41 4.97 -22.46
N THR B 512 -47.43 6.23 -22.87
CA THR B 512 -46.27 6.79 -23.57
C THR B 512 -45.05 6.69 -22.70
N LEU B 513 -45.23 6.83 -21.38
CA LEU B 513 -44.14 6.78 -20.42
C LEU B 513 -43.65 5.35 -20.21
N ARG B 514 -44.58 4.39 -20.22
CA ARG B 514 -44.29 3.06 -19.71
C ARG B 514 -44.10 2.00 -20.79
N LYS B 515 -44.65 2.19 -21.99
CA LYS B 515 -44.54 1.17 -23.01
C LYS B 515 -43.08 1.00 -23.44
N GLY B 516 -42.76 -0.21 -23.88
CA GLY B 516 -41.43 -0.47 -24.39
C GLY B 516 -41.12 0.32 -25.63
N THR B 517 -39.83 0.57 -25.87
CA THR B 517 -39.50 1.39 -27.05
C THR B 517 -39.78 0.66 -28.35
N GLY B 518 -39.79 -0.67 -28.34
CA GLY B 518 -40.22 -1.40 -29.52
C GLY B 518 -41.70 -1.23 -29.77
N THR B 519 -42.49 -1.11 -28.72
CA THR B 519 -43.91 -0.88 -28.89
C THR B 519 -44.18 0.52 -29.42
N LEU B 520 -43.45 1.53 -28.93
CA LEU B 520 -43.55 2.87 -29.49
C LEU B 520 -43.27 2.87 -30.98
N CYS B 521 -42.16 2.22 -31.38
CA CYS B 521 -41.85 2.06 -32.80
C CYS B 521 -43.03 1.46 -33.56
N GLU B 522 -43.60 0.37 -33.04
CA GLU B 522 -44.76 -0.24 -33.66
C GLU B 522 -45.89 0.76 -33.84
N MET B 523 -46.15 1.57 -32.79
CA MET B 523 -47.24 2.52 -32.88
C MET B 523 -47.01 3.51 -34.01
N LEU B 524 -45.80 4.08 -34.09
CA LEU B 524 -45.49 5.02 -35.16
C LEU B 524 -45.62 4.36 -36.52
N LEU B 525 -45.17 3.11 -36.63
CA LEU B 525 -45.25 2.40 -37.90
C LEU B 525 -46.69 2.07 -38.26
N MET B 526 -47.52 1.74 -37.26
CA MET B 526 -48.92 1.42 -37.53
C MET B 526 -49.70 2.63 -38.02
N VAL B 527 -49.30 3.82 -37.59
CA VAL B 527 -49.89 5.05 -38.13
C VAL B 527 -49.59 5.17 -39.62
N GLN B 528 -48.30 5.03 -40.00
CA GLN B 528 -47.92 5.17 -41.40
C GLN B 528 -48.59 4.11 -42.27
N ALA B 529 -48.59 2.85 -41.82
CA ALA B 529 -49.22 1.81 -42.63
C ALA B 529 -50.69 2.14 -42.88
N TYR B 530 -51.40 2.58 -41.83
CA TYR B 530 -52.83 2.83 -41.95
C TYR B 530 -53.09 4.02 -42.88
N GLN B 531 -52.36 5.11 -42.67
CA GLN B 531 -52.59 6.31 -43.48
C GLN B 531 -52.24 6.09 -44.94
N HIS B 532 -51.42 5.09 -45.24
CA HIS B 532 -51.13 4.67 -46.61
C HIS B 532 -51.99 3.51 -47.07
N ASN B 533 -53.03 3.17 -46.32
CA ASN B 533 -53.95 2.08 -46.67
C ASN B 533 -53.21 0.75 -46.82
N ILE B 534 -52.27 0.49 -45.91
CA ILE B 534 -51.49 -0.74 -45.93
C ILE B 534 -52.01 -1.67 -44.84
N LEU B 535 -52.34 -2.89 -45.24
CA LEU B 535 -52.83 -3.88 -44.31
C LEU B 535 -51.70 -4.30 -43.38
N LEU B 536 -51.97 -4.24 -42.07
CA LEU B 536 -50.99 -4.63 -41.09
C LEU B 536 -50.70 -6.13 -41.21
N PRO B 537 -49.46 -6.55 -41.05
CA PRO B 537 -49.19 -7.98 -40.85
C PRO B 537 -49.59 -8.38 -39.44
N ASN B 538 -49.90 -9.65 -39.27
CA ASN B 538 -50.15 -10.14 -37.91
C ASN B 538 -48.82 -10.22 -37.15
N LYS B 539 -48.93 -10.39 -35.83
CA LYS B 539 -47.74 -10.48 -35.01
C LYS B 539 -46.97 -11.76 -35.34
N HIS B 540 -45.64 -11.63 -35.39
CA HIS B 540 -44.79 -12.76 -35.73
C HIS B 540 -44.76 -13.74 -34.59
N THR B 541 -44.83 -15.03 -34.94
CA THR B 541 -44.78 -16.11 -33.97
C THR B 541 -43.52 -16.94 -34.18
N ASP B 542 -43.04 -17.54 -33.11
CA ASP B 542 -41.80 -18.26 -33.30
C ASP B 542 -42.01 -19.77 -33.21
N PRO B 543 -41.38 -20.55 -34.06
CA PRO B 543 -41.47 -22.01 -33.94
C PRO B 543 -40.93 -22.46 -32.59
N ILE B 544 -41.66 -23.40 -31.98
CA ILE B 544 -41.22 -24.01 -30.74
C ILE B 544 -39.94 -24.84 -30.98
N GLU B 545 -39.69 -25.25 -32.21
CA GLU B 545 -38.51 -26.02 -32.57
C GLU B 545 -38.05 -25.62 -33.96
N ARG B 546 -36.73 -25.45 -34.12
CA ARG B 546 -36.12 -25.23 -35.41
C ARG B 546 -34.85 -26.06 -35.51
N PHE B 547 -34.62 -26.65 -36.67
CA PHE B 547 -33.53 -27.58 -36.87
C PHE B 547 -32.65 -27.10 -38.01
N TYR B 548 -31.36 -27.40 -37.89
CA TYR B 548 -30.35 -27.01 -38.88
C TYR B 548 -29.46 -28.22 -39.16
N ASP B 549 -29.50 -28.70 -40.40
CA ASP B 549 -28.70 -29.85 -40.83
C ASP B 549 -28.96 -31.07 -39.94
N GLY B 550 -30.17 -31.19 -39.41
CA GLY B 550 -30.51 -32.29 -38.54
C GLY B 550 -30.18 -32.10 -37.08
N HIS B 551 -29.71 -30.93 -36.69
CA HIS B 551 -29.42 -30.63 -35.30
C HIS B 551 -30.50 -29.69 -34.75
N LEU B 552 -30.98 -30.00 -33.55
CA LEU B 552 -31.87 -29.07 -32.86
C LEU B 552 -31.12 -27.78 -32.54
N LEU B 553 -31.67 -26.66 -32.99
CA LEU B 553 -31.06 -25.36 -32.77
C LEU B 553 -31.39 -24.84 -31.38
N GLU B 554 -30.37 -24.32 -30.69
CA GLU B 554 -30.64 -23.64 -29.43
C GLU B 554 -30.87 -22.15 -29.66
N SER B 555 -30.00 -21.51 -30.43
CA SER B 555 -30.10 -20.08 -30.69
C SER B 555 -29.72 -19.78 -32.13
N GLU B 556 -30.50 -18.90 -32.75
CA GLU B 556 -30.28 -18.43 -34.11
C GLU B 556 -30.14 -16.92 -34.06
N THR B 557 -29.07 -16.40 -34.65
CA THR B 557 -28.88 -14.95 -34.67
C THR B 557 -28.01 -14.57 -35.87
N TYR B 558 -27.58 -13.31 -35.89
CA TYR B 558 -26.70 -12.79 -36.93
C TYR B 558 -25.48 -12.19 -36.25
N VAL B 559 -24.41 -12.04 -37.02
CA VAL B 559 -23.16 -11.51 -36.49
C VAL B 559 -23.29 -9.98 -36.40
N GLY B 560 -23.28 -9.47 -35.17
CA GLY B 560 -23.55 -8.08 -34.92
C GLY B 560 -22.39 -7.12 -35.21
N GLY B 561 -22.14 -6.21 -34.27
CA GLY B 561 -21.14 -5.19 -34.50
C GLY B 561 -19.72 -5.66 -34.26
N HIS B 562 -18.78 -4.92 -34.83
CA HIS B 562 -17.36 -5.28 -34.81
C HIS B 562 -16.65 -4.50 -33.72
N VAL B 563 -15.87 -5.23 -32.90
CA VAL B 563 -15.16 -4.65 -31.76
C VAL B 563 -13.72 -5.13 -31.78
N GLU B 564 -12.78 -4.20 -31.58
CA GLU B 564 -11.36 -4.51 -31.58
C GLU B 564 -10.65 -3.71 -30.50
N SER B 565 -9.93 -4.41 -29.63
CA SER B 565 -8.93 -3.76 -28.79
C SER B 565 -7.59 -3.81 -29.52
N LEU B 566 -6.99 -2.65 -29.74
CA LEU B 566 -5.79 -2.56 -30.56
C LEU B 566 -4.54 -2.15 -29.81
N GLU B 567 -4.67 -1.43 -28.69
CA GLU B 567 -3.52 -0.98 -27.93
C GLU B 567 -3.94 -0.78 -26.48
N ALA B 568 -2.97 -0.79 -25.58
CA ALA B 568 -3.21 -0.54 -24.17
C ALA B 568 -2.15 0.42 -23.65
N GLY B 569 -2.40 0.98 -22.48
CA GLY B 569 -1.47 1.88 -21.83
C GLY B 569 -2.00 3.30 -21.77
N VAL B 570 -1.10 4.22 -21.40
CA VAL B 570 -1.44 5.62 -21.24
C VAL B 570 -1.04 6.37 -22.51
N PHE B 571 -1.84 7.38 -22.85
CA PHE B 571 -1.61 8.21 -24.02
C PHE B 571 -1.96 9.64 -23.63
N ARG B 572 -0.95 10.49 -23.49
CA ARG B 572 -1.14 11.85 -23.03
C ARG B 572 -0.65 12.82 -24.09
N SER B 573 -1.31 13.98 -24.16
CA SER B 573 -1.00 14.95 -25.20
C SER B 573 0.34 15.63 -24.99
N ASP B 574 0.95 15.47 -23.81
CA ASP B 574 2.25 16.07 -23.53
C ASP B 574 3.39 15.06 -23.58
N LEU B 575 3.11 13.79 -23.84
CA LEU B 575 4.12 12.75 -23.97
C LEU B 575 4.21 12.29 -25.42
N LYS B 576 5.43 12.25 -25.97
CA LYS B 576 5.63 11.95 -27.37
C LYS B 576 5.29 10.48 -27.69
N ASN B 577 4.96 10.24 -28.95
CA ASN B 577 4.55 8.92 -29.41
C ASN B 577 5.22 8.64 -30.77
N GLU B 578 5.52 7.37 -31.01
CA GLU B 578 6.25 6.93 -32.19
C GLU B 578 5.26 6.51 -33.27
N PHE B 579 5.39 7.10 -34.46
CA PHE B 579 4.49 6.85 -35.57
C PHE B 579 5.27 6.38 -36.79
N LYS B 580 4.63 5.52 -37.60
CA LYS B 580 5.27 4.92 -38.77
C LYS B 580 4.35 5.12 -39.99
N ILE B 581 4.21 6.38 -40.41
CA ILE B 581 3.25 6.73 -41.46
C ILE B 581 3.58 6.00 -42.74
N ASP B 582 2.55 5.45 -43.39
CA ASP B 582 2.69 4.83 -44.69
C ASP B 582 2.63 5.91 -45.77
N PRO B 583 3.71 6.14 -46.53
CA PRO B 583 3.67 7.18 -47.58
C PRO B 583 2.66 6.89 -48.69
N SER B 584 2.46 5.62 -49.07
CA SER B 584 1.45 5.30 -50.06
C SER B 584 0.08 5.84 -49.66
N ALA B 585 -0.19 5.89 -48.35
CA ALA B 585 -1.45 6.45 -47.86
C ALA B 585 -1.50 7.96 -48.03
N ILE B 586 -0.37 8.64 -47.77
CA ILE B 586 -0.35 10.08 -47.95
C ILE B 586 -0.45 10.44 -49.43
N ASP B 587 0.00 9.55 -50.32
CA ASP B 587 -0.31 9.72 -51.74
C ASP B 587 -1.81 9.68 -51.98
N GLU B 588 -2.47 8.73 -51.34
CA GLU B 588 -3.94 8.57 -51.54
C GLU B 588 -4.67 9.84 -51.09
N LEU B 589 -4.33 10.36 -49.92
CA LEU B 589 -5.05 11.53 -49.38
C LEU B 589 -4.76 12.79 -50.20
N LEU B 590 -3.51 12.96 -50.66
CA LEU B 590 -3.12 14.17 -51.43
C LEU B 590 -3.80 14.13 -52.80
N GLN B 591 -4.15 12.94 -53.29
CA GLN B 591 -4.92 12.84 -54.55
C GLN B 591 -6.38 13.17 -54.27
N GLU B 592 -6.90 12.81 -53.09
CA GLU B 592 -8.34 13.00 -52.80
C GLU B 592 -8.57 14.37 -52.16
N LEU B 593 -7.52 15.06 -51.74
CA LEU B 593 -7.69 16.35 -51.01
C LEU B 593 -8.73 17.21 -51.73
N PRO B 594 -8.65 17.41 -53.06
CA PRO B 594 -9.58 18.31 -53.76
C PRO B 594 -11.05 17.86 -53.82
N GLU B 595 -11.31 16.71 -54.45
CA GLU B 595 -12.70 16.20 -54.54
C GLU B 595 -13.26 16.08 -53.12
N ALA B 596 -12.38 16.04 -52.11
CA ALA B 596 -12.78 15.90 -50.71
C ALA B 596 -13.02 17.22 -50.01
N LEU B 597 -12.13 18.19 -50.18
CA LEU B 597 -12.37 19.54 -49.66
C LEU B 597 -13.60 20.19 -50.30
N LYS B 598 -14.12 19.63 -51.40
CA LYS B 598 -15.41 20.06 -51.95
C LYS B 598 -16.58 19.36 -51.26
N PHE B 599 -16.50 18.03 -51.11
CA PHE B 599 -17.47 17.26 -50.32
C PHE B 599 -17.78 17.96 -49.01
N SER B 600 -16.74 18.48 -48.33
CA SER B 600 -16.91 19.21 -47.07
C SER B 600 -17.71 20.49 -47.23
N VAL B 601 -17.75 21.07 -48.43
CA VAL B 601 -18.60 22.22 -48.74
C VAL B 601 -19.90 21.80 -49.42
N GLU B 602 -19.79 20.98 -50.46
CA GLU B 602 -21.00 20.60 -51.23
C GLU B 602 -21.92 19.71 -50.38
N VAL B 603 -21.36 18.82 -49.58
CA VAL B 603 -22.25 17.85 -48.84
C VAL B 603 -22.22 18.14 -47.34
N GLU B 604 -21.06 18.05 -46.72
CA GLU B 604 -21.00 18.18 -45.25
C GLU B 604 -21.52 19.55 -44.80
N ASN B 605 -21.04 20.64 -45.40
CA ASN B 605 -21.47 21.99 -44.95
C ASN B 605 -22.53 22.51 -45.92
N LYS B 606 -22.90 21.71 -46.91
CA LYS B 606 -24.01 22.08 -47.83
C LYS B 606 -23.98 23.42 -48.55
N SER B 607 -22.99 23.64 -49.41
CA SER B 607 -22.83 24.96 -50.07
C SER B 607 -22.08 24.81 -51.39
N SER B 608 -21.20 25.76 -51.70
CA SER B 608 -20.42 25.73 -52.97
C SER B 608 -19.12 26.48 -52.74
N VAL B 609 -18.08 26.15 -53.49
CA VAL B 609 -16.75 26.77 -53.26
C VAL B 609 -16.80 28.22 -53.71
N ASP B 610 -17.70 28.54 -54.63
CA ASP B 610 -17.75 29.90 -55.21
C ASP B 610 -18.07 30.94 -54.13
N LYS B 611 -18.39 30.53 -52.90
CA LYS B 611 -18.61 31.54 -51.84
C LYS B 611 -17.38 31.59 -50.95
N VAL B 612 -16.70 30.47 -50.77
CA VAL B 612 -15.39 30.46 -50.06
C VAL B 612 -14.19 31.19 -50.63
N THR B 613 -13.54 32.00 -49.82
CA THR B 613 -12.34 32.73 -50.26
C THR B 613 -11.10 31.88 -50.04
N ASN B 614 -10.97 31.26 -48.87
CA ASN B 614 -9.72 30.51 -48.51
C ASN B 614 -9.79 29.04 -48.93
N PHE B 615 -10.17 28.76 -50.16
CA PHE B 615 -10.14 27.34 -50.59
C PHE B 615 -8.70 26.83 -50.66
N GLU B 616 -7.88 27.42 -51.53
CA GLU B 616 -6.54 26.93 -51.75
C GLU B 616 -5.60 27.24 -50.59
N GLU B 617 -5.79 28.38 -49.93
CA GLU B 617 -5.04 28.70 -48.71
C GLU B 617 -5.08 27.53 -47.74
N ILE B 618 -6.27 26.96 -47.53
CA ILE B 618 -6.41 25.79 -46.65
C ILE B 618 -5.86 24.55 -47.34
N LYS B 619 -6.19 24.36 -48.62
CA LYS B 619 -5.62 23.25 -49.39
C LYS B 619 -4.10 23.31 -49.41
N ASN B 620 -3.52 24.50 -49.26
CA ASN B 620 -2.07 24.64 -49.18
C ASN B 620 -1.58 24.29 -47.78
N GLN B 621 -2.25 24.81 -46.74
CA GLN B 621 -1.87 24.54 -45.36
C GLN B 621 -1.84 23.04 -45.07
N ILE B 622 -2.70 22.27 -45.74
CA ILE B 622 -2.80 20.83 -45.54
C ILE B 622 -1.76 20.07 -46.36
N THR B 623 -1.60 20.45 -47.63
CA THR B 623 -0.63 19.78 -48.49
C THR B 623 0.77 19.81 -47.89
N GLN B 624 1.16 20.99 -47.37
CA GLN B 624 2.41 21.12 -46.62
C GLN B 624 2.51 20.08 -45.52
N LYS B 625 1.52 20.05 -44.63
CA LYS B 625 1.55 19.13 -43.50
C LYS B 625 1.58 17.69 -43.97
N LEU B 626 0.86 17.37 -45.04
CA LEU B 626 0.79 16.01 -45.55
C LEU B 626 2.12 15.56 -46.13
N LEU B 627 2.75 16.41 -46.95
CA LEU B 627 4.00 16.02 -47.61
C LEU B 627 5.15 15.89 -46.61
N GLU B 628 5.24 16.80 -45.63
CA GLU B 628 6.25 16.66 -44.60
C GLU B 628 6.18 15.29 -43.93
N LEU B 629 4.96 14.80 -43.73
CA LEU B 629 4.76 13.47 -43.18
C LEU B 629 5.15 12.38 -44.18
N LYS B 630 5.16 12.70 -45.48
CA LYS B 630 5.61 11.75 -46.50
C LYS B 630 7.14 11.66 -46.52
N GLU B 631 7.83 12.77 -46.30
CA GLU B 631 9.29 12.72 -46.16
C GLU B 631 9.67 12.07 -44.83
N ASN B 632 9.28 12.68 -43.72
CA ASN B 632 9.60 12.16 -42.39
C ASN B 632 8.52 11.16 -41.96
N ASN B 633 8.51 10.02 -42.66
CA ASN B 633 7.51 9.00 -42.40
C ASN B 633 7.70 8.31 -41.05
N ILE B 634 8.89 8.37 -40.44
CA ILE B 634 9.11 7.87 -39.09
C ILE B 634 9.28 9.06 -38.16
N ARG B 635 8.35 9.21 -37.20
CA ARG B 635 8.33 10.35 -36.30
C ARG B 635 8.09 9.92 -34.87
N ASN B 636 8.52 10.79 -33.95
CA ASN B 636 8.44 10.57 -32.51
C ASN B 636 8.01 11.90 -31.89
N GLU B 637 6.71 12.10 -31.76
CA GLU B 637 6.19 13.42 -31.42
C GLU B 637 4.89 13.29 -30.65
N LEU B 638 4.34 14.45 -30.25
CA LEU B 638 3.16 14.49 -29.41
C LEU B 638 1.93 13.98 -30.18
N PRO B 639 0.97 13.39 -29.47
CA PRO B 639 -0.18 12.80 -30.17
C PRO B 639 -1.37 13.74 -30.21
N LEU B 640 -2.31 13.43 -31.11
CA LEU B 640 -3.63 14.05 -31.16
C LEU B 640 -4.62 12.95 -30.87
N ILE B 641 -5.10 12.88 -29.62
CA ILE B 641 -6.03 11.84 -29.20
C ILE B 641 -7.42 12.19 -29.75
N TYR B 642 -7.83 11.51 -30.81
CA TYR B 642 -9.11 11.79 -31.43
C TYR B 642 -10.04 10.58 -31.32
N HIS B 643 -11.34 10.86 -31.46
CA HIS B 643 -12.39 9.86 -31.54
C HIS B 643 -13.30 10.23 -32.70
N VAL B 644 -13.64 9.24 -33.52
CA VAL B 644 -14.58 9.44 -34.62
C VAL B 644 -15.65 8.37 -34.52
N ASP B 645 -16.89 8.75 -34.87
CA ASP B 645 -18.06 7.83 -34.77
C ASP B 645 -19.15 8.26 -35.76
N VAL B 646 -19.73 7.30 -36.47
CA VAL B 646 -20.81 7.55 -37.42
C VAL B 646 -22.07 7.99 -36.67
N ALA B 647 -22.66 9.10 -37.10
CA ALA B 647 -23.93 9.55 -36.53
C ALA B 647 -25.06 8.61 -36.89
N SER B 648 -25.77 8.11 -35.87
CA SER B 648 -26.96 7.28 -36.06
C SER B 648 -26.72 6.18 -37.10
N MET B 649 -25.70 5.35 -36.82
CA MET B 649 -25.17 4.47 -37.86
C MET B 649 -26.25 3.55 -38.46
N TYR B 650 -26.81 2.65 -37.66
CA TYR B 650 -27.74 1.67 -38.21
C TYR B 650 -28.97 2.31 -38.84
N PRO B 651 -29.58 3.37 -38.30
CA PRO B 651 -30.65 4.05 -39.04
C PRO B 651 -30.20 4.52 -40.41
N ASN B 652 -29.09 5.29 -40.46
CA ASN B 652 -28.62 5.82 -41.72
C ASN B 652 -28.18 4.71 -42.67
N ILE B 653 -27.70 3.58 -42.14
CA ILE B 653 -27.43 2.42 -42.98
C ILE B 653 -28.71 1.90 -43.59
N MET B 654 -29.76 1.76 -42.76
CA MET B 654 -31.04 1.27 -43.25
C MET B 654 -31.63 2.22 -44.29
N THR B 655 -31.61 3.53 -43.99
CA THR B 655 -32.22 4.49 -44.89
C THR B 655 -31.39 4.69 -46.15
N THR B 656 -30.06 4.56 -46.06
CA THR B 656 -29.22 4.66 -47.24
C THR B 656 -29.54 3.56 -48.25
N ASN B 657 -29.74 2.35 -47.78
CA ASN B 657 -29.95 1.20 -48.64
C ASN B 657 -31.42 0.85 -48.83
N ARG B 658 -32.32 1.68 -48.34
CA ARG B 658 -33.78 1.39 -48.43
C ARG B 658 -34.08 0.06 -47.75
N LEU B 659 -33.48 -0.16 -46.59
CA LEU B 659 -33.68 -1.40 -45.86
C LEU B 659 -34.97 -1.32 -45.05
N GLN B 660 -35.82 -2.33 -45.24
CA GLN B 660 -37.05 -2.48 -44.46
C GLN B 660 -37.52 -3.92 -44.63
N PRO B 661 -38.26 -4.47 -43.66
CA PRO B 661 -38.58 -5.91 -43.74
C PRO B 661 -39.31 -6.30 -45.02
N ASP B 662 -40.36 -5.56 -45.38
CA ASP B 662 -41.10 -5.86 -46.60
C ASP B 662 -40.28 -5.68 -47.86
N SER B 663 -39.07 -5.12 -47.78
CA SER B 663 -38.19 -4.99 -48.94
C SER B 663 -37.32 -6.21 -49.18
N ILE B 664 -37.33 -7.20 -48.29
CA ILE B 664 -36.46 -8.37 -48.40
C ILE B 664 -37.20 -9.42 -49.21
N LYS B 665 -36.83 -9.56 -50.48
CA LYS B 665 -37.49 -10.49 -51.39
C LYS B 665 -36.73 -11.80 -51.49
N ALA B 666 -37.47 -12.87 -51.69
CA ALA B 666 -36.94 -14.22 -51.77
C ALA B 666 -36.77 -14.66 -53.23
N GLU B 667 -36.54 -15.96 -53.42
CA GLU B 667 -36.26 -16.55 -54.73
C GLU B 667 -37.38 -16.28 -55.73
N ARG B 668 -38.62 -16.19 -55.23
CA ARG B 668 -39.75 -15.85 -56.07
C ARG B 668 -39.49 -14.53 -56.79
N ASP B 669 -39.90 -14.48 -58.06
CA ASP B 669 -39.63 -13.35 -58.95
C ASP B 669 -39.86 -12.03 -58.22
N CYS B 670 -38.83 -11.18 -58.22
CA CYS B 670 -38.76 -9.94 -57.43
C CYS B 670 -40.06 -9.44 -56.80
N THR B 681 -32.40 -3.98 -62.01
CA THR B 681 -31.79 -2.93 -61.20
C THR B 681 -32.66 -2.58 -60.00
N CYS B 682 -33.88 -3.11 -59.97
CA CYS B 682 -34.72 -2.87 -58.80
C CYS B 682 -34.29 -3.73 -57.61
N ALA B 683 -33.30 -4.60 -57.78
CA ALA B 683 -32.83 -5.50 -56.74
C ALA B 683 -31.39 -5.12 -56.38
N ARG B 684 -31.18 -4.82 -55.09
CA ARG B 684 -29.85 -4.53 -54.55
C ARG B 684 -29.51 -5.66 -53.59
N LYS B 685 -28.63 -6.56 -54.00
CA LYS B 685 -28.28 -7.73 -53.20
C LYS B 685 -27.23 -7.37 -52.16
N LEU B 686 -27.52 -7.68 -50.90
CA LEU B 686 -26.65 -7.34 -49.77
C LEU B 686 -26.39 -8.60 -48.95
N LYS B 687 -25.22 -8.65 -48.32
CA LYS B 687 -24.77 -9.83 -47.59
C LYS B 687 -24.86 -9.61 -46.09
N TRP B 688 -25.22 -10.67 -45.37
CA TRP B 688 -25.21 -10.69 -43.92
C TRP B 688 -24.57 -12.00 -43.46
N ALA B 689 -24.53 -12.21 -42.15
CA ALA B 689 -23.86 -13.39 -41.57
C ALA B 689 -24.80 -14.08 -40.58
N TRP B 690 -25.28 -15.26 -40.96
CA TRP B 690 -26.08 -16.08 -40.05
C TRP B 690 -25.16 -16.81 -39.09
N ARG B 691 -25.69 -17.08 -37.89
CA ARG B 691 -24.97 -17.84 -36.88
C ARG B 691 -25.95 -18.66 -36.06
N GLY B 692 -25.80 -19.98 -36.11
CA GLY B 692 -26.64 -20.89 -35.34
C GLY B 692 -25.85 -21.54 -34.21
N GLU B 693 -26.55 -21.85 -33.13
CA GLU B 693 -26.00 -22.58 -31.99
C GLU B 693 -26.86 -23.82 -31.80
N PHE B 694 -26.29 -24.99 -32.03
CA PHE B 694 -27.05 -26.24 -32.07
C PHE B 694 -26.38 -27.30 -31.21
N PHE B 695 -27.21 -28.20 -30.64
CA PHE B 695 -26.70 -29.36 -29.93
C PHE B 695 -25.87 -30.23 -30.88
N PRO B 696 -24.79 -30.84 -30.38
CA PRO B 696 -24.01 -31.74 -31.24
C PRO B 696 -24.69 -33.07 -31.52
N SER B 697 -25.82 -33.34 -30.89
CA SER B 697 -26.57 -34.57 -31.08
C SER B 697 -27.24 -34.46 -32.45
N LYS B 698 -28.01 -35.49 -32.79
CA LYS B 698 -28.76 -35.51 -34.07
C LYS B 698 -30.09 -36.22 -33.82
N MET B 699 -30.95 -36.28 -34.83
CA MET B 699 -32.29 -36.89 -34.63
C MET B 699 -32.11 -38.24 -33.94
N ASP B 700 -30.99 -38.89 -34.20
CA ASP B 700 -30.73 -40.23 -33.62
C ASP B 700 -30.86 -40.13 -32.10
N GLU B 701 -30.02 -39.31 -31.46
CA GLU B 701 -30.03 -39.23 -29.97
C GLU B 701 -31.26 -38.42 -29.53
N TYR B 702 -31.82 -37.66 -30.46
CA TYR B 702 -33.04 -36.85 -30.15
C TYR B 702 -34.22 -37.80 -29.97
N ASN B 703 -34.56 -38.53 -31.04
CA ASN B 703 -35.74 -39.42 -30.97
C ASN B 703 -35.53 -40.36 -29.78
N MET B 704 -34.28 -40.71 -29.51
CA MET B 704 -33.97 -41.61 -28.38
C MET B 704 -34.43 -40.95 -27.08
N ILE B 705 -33.95 -39.74 -26.80
CA ILE B 705 -34.29 -39.07 -25.52
C ILE B 705 -35.81 -38.99 -25.43
N LYS B 706 -36.47 -38.77 -26.58
CA LYS B 706 -37.95 -38.74 -26.60
C LYS B 706 -38.45 -40.12 -26.19
N ARG B 707 -38.07 -41.14 -26.96
CA ARG B 707 -38.48 -42.51 -26.62
C ARG B 707 -38.44 -42.75 -25.12
N ALA B 708 -37.33 -42.42 -24.47
CA ALA B 708 -37.19 -42.61 -23.03
C ALA B 708 -38.25 -41.82 -22.25
N LEU B 709 -38.22 -40.48 -22.38
CA LEU B 709 -39.17 -39.64 -21.66
C LEU B 709 -40.61 -40.05 -21.92
N GLN B 710 -40.93 -40.41 -23.17
CA GLN B 710 -42.26 -40.91 -23.50
C GLN B 710 -42.61 -42.16 -22.70
N ASN B 711 -41.62 -43.02 -22.44
CA ASN B 711 -41.78 -44.21 -21.62
C ASN B 711 -41.57 -43.90 -20.15
N GLU B 712 -41.85 -42.65 -19.76
CA GLU B 712 -41.75 -42.22 -18.38
C GLU B 712 -43.04 -41.51 -18.02
N THR B 713 -43.15 -41.09 -16.76
CA THR B 713 -44.36 -40.45 -16.26
C THR B 713 -44.09 -39.07 -15.68
N PHE B 714 -45.08 -38.21 -15.83
CA PHE B 714 -44.97 -36.82 -15.44
C PHE B 714 -46.12 -36.39 -14.55
N PRO B 715 -45.86 -35.43 -13.67
CA PRO B 715 -46.90 -34.98 -12.73
C PRO B 715 -47.89 -34.06 -13.42
N ASN B 716 -49.04 -33.92 -12.76
CA ASN B 716 -50.17 -33.13 -13.27
C ASN B 716 -50.12 -31.74 -12.62
N LYS B 717 -50.03 -30.70 -13.46
CA LYS B 717 -50.04 -29.32 -12.97
C LYS B 717 -51.33 -28.89 -12.31
N ASN B 718 -52.46 -29.48 -12.71
CA ASN B 718 -53.72 -29.30 -11.98
C ASN B 718 -53.66 -30.37 -10.89
N LYS B 719 -53.07 -30.01 -9.74
CA LYS B 719 -53.16 -30.84 -8.53
C LYS B 719 -54.58 -30.91 -7.97
N PHE B 720 -55.51 -30.08 -8.48
CA PHE B 720 -56.94 -30.18 -8.19
C PHE B 720 -57.61 -31.36 -8.87
N SER B 721 -57.06 -31.86 -9.97
CA SER B 721 -57.56 -33.07 -10.59
C SER B 721 -57.26 -34.30 -9.74
N LYS B 722 -58.10 -35.32 -9.88
CA LYS B 722 -57.88 -36.61 -9.23
C LYS B 722 -56.91 -37.50 -10.00
N LYS B 723 -56.44 -37.06 -11.17
CA LYS B 723 -55.35 -37.72 -11.89
C LYS B 723 -54.06 -36.94 -11.64
N LYS B 724 -53.01 -37.67 -11.26
CA LYS B 724 -51.74 -37.03 -10.94
C LYS B 724 -50.59 -37.56 -11.79
N VAL B 725 -50.91 -38.38 -12.78
CA VAL B 725 -49.93 -39.03 -13.64
C VAL B 725 -50.36 -38.85 -15.09
N LEU B 726 -49.59 -38.08 -15.86
CA LEU B 726 -49.86 -37.88 -17.27
C LEU B 726 -48.69 -38.37 -18.11
N THR B 727 -48.99 -38.80 -19.33
CA THR B 727 -47.92 -39.22 -20.22
C THR B 727 -47.25 -38.01 -20.82
N PHE B 728 -46.15 -38.27 -21.54
CA PHE B 728 -45.44 -37.20 -22.23
C PHE B 728 -46.34 -36.54 -23.27
N ASP B 729 -47.14 -37.32 -23.98
CA ASP B 729 -47.98 -36.80 -25.05
C ASP B 729 -49.27 -36.16 -24.53
N GLU B 730 -49.62 -36.39 -23.26
CA GLU B 730 -50.67 -35.61 -22.59
C GLU B 730 -50.17 -34.25 -22.12
N LEU B 731 -48.90 -33.94 -22.33
CA LEU B 731 -48.30 -32.67 -21.95
C LEU B 731 -48.39 -31.70 -23.11
N SER B 732 -48.09 -30.42 -22.85
CA SER B 732 -48.12 -29.47 -23.96
C SER B 732 -46.93 -29.72 -24.86
N TYR B 733 -47.09 -29.42 -26.15
CA TYR B 733 -45.95 -29.51 -27.07
C TYR B 733 -44.79 -28.67 -26.54
N ALA B 734 -45.09 -27.54 -25.89
CA ALA B 734 -44.04 -26.72 -25.30
C ALA B 734 -43.39 -27.40 -24.10
N ASP B 735 -44.18 -27.83 -23.10
CA ASP B 735 -43.59 -28.53 -21.97
C ASP B 735 -42.80 -29.76 -22.43
N GLN B 736 -43.28 -30.42 -23.49
CA GLN B 736 -42.55 -31.56 -24.04
C GLN B 736 -41.16 -31.15 -24.53
N VAL B 737 -41.08 -30.05 -25.30
CA VAL B 737 -39.77 -29.65 -25.80
C VAL B 737 -38.88 -29.20 -24.64
N ILE B 738 -39.47 -28.65 -23.57
CA ILE B 738 -38.67 -28.25 -22.42
C ILE B 738 -37.96 -29.47 -21.84
N HIS B 739 -38.72 -30.51 -21.47
CA HIS B 739 -38.13 -31.75 -20.98
C HIS B 739 -37.17 -32.34 -22.01
N ILE B 740 -37.60 -32.40 -23.28
CA ILE B 740 -36.73 -32.91 -24.34
C ILE B 740 -35.37 -32.23 -24.28
N LYS B 741 -35.36 -30.91 -24.10
CA LYS B 741 -34.12 -30.14 -24.10
C LYS B 741 -33.26 -30.46 -22.90
N LYS B 742 -33.72 -30.10 -21.69
CA LYS B 742 -32.98 -30.30 -20.43
C LYS B 742 -32.32 -31.68 -20.33
N ARG B 743 -33.03 -32.72 -20.80
CA ARG B 743 -32.44 -34.04 -20.90
C ARG B 743 -31.35 -34.10 -21.97
N LEU B 744 -31.64 -33.68 -23.21
CA LEU B 744 -30.60 -33.66 -24.24
C LEU B 744 -29.44 -32.75 -23.86
N THR B 745 -29.73 -31.59 -23.28
CA THR B 745 -28.67 -30.70 -22.83
C THR B 745 -27.73 -31.40 -21.85
N GLU B 746 -28.24 -32.36 -21.07
CA GLU B 746 -27.40 -33.12 -20.16
C GLU B 746 -26.54 -34.12 -20.92
N TYR B 747 -27.15 -34.89 -21.85
CA TYR B 747 -26.38 -35.76 -22.74
C TYR B 747 -25.26 -35.00 -23.42
N SER B 748 -25.46 -33.69 -23.66
CA SER B 748 -24.45 -32.85 -24.29
C SER B 748 -23.25 -32.60 -23.38
N ARG B 749 -23.48 -32.07 -22.17
CA ARG B 749 -22.38 -31.73 -21.26
C ARG B 749 -21.57 -32.98 -20.88
N LYS B 750 -22.11 -34.18 -21.11
CA LYS B 750 -21.38 -35.42 -20.85
C LYS B 750 -20.83 -36.11 -22.11
N VAL B 751 -21.66 -36.43 -23.12
CA VAL B 751 -21.19 -37.13 -24.31
C VAL B 751 -20.24 -36.26 -25.13
N TYR B 752 -20.55 -34.98 -25.25
CA TYR B 752 -19.86 -34.11 -26.18
C TYR B 752 -19.05 -33.03 -25.51
N HIS B 753 -19.27 -32.85 -24.19
CA HIS B 753 -18.62 -31.80 -23.40
C HIS B 753 -18.91 -30.41 -23.94
N ARG B 754 -20.07 -30.23 -24.57
CA ARG B 754 -20.48 -28.94 -25.12
C ARG B 754 -21.99 -28.87 -25.12
N VAL B 755 -22.54 -27.73 -24.71
CA VAL B 755 -23.99 -27.57 -24.75
C VAL B 755 -24.43 -27.15 -26.16
N LYS B 756 -23.53 -26.49 -26.89
CA LYS B 756 -23.93 -25.92 -28.20
C LYS B 756 -22.79 -25.78 -29.19
N VAL B 757 -22.94 -26.30 -30.40
CA VAL B 757 -22.01 -26.03 -31.49
C VAL B 757 -22.44 -24.77 -32.21
N SER B 758 -21.48 -23.94 -32.59
CA SER B 758 -21.78 -22.73 -33.35
C SER B 758 -21.28 -22.88 -34.77
N GLU B 759 -21.98 -22.22 -35.69
CA GLU B 759 -21.59 -22.17 -37.09
C GLU B 759 -21.98 -20.82 -37.64
N ILE B 760 -21.15 -20.27 -38.52
CA ILE B 760 -21.40 -18.98 -39.17
C ILE B 760 -21.54 -19.22 -40.66
N VAL B 761 -22.70 -18.90 -41.22
CA VAL B 761 -22.98 -19.07 -42.64
C VAL B 761 -23.18 -17.70 -43.26
N GLU B 762 -22.46 -17.42 -44.35
CA GLU B 762 -22.67 -16.21 -45.10
C GLU B 762 -23.95 -16.32 -45.92
N ARG B 763 -24.78 -15.29 -45.87
CA ARG B 763 -26.04 -15.30 -46.60
C ARG B 763 -26.19 -13.99 -47.35
N GLU B 764 -27.00 -14.02 -48.41
CA GLU B 764 -27.28 -12.83 -49.21
C GLU B 764 -28.79 -12.75 -49.42
N ALA B 765 -29.33 -11.54 -49.37
CA ALA B 765 -30.74 -11.33 -49.62
C ALA B 765 -30.90 -10.19 -50.63
N ILE B 766 -32.06 -10.19 -51.26
CA ILE B 766 -32.43 -9.14 -52.20
C ILE B 766 -33.19 -8.07 -51.44
N VAL B 767 -32.86 -6.82 -51.71
CA VAL B 767 -33.63 -5.68 -51.20
C VAL B 767 -34.25 -5.00 -52.41
N CYS B 768 -35.55 -5.24 -52.66
CA CYS B 768 -36.25 -4.47 -53.67
C CYS B 768 -36.15 -3.00 -53.31
N GLN B 769 -35.60 -2.21 -54.23
CA GLN B 769 -35.49 -0.78 -54.05
C GLN B 769 -36.73 -0.03 -54.53
N ARG B 770 -37.83 -0.74 -54.80
CA ARG B 770 -39.06 -0.15 -55.30
C ARG B 770 -40.23 -0.27 -54.33
N GLU B 771 -40.04 -0.97 -53.21
CA GLU B 771 -41.15 -1.29 -52.34
C GLU B 771 -41.68 -0.05 -51.63
N ASN B 772 -42.96 -0.09 -51.26
CA ASN B 772 -43.57 0.98 -50.48
C ASN B 772 -42.66 1.31 -49.31
N PRO B 773 -42.08 2.48 -49.31
CA PRO B 773 -41.06 2.78 -48.29
C PRO B 773 -41.63 3.32 -46.99
N PHE B 774 -42.81 2.88 -46.55
CA PHE B 774 -43.41 3.44 -45.35
C PHE B 774 -42.55 3.17 -44.11
N TYR B 775 -41.92 2.00 -44.03
CA TYR B 775 -41.02 1.74 -42.92
C TYR B 775 -39.78 2.63 -42.99
N VAL B 776 -39.05 2.57 -44.12
CA VAL B 776 -37.87 3.40 -44.30
C VAL B 776 -38.18 4.87 -44.03
N ASP B 777 -39.31 5.35 -44.55
CA ASP B 777 -39.65 6.76 -44.37
C ASP B 777 -39.94 7.10 -42.91
N THR B 778 -40.63 6.20 -42.20
CA THR B 778 -40.88 6.42 -40.77
C THR B 778 -39.57 6.59 -40.02
N VAL B 779 -38.60 5.71 -40.31
CA VAL B 779 -37.30 5.81 -39.65
C VAL B 779 -36.61 7.11 -39.99
N LYS B 780 -36.64 7.51 -41.27
CA LYS B 780 -35.99 8.74 -41.69
C LYS B 780 -36.59 9.95 -40.98
N SER B 781 -37.91 9.93 -40.80
CA SER B 781 -38.54 11.05 -40.13
C SER B 781 -38.10 11.14 -38.68
N PHE B 782 -37.97 10.00 -38.01
CA PHE B 782 -37.61 10.06 -36.60
C PHE B 782 -36.14 10.41 -36.43
N ARG B 783 -35.26 9.96 -37.34
CA ARG B 783 -33.88 10.43 -37.28
C ARG B 783 -33.84 11.95 -37.37
N ASP B 784 -34.55 12.51 -38.36
CA ASP B 784 -34.60 13.95 -38.52
C ASP B 784 -35.16 14.61 -37.27
N ARG B 785 -36.22 14.02 -36.70
CA ARG B 785 -36.74 14.50 -35.43
C ARG B 785 -35.64 14.59 -34.39
N ARG B 786 -34.78 13.58 -34.33
CA ARG B 786 -33.69 13.56 -33.36
C ARG B 786 -32.59 14.55 -33.74
N TYR B 787 -32.14 14.54 -35.02
CA TYR B 787 -31.03 15.42 -35.42
C TYR B 787 -31.28 16.86 -35.02
N GLU B 788 -32.55 17.27 -34.96
CA GLU B 788 -32.85 18.64 -34.57
C GLU B 788 -32.38 18.92 -33.15
N PHE B 789 -32.60 17.97 -32.24
CA PHE B 789 -32.25 18.17 -30.83
C PHE B 789 -30.75 18.01 -30.61
N LYS B 790 -30.14 17.08 -31.34
CA LYS B 790 -28.70 16.93 -31.32
C LYS B 790 -28.01 18.16 -31.90
N GLY B 791 -28.63 18.83 -32.86
CA GLY B 791 -28.02 20.01 -33.45
C GLY B 791 -28.13 21.22 -32.54
N LEU B 792 -29.29 21.39 -31.90
CA LEU B 792 -29.43 22.44 -30.90
C LEU B 792 -28.45 22.25 -29.76
N ALA B 793 -28.13 20.99 -29.43
CA ALA B 793 -27.13 20.74 -28.39
C ALA B 793 -25.75 21.19 -28.83
N LYS B 794 -25.38 20.94 -30.10
CA LYS B 794 -24.11 21.44 -30.61
C LYS B 794 -24.11 22.95 -30.70
N THR B 795 -25.25 23.54 -31.07
CA THR B 795 -25.35 24.99 -31.18
C THR B 795 -25.07 25.66 -29.85
N TRP B 796 -25.76 25.23 -28.79
CA TRP B 796 -25.60 25.83 -27.47
C TRP B 796 -24.30 25.40 -26.79
N LYS B 797 -23.69 24.29 -27.21
CA LYS B 797 -22.33 23.98 -26.75
C LYS B 797 -21.37 25.10 -27.13
N GLY B 798 -21.43 25.55 -28.39
CA GLY B 798 -20.57 26.64 -28.82
C GLY B 798 -20.96 27.98 -28.23
N ASN B 799 -22.27 28.23 -28.08
CA ASN B 799 -22.73 29.44 -27.42
C ASN B 799 -22.11 29.62 -26.04
N LEU B 800 -21.89 28.51 -25.31
CA LEU B 800 -21.24 28.57 -24.01
C LEU B 800 -19.77 28.94 -24.14
N SER B 801 -19.06 28.26 -25.06
CA SER B 801 -17.66 28.58 -25.36
C SER B 801 -17.46 30.08 -25.52
N LYS B 802 -18.41 30.73 -26.19
CA LYS B 802 -18.33 32.17 -26.43
C LYS B 802 -18.49 32.97 -25.15
N ILE B 803 -19.37 32.53 -24.24
CA ILE B 803 -19.58 33.28 -23.00
C ILE B 803 -18.28 33.32 -22.22
N ASP B 804 -17.88 34.52 -21.82
CA ASP B 804 -16.73 34.68 -20.96
C ASP B 804 -17.04 34.14 -19.57
N PRO B 805 -16.10 33.41 -18.95
CA PRO B 805 -16.39 32.79 -17.63
C PRO B 805 -16.93 33.76 -16.59
N SER B 806 -16.93 35.06 -16.86
CA SER B 806 -17.29 36.06 -15.86
C SER B 806 -18.78 36.06 -15.54
N ASP B 807 -19.64 35.69 -16.51
CA ASP B 807 -21.08 35.74 -16.31
C ASP B 807 -21.58 34.36 -15.89
N LYS B 808 -21.94 34.24 -14.62
CA LYS B 808 -22.55 33.01 -14.10
C LYS B 808 -23.87 32.73 -14.80
N HIS B 809 -24.82 33.67 -14.70
CA HIS B 809 -26.17 33.46 -15.24
C HIS B 809 -26.14 33.05 -16.71
N ALA B 810 -25.33 33.75 -17.51
CA ALA B 810 -25.24 33.44 -18.93
C ALA B 810 -24.68 32.04 -19.15
N ARG B 811 -23.57 31.70 -18.48
CA ARG B 811 -23.00 30.37 -18.64
C ARG B 811 -23.91 29.30 -18.07
N ASP B 812 -24.55 29.58 -16.93
CA ASP B 812 -25.42 28.59 -16.30
C ASP B 812 -26.64 28.31 -17.14
N GLU B 813 -27.30 29.37 -17.63
CA GLU B 813 -28.49 29.19 -18.41
C GLU B 813 -28.18 28.52 -19.74
N ALA B 814 -27.01 28.78 -20.31
CA ALA B 814 -26.59 28.07 -21.52
C ALA B 814 -26.31 26.60 -21.21
N LYS B 815 -25.58 26.34 -20.12
CA LYS B 815 -25.40 24.97 -19.64
C LYS B 815 -26.73 24.27 -19.45
N LYS B 816 -27.73 24.99 -18.93
CA LYS B 816 -29.05 24.41 -18.72
C LYS B 816 -29.65 23.92 -20.03
N MET B 817 -29.44 24.65 -21.12
CA MET B 817 -30.00 24.23 -22.40
C MET B 817 -29.26 23.02 -22.95
N ILE B 818 -27.96 22.93 -22.71
CA ILE B 818 -27.18 21.81 -23.24
C ILE B 818 -27.63 20.50 -22.59
N VAL B 819 -27.87 20.54 -21.29
CA VAL B 819 -28.36 19.35 -20.60
C VAL B 819 -29.75 18.97 -21.10
N LEU B 820 -30.59 19.97 -21.36
CA LEU B 820 -31.94 19.65 -21.78
C LEU B 820 -31.94 19.03 -23.17
N TYR B 821 -31.18 19.61 -24.12
CA TYR B 821 -31.20 19.14 -25.49
C TYR B 821 -30.44 17.83 -25.67
N ASP B 822 -29.39 17.61 -24.88
CA ASP B 822 -28.75 16.28 -24.87
C ASP B 822 -29.70 15.25 -24.29
N SER B 823 -30.51 15.64 -23.31
CA SER B 823 -31.48 14.70 -22.74
C SER B 823 -32.56 14.38 -23.75
N LEU B 824 -33.05 15.38 -24.47
CA LEU B 824 -34.08 15.15 -25.46
C LEU B 824 -33.56 14.32 -26.62
N GLN B 825 -32.32 14.54 -27.04
CA GLN B 825 -31.81 13.76 -28.17
C GLN B 825 -31.55 12.31 -27.76
N LEU B 826 -31.15 12.10 -26.51
CA LEU B 826 -30.87 10.74 -26.07
C LEU B 826 -32.14 9.95 -25.89
N ALA B 827 -33.22 10.60 -25.47
CA ALA B 827 -34.51 9.92 -25.38
C ALA B 827 -35.02 9.52 -26.76
N HIS B 828 -34.72 10.33 -27.79
CA HIS B 828 -35.10 9.97 -29.14
C HIS B 828 -34.18 8.90 -29.71
N LYS B 829 -33.00 8.73 -29.11
CA LYS B 829 -32.07 7.72 -29.60
C LYS B 829 -32.63 6.33 -29.41
N VAL B 830 -33.15 6.05 -28.21
CA VAL B 830 -33.48 4.67 -27.90
C VAL B 830 -34.70 4.21 -28.70
N ILE B 831 -35.62 5.13 -29.01
CA ILE B 831 -36.66 4.79 -29.98
C ILE B 831 -36.07 4.60 -31.36
N LEU B 832 -35.21 5.54 -31.80
CA LEU B 832 -34.59 5.42 -33.12
C LEU B 832 -33.85 4.09 -33.28
N VAL B 833 -32.91 3.79 -32.39
CA VAL B 833 -32.20 2.52 -32.55
C VAL B 833 -33.17 1.35 -32.49
N SER B 834 -34.30 1.50 -31.78
CA SER B 834 -35.27 0.42 -31.67
C SER B 834 -36.00 0.15 -32.98
N PHE B 835 -35.87 1.02 -33.98
CA PHE B 835 -36.46 0.70 -35.29
C PHE B 835 -35.62 -0.40 -35.93
N TYR B 836 -34.38 -0.57 -35.50
CA TYR B 836 -33.52 -1.66 -35.99
C TYR B 836 -33.80 -2.93 -35.19
N GLY B 837 -33.93 -2.80 -33.89
CA GLY B 837 -34.21 -3.96 -33.05
C GLY B 837 -35.61 -4.49 -33.22
N TYR B 838 -36.54 -3.67 -33.69
CA TYR B 838 -37.96 -4.09 -33.78
C TYR B 838 -38.09 -5.20 -34.79
N VAL B 839 -37.13 -5.30 -35.69
CA VAL B 839 -37.35 -6.30 -36.73
C VAL B 839 -36.95 -7.65 -36.19
N MET B 840 -36.47 -7.68 -34.94
CA MET B 840 -36.12 -8.91 -34.25
C MET B 840 -36.90 -9.11 -32.97
N ARG B 841 -37.89 -8.27 -32.72
CA ARG B 841 -38.66 -8.31 -31.46
C ARG B 841 -39.69 -9.42 -31.47
N LYS B 842 -39.89 -10.04 -30.32
CA LYS B 842 -40.95 -11.03 -30.19
C LYS B 842 -42.29 -10.35 -30.42
N GLY B 843 -43.06 -10.91 -31.35
CA GLY B 843 -44.35 -10.36 -31.71
C GLY B 843 -44.30 -9.17 -32.64
N SER B 844 -43.13 -8.86 -33.20
CA SER B 844 -43.02 -7.80 -34.19
C SER B 844 -43.98 -8.06 -35.35
N ARG B 845 -44.63 -6.98 -35.83
CA ARG B 845 -45.45 -7.05 -37.03
C ARG B 845 -44.63 -6.96 -38.30
N TRP B 846 -43.36 -6.57 -38.20
CA TRP B 846 -42.47 -6.46 -39.36
C TRP B 846 -41.14 -7.10 -38.96
N TYR B 847 -41.10 -8.43 -39.05
CA TYR B 847 -39.93 -9.20 -38.61
C TYR B 847 -39.03 -9.52 -39.79
N SER B 848 -37.72 -9.39 -39.56
CA SER B 848 -36.74 -9.73 -40.59
C SER B 848 -35.36 -9.87 -39.96
N MET B 849 -34.88 -11.12 -39.86
CA MET B 849 -33.48 -11.33 -39.46
C MET B 849 -32.52 -10.80 -40.51
N GLU B 850 -32.85 -10.99 -41.79
CA GLU B 850 -31.94 -10.58 -42.85
C GLU B 850 -31.72 -9.07 -42.83
N MET B 851 -32.79 -8.30 -42.59
CA MET B 851 -32.65 -6.85 -42.55
C MET B 851 -31.75 -6.42 -41.39
N ALA B 852 -31.87 -7.09 -40.25
CA ALA B 852 -30.97 -6.79 -39.13
C ALA B 852 -29.54 -7.20 -39.45
N GLY B 853 -29.36 -8.41 -39.97
CA GLY B 853 -28.01 -8.88 -40.28
C GLY B 853 -27.31 -8.03 -41.31
N ILE B 854 -28.04 -7.62 -42.36
CA ILE B 854 -27.45 -6.81 -43.41
C ILE B 854 -27.00 -5.46 -42.86
N THR B 855 -27.82 -4.86 -42.01
CA THR B 855 -27.41 -3.63 -41.34
C THR B 855 -26.13 -3.83 -40.55
N CYS B 856 -26.06 -4.91 -39.77
CA CYS B 856 -24.90 -5.15 -38.92
C CYS B 856 -23.64 -5.34 -39.76
N LEU B 857 -23.70 -6.24 -40.76
CA LEU B 857 -22.52 -6.53 -41.56
C LEU B 857 -22.00 -5.27 -42.27
N THR B 858 -22.91 -4.40 -42.71
CA THR B 858 -22.49 -3.21 -43.45
C THR B 858 -21.69 -2.25 -42.57
N GLY B 859 -22.15 -2.06 -41.33
CA GLY B 859 -21.39 -1.24 -40.40
C GLY B 859 -20.00 -1.78 -40.12
N ALA B 860 -19.86 -3.09 -39.99
CA ALA B 860 -18.54 -3.66 -39.77
C ALA B 860 -17.60 -3.33 -40.93
N THR B 861 -18.09 -3.49 -42.17
CA THR B 861 -17.28 -3.20 -43.35
C THR B 861 -16.86 -1.75 -43.39
N ILE B 862 -17.73 -0.85 -42.92
CA ILE B 862 -17.45 0.58 -42.96
C ILE B 862 -16.43 0.96 -41.90
N ILE B 863 -16.63 0.49 -40.66
CA ILE B 863 -15.73 0.89 -39.58
C ILE B 863 -14.35 0.31 -39.82
N GLN B 864 -14.26 -0.82 -40.53
CA GLN B 864 -12.97 -1.46 -40.79
C GLN B 864 -12.21 -0.72 -41.89
N MET B 865 -12.92 -0.35 -42.96
CA MET B 865 -12.31 0.49 -43.99
C MET B 865 -11.73 1.76 -43.38
N ALA B 866 -12.40 2.31 -42.36
CA ALA B 866 -11.87 3.47 -41.65
C ALA B 866 -10.66 3.10 -40.81
N ARG B 867 -10.66 1.91 -40.22
CA ARG B 867 -9.50 1.48 -39.39
C ARG B 867 -8.27 1.35 -40.27
N ALA B 868 -8.45 0.77 -41.46
CA ALA B 868 -7.33 0.60 -42.37
C ALA B 868 -6.57 1.89 -42.60
N LEU B 869 -7.29 3.00 -42.79
CA LEU B 869 -6.62 4.25 -43.08
C LEU B 869 -6.02 4.87 -41.82
N VAL B 870 -6.67 4.69 -40.67
CA VAL B 870 -6.09 5.21 -39.44
C VAL B 870 -4.84 4.41 -39.06
N GLU B 871 -4.81 3.12 -39.38
CA GLU B 871 -3.62 2.30 -39.17
C GLU B 871 -2.44 2.83 -39.95
N ARG B 872 -2.67 3.29 -41.18
CA ARG B 872 -1.61 3.74 -42.07
C ARG B 872 -1.22 5.19 -41.86
N VAL B 873 -1.89 5.89 -40.95
CA VAL B 873 -1.69 7.32 -40.83
C VAL B 873 -1.50 7.66 -39.36
N GLY B 874 -1.93 6.77 -38.49
CA GLY B 874 -1.67 6.95 -37.09
C GLY B 874 -1.76 5.65 -36.33
N ARG B 875 -2.18 5.72 -35.08
CA ARG B 875 -2.27 4.52 -34.25
C ARG B 875 -3.67 4.39 -33.67
N PRO B 876 -4.53 3.56 -34.26
CA PRO B 876 -5.86 3.33 -33.68
C PRO B 876 -5.76 2.54 -32.39
N LEU B 877 -6.46 3.01 -31.35
CA LEU B 877 -6.37 2.42 -30.02
C LEU B 877 -7.50 1.42 -29.74
N GLU B 878 -8.75 1.77 -30.01
CA GLU B 878 -9.90 0.91 -29.72
C GLU B 878 -11.02 1.18 -30.72
N LEU B 879 -11.74 0.13 -31.10
CA LEU B 879 -12.78 0.20 -32.13
C LEU B 879 -14.01 -0.56 -31.65
N ASP B 880 -15.18 0.04 -31.83
CA ASP B 880 -16.42 -0.58 -31.35
C ASP B 880 -17.63 -0.21 -32.21
N THR B 881 -17.90 -1.06 -33.20
CA THR B 881 -19.09 -1.01 -34.03
C THR B 881 -19.02 0.15 -34.99
N ASP B 882 -19.03 1.39 -34.48
CA ASP B 882 -19.12 2.56 -35.33
C ASP B 882 -18.10 3.63 -35.02
N GLY B 883 -17.23 3.41 -34.02
CA GLY B 883 -16.30 4.43 -33.60
C GLY B 883 -14.90 3.87 -33.42
N ILE B 884 -13.94 4.80 -33.40
CA ILE B 884 -12.53 4.46 -33.27
C ILE B 884 -11.87 5.52 -32.43
N TRP B 885 -11.21 5.10 -31.35
CA TRP B 885 -10.28 5.94 -30.63
C TRP B 885 -8.90 5.76 -31.24
N CYS B 886 -8.17 6.87 -31.38
CA CYS B 886 -6.88 6.82 -32.04
C CYS B 886 -6.02 7.98 -31.55
N ILE B 887 -4.72 7.86 -31.82
CA ILE B 887 -3.81 8.99 -31.76
C ILE B 887 -3.29 9.23 -33.18
N LEU B 888 -3.19 10.50 -33.52
CA LEU B 888 -2.62 10.90 -34.79
C LEU B 888 -1.38 11.74 -34.52
N PRO B 889 -0.41 11.76 -35.45
CA PRO B 889 0.75 12.63 -35.26
C PRO B 889 0.29 14.08 -35.14
N LYS B 890 0.83 14.78 -34.14
CA LYS B 890 0.44 16.17 -33.91
C LYS B 890 0.57 17.02 -35.17
N SER B 891 1.49 16.65 -36.06
CA SER B 891 1.71 17.32 -37.34
C SER B 891 0.68 16.92 -38.42
N PHE B 892 -0.24 16.00 -38.14
CA PHE B 892 -1.24 15.68 -39.16
C PHE B 892 -2.27 16.80 -39.27
N PRO B 893 -2.82 17.04 -40.47
CA PRO B 893 -3.83 18.10 -40.64
C PRO B 893 -4.96 17.95 -39.63
N GLU B 894 -5.40 19.09 -39.11
CA GLU B 894 -6.39 19.05 -38.04
C GLU B 894 -7.73 19.69 -38.42
N THR B 895 -7.89 20.97 -38.10
CA THR B 895 -9.19 21.61 -38.23
C THR B 895 -8.94 22.97 -38.84
N TYR B 896 -9.79 23.34 -39.81
CA TYR B 896 -9.63 24.57 -40.55
C TYR B 896 -11.01 25.18 -40.78
N PHE B 897 -11.04 26.50 -40.90
CA PHE B 897 -12.29 27.22 -41.11
C PHE B 897 -12.23 27.94 -42.45
N PHE B 898 -13.12 27.55 -43.36
CA PHE B 898 -13.33 28.27 -44.61
C PHE B 898 -14.01 29.61 -44.34
N THR B 899 -13.74 30.60 -45.20
CA THR B 899 -14.46 31.88 -45.16
C THR B 899 -15.44 31.98 -46.31
N LEU B 900 -16.64 32.50 -46.01
CA LEU B 900 -17.70 32.64 -46.99
C LEU B 900 -17.82 34.09 -47.42
N GLU B 901 -18.20 34.29 -48.69
CA GLU B 901 -18.46 35.64 -49.18
C GLU B 901 -19.50 36.34 -48.32
N ASN B 902 -20.43 35.59 -47.74
CA ASN B 902 -21.48 36.10 -46.86
C ASN B 902 -20.95 36.56 -45.50
N GLY B 903 -19.64 36.59 -45.29
CA GLY B 903 -19.06 36.86 -44.01
C GLY B 903 -19.00 35.67 -43.07
N LYS B 904 -19.85 34.67 -43.28
CA LYS B 904 -19.87 33.48 -42.44
C LYS B 904 -18.64 32.63 -42.66
N LYS B 905 -18.48 31.59 -41.84
CA LYS B 905 -17.34 30.69 -41.90
C LYS B 905 -17.80 29.25 -41.79
N LEU B 906 -17.15 28.36 -42.53
CA LEU B 906 -17.42 26.92 -42.46
C LEU B 906 -16.35 26.22 -41.62
N TYR B 907 -16.74 25.07 -41.07
CA TYR B 907 -15.88 24.26 -40.21
C TYR B 907 -15.45 23.00 -40.94
N LEU B 908 -14.15 22.73 -40.94
CA LEU B 908 -13.58 21.57 -41.61
C LEU B 908 -12.59 20.90 -40.67
N SER B 909 -12.86 19.65 -40.33
CA SER B 909 -11.87 18.80 -39.67
C SER B 909 -11.39 17.80 -40.73
N TYR B 910 -10.16 17.97 -41.18
CA TYR B 910 -9.62 17.05 -42.19
C TYR B 910 -9.76 15.59 -41.81
N PRO B 911 -9.37 15.13 -40.60
CA PRO B 911 -9.48 13.70 -40.30
C PRO B 911 -10.88 13.14 -40.47
N CYS B 912 -11.91 13.94 -40.22
CA CYS B 912 -13.28 13.49 -40.44
C CYS B 912 -13.59 13.42 -41.94
N SER B 913 -13.41 14.53 -42.64
CA SER B 913 -13.79 14.62 -44.06
C SER B 913 -12.98 13.68 -44.93
N MET B 914 -11.73 13.36 -44.56
CA MET B 914 -10.98 12.42 -45.37
C MET B 914 -11.60 11.03 -45.32
N LEU B 915 -12.22 10.68 -44.18
CA LEU B 915 -12.94 9.42 -44.09
C LEU B 915 -14.30 9.51 -44.75
N ASN B 916 -15.04 10.58 -44.45
CA ASN B 916 -16.39 10.73 -44.98
C ASN B 916 -16.40 10.75 -46.50
N TYR B 917 -15.35 11.31 -47.12
CA TYR B 917 -15.23 11.16 -48.57
C TYR B 917 -15.09 9.70 -48.96
N ARG B 918 -14.23 8.96 -48.27
CA ARG B 918 -14.05 7.58 -48.67
C ARG B 918 -15.29 6.75 -48.38
N VAL B 919 -16.08 7.12 -47.36
CA VAL B 919 -17.37 6.46 -47.14
C VAL B 919 -18.28 6.68 -48.33
N HIS B 920 -18.39 7.93 -48.79
CA HIS B 920 -19.29 8.25 -49.89
C HIS B 920 -18.81 7.72 -51.24
N GLN B 921 -17.55 7.33 -51.36
CA GLN B 921 -17.12 6.66 -52.59
C GLN B 921 -17.31 5.15 -52.54
N LYS B 922 -17.28 4.56 -51.34
CA LYS B 922 -17.35 3.11 -51.25
C LYS B 922 -18.72 2.58 -50.82
N PHE B 923 -19.59 3.40 -50.22
CA PHE B 923 -20.87 2.93 -49.68
C PHE B 923 -22.03 3.89 -49.99
N THR B 924 -22.23 4.19 -51.27
CA THR B 924 -23.38 4.98 -51.70
C THR B 924 -24.34 4.08 -52.47
N ASN B 925 -25.63 4.16 -52.14
CA ASN B 925 -26.65 3.40 -52.83
C ASN B 925 -27.05 4.16 -54.10
N HIS B 926 -26.67 3.62 -55.26
CA HIS B 926 -27.00 4.21 -56.54
C HIS B 926 -28.28 3.64 -57.15
N GLN B 927 -28.92 2.69 -56.47
CA GLN B 927 -30.15 2.05 -56.94
C GLN B 927 -31.40 2.51 -56.19
N TYR B 928 -31.30 3.58 -55.40
CA TYR B 928 -32.47 4.10 -54.70
C TYR B 928 -33.54 4.53 -55.68
N GLN B 929 -34.74 3.98 -55.54
CA GLN B 929 -35.81 4.34 -56.43
C GLN B 929 -36.94 4.96 -55.63
N GLU B 930 -37.74 5.77 -56.31
CA GLU B 930 -38.82 6.52 -55.69
C GLU B 930 -39.95 6.70 -56.69
N LEU B 931 -41.18 6.60 -56.21
CA LEU B 931 -42.33 6.83 -57.06
C LEU B 931 -42.37 8.31 -57.45
N LYS B 932 -42.30 8.57 -58.76
CA LYS B 932 -42.43 9.92 -59.31
C LYS B 932 -43.86 10.22 -59.71
N ASP B 933 -44.46 9.39 -60.57
CA ASP B 933 -45.84 9.53 -61.01
C ASP B 933 -46.67 8.38 -60.44
N PRO B 934 -47.43 8.59 -59.37
CA PRO B 934 -48.23 7.48 -58.81
C PRO B 934 -49.34 7.01 -59.73
N LEU B 935 -49.97 7.91 -60.49
CA LEU B 935 -51.10 7.49 -61.32
C LEU B 935 -50.66 6.54 -62.43
N ASN B 936 -49.41 6.67 -62.90
CA ASN B 936 -48.90 5.83 -63.97
C ASN B 936 -47.72 4.95 -63.54
N TYR B 937 -47.44 4.88 -62.23
CA TYR B 937 -46.46 3.95 -61.67
C TYR B 937 -45.07 4.11 -62.31
N ILE B 938 -44.54 5.33 -62.22
CA ILE B 938 -43.26 5.69 -62.82
C ILE B 938 -42.27 6.02 -61.70
N TYR B 939 -41.14 5.33 -61.67
CA TYR B 939 -40.13 5.54 -60.64
C TYR B 939 -38.90 6.24 -61.21
N GLU B 940 -38.17 6.92 -60.32
CA GLU B 940 -36.96 7.66 -60.69
C GLU B 940 -35.79 7.19 -59.84
N THR B 941 -34.87 6.43 -60.44
CA THR B 941 -33.69 5.93 -59.76
C THR B 941 -32.70 7.07 -59.47
N HIS B 942 -31.95 6.93 -58.39
CA HIS B 942 -31.02 7.97 -57.96
C HIS B 942 -30.08 7.41 -56.88
N SER B 943 -29.25 8.30 -56.33
CA SER B 943 -28.15 7.93 -55.45
C SER B 943 -28.34 8.51 -54.06
N GLU B 944 -28.12 7.69 -53.05
CA GLU B 944 -28.38 8.10 -51.67
C GLU B 944 -27.24 7.60 -50.79
N ASN B 945 -26.69 8.49 -49.98
CA ASN B 945 -25.74 8.08 -48.95
C ASN B 945 -25.83 9.05 -47.79
N THR B 946 -26.25 8.56 -46.64
CA THR B 946 -26.47 9.41 -45.49
C THR B 946 -25.63 8.97 -44.28
N ILE B 947 -24.56 8.20 -44.54
CA ILE B 947 -23.59 7.77 -43.52
C ILE B 947 -22.48 8.81 -43.42
N PHE B 948 -22.17 9.25 -42.20
CA PHE B 948 -21.14 10.26 -41.95
C PHE B 948 -20.51 10.03 -40.58
N PHE B 949 -19.18 10.11 -40.51
CA PHE B 949 -18.46 10.15 -39.23
C PHE B 949 -18.55 11.55 -38.63
N GLU B 950 -18.44 11.62 -37.30
CA GLU B 950 -18.31 12.88 -36.58
C GLU B 950 -17.08 12.79 -35.71
N VAL B 951 -16.53 13.94 -35.32
CA VAL B 951 -15.26 13.96 -34.61
C VAL B 951 -15.43 14.67 -33.26
N ASP B 952 -14.83 14.07 -32.23
CA ASP B 952 -14.69 14.70 -30.93
C ASP B 952 -13.23 14.59 -30.51
N GLY B 953 -12.75 15.59 -29.79
CA GLY B 953 -11.32 15.67 -29.44
C GLY B 953 -10.78 17.03 -29.83
N PRO B 954 -9.46 17.32 -29.70
CA PRO B 954 -8.51 16.35 -29.18
C PRO B 954 -8.54 16.30 -27.66
N TYR B 955 -8.09 15.19 -27.07
CA TYR B 955 -8.19 15.03 -25.59
C TYR B 955 -6.82 15.07 -24.92
N LYS B 956 -6.80 15.29 -23.61
CA LYS B 956 -5.54 15.41 -22.88
C LYS B 956 -4.94 14.05 -22.54
N ALA B 957 -5.76 13.03 -22.33
CA ALA B 957 -5.25 11.72 -21.99
C ALA B 957 -6.32 10.67 -22.29
N MET B 958 -5.85 9.49 -22.68
CA MET B 958 -6.70 8.32 -22.71
C MET B 958 -5.92 7.12 -22.21
N ILE B 959 -6.59 6.30 -21.40
CA ILE B 959 -5.97 5.20 -20.67
C ILE B 959 -6.79 3.95 -20.97
N LEU B 960 -6.14 2.92 -21.50
CA LEU B 960 -6.82 1.67 -21.81
C LEU B 960 -6.17 0.50 -21.05
N PRO B 961 -6.97 -0.39 -20.48
CA PRO B 961 -6.41 -1.53 -19.75
C PRO B 961 -5.97 -2.64 -20.68
N SER B 962 -5.36 -3.67 -20.08
CA SER B 962 -4.96 -4.85 -20.82
C SER B 962 -5.34 -6.09 -20.01
N SER B 963 -5.68 -7.15 -20.72
CA SER B 963 -6.02 -8.41 -20.09
C SER B 963 -4.80 -9.04 -19.43
N LYS B 964 -5.06 -9.84 -18.38
CA LYS B 964 -4.00 -10.57 -17.71
C LYS B 964 -3.61 -11.85 -18.43
N GLU B 965 -4.33 -12.22 -19.48
CA GLU B 965 -3.93 -13.31 -20.35
C GLU B 965 -3.12 -12.77 -21.52
N GLU B 966 -2.18 -13.58 -22.01
CA GLU B 966 -1.37 -13.17 -23.15
C GLU B 966 -2.21 -13.05 -24.42
N GLY B 967 -1.91 -12.02 -25.21
CA GLY B 967 -2.60 -11.82 -26.47
C GLY B 967 -3.89 -11.03 -26.39
N LYS B 968 -4.83 -11.49 -25.57
CA LYS B 968 -6.13 -10.84 -25.49
C LYS B 968 -6.01 -9.45 -24.87
N GLY B 969 -6.88 -8.54 -25.33
CA GLY B 969 -6.99 -7.21 -24.76
C GLY B 969 -8.22 -7.09 -23.89
N ILE B 970 -8.60 -5.85 -23.59
CA ILE B 970 -9.86 -5.57 -22.91
C ILE B 970 -10.62 -4.55 -23.75
N LYS B 971 -11.76 -4.98 -24.29
CA LYS B 971 -12.61 -4.10 -25.07
C LYS B 971 -13.59 -3.37 -24.16
N LYS B 972 -14.22 -2.33 -24.72
CA LYS B 972 -15.36 -1.67 -24.09
C LYS B 972 -15.02 -1.09 -22.72
N ARG B 973 -13.74 -0.75 -22.51
CA ARG B 973 -13.32 -0.19 -21.23
C ARG B 973 -12.13 0.73 -21.42
N TYR B 974 -12.23 1.94 -20.88
CA TYR B 974 -11.17 2.93 -20.90
C TYR B 974 -11.60 4.19 -20.14
N ALA B 975 -10.72 5.17 -20.05
CA ALA B 975 -11.05 6.46 -19.45
C ALA B 975 -10.33 7.53 -20.24
N VAL B 976 -11.06 8.58 -20.63
CA VAL B 976 -10.53 9.68 -21.43
C VAL B 976 -10.65 10.95 -20.61
N PHE B 977 -9.67 11.84 -20.77
CA PHE B 977 -9.63 13.08 -20.02
C PHE B 977 -9.62 14.27 -20.97
N ASN B 978 -10.37 15.30 -20.60
CA ASN B 978 -10.44 16.51 -21.40
C ASN B 978 -9.25 17.42 -21.10
N GLU B 979 -9.04 18.38 -22.00
CA GLU B 979 -7.93 19.32 -21.84
C GLU B 979 -7.99 20.05 -20.49
N ASP B 980 -9.19 20.18 -19.91
CA ASP B 980 -9.36 20.83 -18.62
C ASP B 980 -8.87 19.98 -17.44
N GLY B 981 -8.57 18.70 -17.65
CA GLY B 981 -8.41 17.78 -16.54
C GLY B 981 -9.70 17.19 -16.03
N SER B 982 -10.82 17.50 -16.68
CA SER B 982 -12.09 16.88 -16.38
C SER B 982 -12.18 15.50 -17.01
N LEU B 983 -12.89 14.61 -16.34
CA LEU B 983 -13.18 13.31 -16.92
C LEU B 983 -14.17 13.50 -18.07
N ALA B 984 -13.82 13.03 -19.25
CA ALA B 984 -14.68 13.14 -20.43
C ALA B 984 -15.51 11.88 -20.65
N GLU B 985 -14.86 10.73 -20.76
CA GLU B 985 -15.54 9.46 -20.91
C GLU B 985 -14.96 8.47 -19.91
N LEU B 986 -15.84 7.70 -19.28
CA LEU B 986 -15.45 6.58 -18.43
C LEU B 986 -16.35 5.42 -18.83
N LYS B 987 -15.76 4.38 -19.40
CA LYS B 987 -16.55 3.32 -20.03
C LYS B 987 -16.26 1.99 -19.36
N GLY B 988 -17.32 1.33 -18.87
CA GLY B 988 -17.27 -0.08 -18.54
C GLY B 988 -16.69 -0.47 -17.20
N PHE B 989 -15.78 0.33 -16.64
CA PHE B 989 -15.13 -0.05 -15.39
C PHE B 989 -16.15 -0.23 -14.27
N GLU B 990 -15.77 -1.06 -13.28
CA GLU B 990 -16.67 -1.36 -12.16
C GLU B 990 -17.09 -0.12 -11.40
N LEU B 991 -16.32 0.96 -11.51
CA LEU B 991 -16.65 2.22 -10.80
C LEU B 991 -18.08 2.67 -11.15
N LYS B 992 -18.54 2.39 -12.38
CA LYS B 992 -19.87 2.86 -12.84
C LYS B 992 -20.91 1.74 -12.85
N ARG B 993 -20.48 0.49 -12.86
CA ARG B 993 -21.41 -0.65 -12.90
C ARG B 993 -22.16 -0.70 -11.58
N ARG B 994 -23.39 -1.19 -11.59
CA ARG B 994 -24.18 -1.32 -10.34
C ARG B 994 -23.54 -2.40 -9.48
N GLY B 995 -23.33 -2.06 -8.23
CA GLY B 995 -22.76 -3.02 -7.30
C GLY B 995 -21.26 -3.09 -7.44
N GLU B 996 -20.74 -4.30 -7.64
CA GLU B 996 -19.31 -4.60 -7.61
C GLU B 996 -18.72 -4.42 -6.20
N LEU B 997 -17.49 -4.85 -6.02
CA LEU B 997 -16.82 -4.69 -4.73
C LEU B 997 -16.40 -3.24 -4.58
N GLN B 998 -16.89 -2.59 -3.51
CA GLN B 998 -16.66 -1.16 -3.32
C GLN B 998 -15.19 -0.80 -3.36
N LEU B 999 -14.32 -1.68 -2.83
CA LEU B 999 -12.89 -1.38 -2.79
C LEU B 999 -12.31 -1.13 -4.18
N ILE B 1000 -12.76 -1.89 -5.19
CA ILE B 1000 -12.29 -1.64 -6.54
C ILE B 1000 -12.84 -0.31 -7.07
N LYS B 1001 -14.08 0.01 -6.71
CA LYS B 1001 -14.69 1.25 -7.18
C LYS B 1001 -13.94 2.48 -6.66
N ASN B 1002 -13.71 2.54 -5.35
CA ASN B 1002 -12.98 3.65 -4.78
C ASN B 1002 -11.54 3.67 -5.30
N PHE B 1003 -10.92 2.50 -5.48
CA PHE B 1003 -9.60 2.46 -6.08
C PHE B 1003 -9.61 3.06 -7.48
N GLN B 1004 -10.55 2.61 -8.32
CA GLN B 1004 -10.66 3.15 -9.68
C GLN B 1004 -11.02 4.63 -9.63
N SER B 1005 -11.87 5.03 -8.70
CA SER B 1005 -12.26 6.44 -8.60
C SER B 1005 -11.07 7.33 -8.26
N ASP B 1006 -10.08 6.78 -7.56
CA ASP B 1006 -8.91 7.52 -7.13
C ASP B 1006 -7.77 7.47 -8.13
N ILE B 1007 -7.74 6.46 -9.01
CA ILE B 1007 -6.53 6.19 -9.76
C ILE B 1007 -6.53 6.89 -11.12
N PHE B 1008 -7.67 7.01 -11.79
CA PHE B 1008 -7.65 7.36 -13.21
C PHE B 1008 -7.18 8.80 -13.45
N LYS B 1009 -7.54 9.72 -12.55
CA LYS B 1009 -7.08 11.10 -12.68
C LYS B 1009 -5.58 11.22 -12.42
N VAL B 1010 -5.00 10.29 -11.64
CA VAL B 1010 -3.58 10.34 -11.31
C VAL B 1010 -2.70 10.06 -12.51
N PHE B 1011 -3.22 9.38 -13.54
CA PHE B 1011 -2.49 9.24 -14.78
C PHE B 1011 -2.20 10.57 -15.45
N LEU B 1012 -2.83 11.65 -15.00
CA LEU B 1012 -2.53 12.98 -15.52
C LEU B 1012 -1.27 13.57 -14.91
N GLU B 1013 -0.65 12.91 -13.95
CA GLU B 1013 0.53 13.42 -13.26
C GLU B 1013 1.78 12.74 -13.78
N GLY B 1014 2.91 13.43 -13.60
CA GLY B 1014 4.19 12.99 -14.11
C GLY B 1014 4.65 13.86 -15.27
N ASP B 1015 5.92 13.68 -15.60
CA ASP B 1015 6.55 14.41 -16.69
C ASP B 1015 6.99 13.51 -17.83
N THR B 1016 7.20 12.22 -17.56
CA THR B 1016 7.52 11.22 -18.57
C THR B 1016 6.57 10.05 -18.38
N LEU B 1017 6.46 9.19 -19.40
CA LEU B 1017 5.64 7.99 -19.25
C LEU B 1017 6.06 7.21 -18.01
N GLU B 1018 7.37 7.12 -17.77
CA GLU B 1018 7.87 6.45 -16.59
C GLU B 1018 7.47 7.19 -15.32
N GLY B 1019 7.55 8.52 -15.32
CA GLY B 1019 7.09 9.29 -14.18
C GLY B 1019 5.58 9.25 -13.99
N CYS B 1020 4.82 9.13 -15.08
CA CYS B 1020 3.38 8.96 -14.96
C CYS B 1020 3.05 7.71 -14.16
N TYR B 1021 3.62 6.57 -14.54
CA TYR B 1021 3.35 5.32 -13.81
C TYR B 1021 3.88 5.36 -12.38
N SER B 1022 4.86 6.22 -12.09
CA SER B 1022 5.36 6.31 -10.72
C SER B 1022 4.32 6.94 -9.80
N ALA B 1023 3.65 8.00 -10.26
CA ALA B 1023 2.60 8.63 -9.46
C ALA B 1023 1.42 7.68 -9.28
N VAL B 1024 1.06 6.93 -10.31
CA VAL B 1024 -0.03 5.98 -10.22
C VAL B 1024 0.34 4.86 -9.24
N ALA B 1025 1.60 4.42 -9.26
CA ALA B 1025 2.05 3.36 -8.36
C ALA B 1025 1.86 3.75 -6.90
N SER B 1026 2.22 4.98 -6.54
CA SER B 1026 2.08 5.43 -5.16
C SER B 1026 0.65 5.24 -4.65
N VAL B 1027 -0.35 5.56 -5.49
CA VAL B 1027 -1.74 5.34 -5.10
C VAL B 1027 -2.03 3.84 -4.93
N CYS B 1028 -1.46 3.01 -5.79
CA CYS B 1028 -1.65 1.57 -5.64
C CYS B 1028 -1.09 1.06 -4.32
N ASN B 1029 0.13 1.47 -3.98
CA ASN B 1029 0.77 0.96 -2.79
C ASN B 1029 0.03 1.40 -1.53
N ARG B 1030 -0.54 2.62 -1.54
CA ARG B 1030 -1.38 3.04 -0.42
C ARG B 1030 -2.58 2.12 -0.26
N TRP B 1031 -3.23 1.78 -1.37
CA TRP B 1031 -4.31 0.82 -1.31
C TRP B 1031 -3.80 -0.56 -0.91
N LEU B 1032 -2.66 -0.98 -1.48
CA LEU B 1032 -2.08 -2.26 -1.07
C LEU B 1032 -1.81 -2.28 0.42
N ASP B 1033 -1.27 -1.18 0.95
CA ASP B 1033 -1.01 -1.06 2.38
C ASP B 1033 -2.28 -1.25 3.20
N VAL B 1034 -3.37 -0.62 2.76
CA VAL B 1034 -4.65 -0.75 3.48
C VAL B 1034 -5.05 -2.21 3.62
N LEU B 1035 -4.88 -2.99 2.55
CA LEU B 1035 -5.25 -4.39 2.59
C LEU B 1035 -4.21 -5.25 3.30
N ASP B 1036 -2.93 -4.86 3.22
CA ASP B 1036 -1.89 -5.62 3.90
C ASP B 1036 -1.91 -5.36 5.41
N SER B 1037 -2.41 -4.20 5.82
CA SER B 1037 -2.60 -3.89 7.23
C SER B 1037 -3.85 -4.54 7.80
N HIS B 1038 -4.57 -5.33 7.00
CA HIS B 1038 -5.83 -5.95 7.40
C HIS B 1038 -6.82 -4.89 7.89
N GLY B 1039 -6.80 -3.73 7.24
CA GLY B 1039 -7.73 -2.67 7.58
C GLY B 1039 -7.53 -2.07 8.95
N LEU B 1040 -6.34 -2.21 9.52
CA LEU B 1040 -6.05 -1.59 10.82
C LEU B 1040 -5.92 -0.09 10.72
N MET B 1041 -5.65 0.42 9.52
CA MET B 1041 -5.56 1.86 9.26
C MET B 1041 -6.90 2.47 8.85
N LEU B 1042 -8.02 1.83 9.18
CA LEU B 1042 -9.33 2.34 8.82
C LEU B 1042 -10.27 2.22 10.01
N GLU B 1043 -11.14 3.21 10.18
CA GLU B 1043 -12.20 3.12 11.17
C GLU B 1043 -13.19 2.04 10.78
N ASP B 1044 -14.08 1.70 11.72
CA ASP B 1044 -15.01 0.60 11.52
C ASP B 1044 -16.02 0.89 10.42
N GLU B 1045 -16.50 2.14 10.34
CA GLU B 1045 -17.47 2.49 9.31
C GLU B 1045 -16.87 2.36 7.92
N ASP B 1046 -15.70 2.99 7.71
CA ASP B 1046 -15.06 2.92 6.40
C ASP B 1046 -14.70 1.51 6.01
N LEU B 1047 -14.34 0.67 6.98
CA LEU B 1047 -13.98 -0.70 6.65
C LEU B 1047 -15.16 -1.46 6.07
N VAL B 1048 -16.31 -1.40 6.75
CA VAL B 1048 -17.45 -2.20 6.30
C VAL B 1048 -17.95 -1.72 4.94
N SER B 1049 -17.86 -0.41 4.69
CA SER B 1049 -18.30 0.14 3.41
C SER B 1049 -17.36 -0.25 2.29
N LEU B 1050 -16.05 -0.28 2.57
CA LEU B 1050 -15.06 -0.50 1.52
C LEU B 1050 -15.00 -1.95 1.09
N ILE B 1051 -15.17 -2.89 2.01
CA ILE B 1051 -15.11 -4.31 1.70
C ILE B 1051 -16.47 -4.87 1.31
N CYS B 1052 -17.52 -4.06 1.32
CA CYS B 1052 -18.84 -4.55 0.96
C CYS B 1052 -18.96 -4.75 -0.52
N GLU B 1053 -19.59 -5.85 -0.92
CA GLU B 1053 -20.03 -6.06 -2.28
C GLU B 1053 -21.55 -6.15 -2.28
N ASN B 1054 -22.16 -5.43 -3.21
CA ASN B 1054 -23.60 -5.41 -3.43
C ASN B 1054 -23.87 -6.03 -4.78
N ARG B 1055 -24.67 -7.09 -4.82
CA ARG B 1055 -25.12 -7.68 -6.07
C ARG B 1055 -26.63 -7.74 -6.06
N SER B 1056 -27.26 -7.28 -7.14
CA SER B 1056 -28.71 -7.36 -7.28
C SER B 1056 -29.11 -8.74 -7.79
N MET B 1057 -30.24 -9.25 -7.31
CA MET B 1057 -30.83 -10.49 -7.78
C MET B 1057 -32.01 -10.15 -8.68
N SER B 1058 -31.95 -10.56 -9.96
CA SER B 1058 -32.99 -10.14 -10.91
C SER B 1058 -34.33 -10.80 -10.60
N LYS B 1059 -34.31 -12.02 -10.08
CA LYS B 1059 -35.51 -12.78 -9.74
C LYS B 1059 -35.53 -12.99 -8.23
N THR B 1060 -36.37 -13.93 -7.78
CA THR B 1060 -36.39 -14.32 -6.38
C THR B 1060 -35.51 -15.56 -6.17
N LEU B 1061 -35.09 -15.77 -4.91
CA LEU B 1061 -34.18 -16.86 -4.59
C LEU B 1061 -34.71 -18.22 -5.02
N LYS B 1062 -36.03 -18.40 -5.00
CA LYS B 1062 -36.59 -19.68 -5.41
C LYS B 1062 -36.31 -19.95 -6.88
N GLU B 1063 -36.31 -18.92 -7.72
CA GLU B 1063 -36.11 -19.07 -9.15
C GLU B 1063 -34.68 -19.44 -9.53
N TYR B 1064 -33.77 -19.52 -8.57
CA TYR B 1064 -32.37 -19.84 -8.85
C TYR B 1064 -31.98 -21.24 -8.36
N GLU B 1065 -32.96 -22.08 -8.04
CA GLU B 1065 -32.66 -23.41 -7.51
C GLU B 1065 -31.80 -24.21 -8.48
N GLY B 1066 -30.77 -24.86 -7.95
CA GLY B 1066 -29.79 -25.58 -8.74
C GLY B 1066 -28.57 -24.77 -9.09
N GLN B 1067 -28.46 -23.54 -8.58
CA GLN B 1067 -27.37 -22.63 -8.93
C GLN B 1067 -26.67 -22.15 -7.67
N LYS B 1068 -25.40 -21.80 -7.81
CA LYS B 1068 -24.55 -21.40 -6.70
C LYS B 1068 -24.01 -20.00 -6.96
N SER B 1069 -24.10 -19.12 -5.95
CA SER B 1069 -23.64 -17.75 -6.15
C SER B 1069 -23.45 -17.07 -4.81
N THR B 1070 -22.61 -16.02 -4.80
CA THR B 1070 -22.45 -15.22 -3.60
C THR B 1070 -23.76 -14.56 -3.22
N SER B 1071 -24.61 -14.28 -4.20
CA SER B 1071 -25.89 -13.65 -3.93
C SER B 1071 -26.89 -14.68 -3.41
N ILE B 1072 -26.98 -15.82 -4.10
CA ILE B 1072 -27.89 -16.87 -3.66
C ILE B 1072 -27.61 -17.22 -2.20
N THR B 1073 -26.32 -17.32 -1.85
CA THR B 1073 -25.92 -17.59 -0.49
C THR B 1073 -26.31 -16.45 0.44
N THR B 1074 -25.99 -15.23 0.04
CA THR B 1074 -26.28 -14.07 0.88
C THR B 1074 -27.77 -13.96 1.15
N ALA B 1075 -28.60 -14.32 0.17
CA ALA B 1075 -30.04 -14.16 0.35
C ALA B 1075 -30.59 -15.20 1.31
N ARG B 1076 -30.12 -16.45 1.23
CA ARG B 1076 -30.57 -17.48 2.17
C ARG B 1076 -30.24 -17.10 3.60
N ARG B 1077 -28.99 -16.68 3.83
CA ARG B 1077 -28.59 -16.31 5.18
C ARG B 1077 -29.34 -15.07 5.66
N LEU B 1078 -29.64 -14.15 4.74
CA LEU B 1078 -30.39 -12.96 5.12
C LEU B 1078 -31.80 -13.32 5.58
N GLY B 1079 -32.47 -14.23 4.88
CA GLY B 1079 -33.80 -14.66 5.26
C GLY B 1079 -33.84 -15.66 6.38
N ASP B 1080 -32.74 -16.40 6.56
CA ASP B 1080 -32.64 -17.38 7.66
C ASP B 1080 -32.51 -16.62 8.98
N PHE B 1081 -32.05 -15.38 8.93
CA PHE B 1081 -31.78 -14.66 10.20
C PHE B 1081 -32.73 -13.48 10.41
N LEU B 1082 -33.34 -12.95 9.36
CA LEU B 1082 -34.18 -11.74 9.51
C LEU B 1082 -35.58 -12.02 8.98
N GLY B 1083 -35.81 -13.23 8.47
CA GLY B 1083 -37.12 -13.58 7.96
C GLY B 1083 -37.17 -13.92 6.47
N GLU B 1084 -37.86 -15.01 6.11
CA GLU B 1084 -38.08 -15.32 4.69
C GLU B 1084 -38.89 -14.25 3.97
N ASP B 1085 -39.37 -13.27 4.73
CA ASP B 1085 -40.03 -12.12 4.09
C ASP B 1085 -38.94 -11.26 3.46
N MET B 1086 -37.69 -11.45 3.89
CA MET B 1086 -36.60 -10.68 3.31
C MET B 1086 -36.32 -11.06 1.86
N VAL B 1087 -36.65 -12.30 1.49
CA VAL B 1087 -36.28 -12.82 0.15
C VAL B 1087 -37.53 -13.09 -0.69
N LYS B 1088 -38.64 -12.44 -0.39
CA LYS B 1088 -39.92 -12.75 -1.09
C LYS B 1088 -40.00 -12.06 -2.44
N ASP B 1089 -39.55 -10.81 -2.51
CA ASP B 1089 -39.72 -10.04 -3.76
C ASP B 1089 -38.44 -10.08 -4.60
N LYS B 1090 -38.58 -9.87 -5.91
CA LYS B 1090 -37.42 -9.82 -6.78
C LYS B 1090 -36.65 -8.53 -6.56
N GLY B 1091 -35.40 -8.52 -7.02
CA GLY B 1091 -34.58 -7.33 -6.95
C GLY B 1091 -33.78 -7.14 -5.68
N LEU B 1092 -33.66 -8.18 -4.86
CA LEU B 1092 -33.01 -8.01 -3.58
C LEU B 1092 -31.54 -7.64 -3.75
N GLN B 1093 -31.13 -6.55 -3.10
CA GLN B 1093 -29.73 -6.13 -3.12
C GLN B 1093 -28.98 -6.88 -2.03
N CYS B 1094 -28.05 -7.73 -2.45
CA CYS B 1094 -27.33 -8.63 -1.55
C CYS B 1094 -26.00 -8.01 -1.19
N LYS B 1095 -25.90 -7.48 0.05
CA LYS B 1095 -24.67 -6.84 0.54
C LYS B 1095 -23.90 -7.83 1.41
N TYR B 1096 -22.71 -8.25 0.95
CA TYR B 1096 -22.01 -9.32 1.62
C TYR B 1096 -20.52 -9.07 1.68
N ILE B 1097 -19.85 -9.78 2.58
CA ILE B 1097 -18.41 -9.93 2.60
C ILE B 1097 -18.07 -11.41 2.52
N ILE B 1098 -16.79 -11.69 2.30
CA ILE B 1098 -16.30 -13.05 2.14
C ILE B 1098 -15.50 -13.42 3.38
N SER B 1099 -15.91 -14.48 4.07
CA SER B 1099 -15.19 -14.95 5.24
C SER B 1099 -14.07 -15.89 4.85
N SER B 1100 -13.13 -16.10 5.79
CA SER B 1100 -12.03 -17.03 5.55
C SER B 1100 -12.40 -18.45 5.93
N LYS B 1101 -13.15 -18.64 7.09
CA LYS B 1101 -13.78 -19.90 7.46
C LYS B 1101 -15.16 -19.99 6.83
N PRO B 1102 -15.65 -21.20 6.54
CA PRO B 1102 -14.95 -22.48 6.61
C PRO B 1102 -13.82 -22.55 5.58
N PHE B 1103 -12.59 -22.75 6.01
CA PHE B 1103 -11.48 -22.99 5.08
C PHE B 1103 -11.84 -24.14 4.15
N ASN B 1104 -11.18 -24.20 2.99
CA ASN B 1104 -11.40 -25.23 1.97
C ASN B 1104 -12.80 -25.17 1.36
N ALA B 1105 -13.60 -24.15 1.69
CA ALA B 1105 -14.93 -24.10 1.10
C ALA B 1105 -14.95 -23.14 -0.07
N PRO B 1106 -15.79 -23.39 -1.07
CA PRO B 1106 -15.86 -22.48 -2.21
C PRO B 1106 -16.28 -21.09 -1.77
N VAL B 1107 -15.89 -20.09 -2.58
CA VAL B 1107 -16.16 -18.70 -2.23
C VAL B 1107 -17.64 -18.47 -2.01
N THR B 1108 -18.49 -19.08 -2.85
CA THR B 1108 -19.93 -18.81 -2.74
C THR B 1108 -20.53 -19.32 -1.44
N GLU B 1109 -19.82 -20.19 -0.71
CA GLU B 1109 -20.29 -20.64 0.59
C GLU B 1109 -19.82 -19.75 1.73
N ARG B 1110 -18.98 -18.76 1.45
CA ARG B 1110 -18.39 -17.92 2.48
C ARG B 1110 -18.93 -16.49 2.45
N ALA B 1111 -20.06 -16.28 1.78
CA ALA B 1111 -20.64 -14.93 1.67
C ALA B 1111 -21.54 -14.69 2.86
N ILE B 1112 -21.21 -13.69 3.66
CA ILE B 1112 -21.94 -13.37 4.89
C ILE B 1112 -22.62 -12.03 4.72
N PRO B 1113 -23.93 -11.94 4.94
CA PRO B 1113 -24.60 -10.62 4.89
C PRO B 1113 -24.05 -9.70 5.96
N VAL B 1114 -23.57 -8.53 5.53
CA VAL B 1114 -23.00 -7.55 6.44
C VAL B 1114 -24.01 -7.08 7.48
N ALA B 1115 -25.30 -7.32 7.26
CA ALA B 1115 -26.33 -6.89 8.20
C ALA B 1115 -26.24 -7.64 9.52
N ILE B 1116 -25.63 -8.83 9.52
CA ILE B 1116 -25.45 -9.59 10.75
C ILE B 1116 -24.61 -8.81 11.75
N PHE B 1117 -23.70 -7.98 11.26
CA PHE B 1117 -22.78 -7.25 12.12
C PHE B 1117 -23.41 -6.03 12.75
N SER B 1118 -24.68 -5.75 12.43
CA SER B 1118 -25.49 -4.79 13.15
C SER B 1118 -26.63 -5.47 13.91
N ALA B 1119 -26.60 -6.80 14.03
CA ALA B 1119 -27.55 -7.50 14.88
C ALA B 1119 -27.08 -7.43 16.33
N ASP B 1120 -27.97 -7.77 17.25
CA ASP B 1120 -27.56 -7.78 18.65
C ASP B 1120 -26.57 -8.92 18.89
N ILE B 1121 -25.84 -8.80 20.00
CA ILE B 1121 -24.69 -9.68 20.22
C ILE B 1121 -25.06 -11.17 20.23
N PRO B 1122 -26.19 -11.59 20.83
CA PRO B 1122 -26.59 -13.00 20.70
C PRO B 1122 -26.71 -13.47 19.26
N ILE B 1123 -27.56 -12.79 18.49
CA ILE B 1123 -27.79 -13.20 17.10
C ILE B 1123 -26.49 -13.15 16.30
N LYS B 1124 -25.75 -12.04 16.41
CA LYS B 1124 -24.43 -11.93 15.80
C LYS B 1124 -23.58 -13.16 16.08
N ARG B 1125 -23.53 -13.58 17.35
CA ARG B 1125 -22.72 -14.73 17.74
C ARG B 1125 -23.22 -16.01 17.08
N SER B 1126 -24.51 -16.30 17.23
CA SER B 1126 -25.06 -17.59 16.83
C SER B 1126 -24.87 -17.83 15.33
N PHE B 1127 -25.33 -16.90 14.49
CA PHE B 1127 -25.28 -17.12 13.05
C PHE B 1127 -23.84 -17.11 12.53
N LEU B 1128 -23.03 -16.15 12.99
CA LEU B 1128 -21.62 -16.15 12.61
C LEU B 1128 -20.98 -17.49 12.90
N ARG B 1129 -21.32 -18.09 14.05
CA ARG B 1129 -20.80 -19.40 14.41
C ARG B 1129 -21.18 -20.46 13.37
N ARG B 1130 -22.44 -20.47 12.95
CA ARG B 1130 -22.87 -21.47 11.98
C ARG B 1130 -22.20 -21.24 10.63
N TRP B 1131 -22.19 -19.98 10.15
CA TRP B 1131 -21.68 -19.70 8.81
C TRP B 1131 -20.19 -19.97 8.72
N THR B 1132 -19.44 -19.67 9.78
CA THR B 1132 -18.02 -20.00 9.80
C THR B 1132 -17.78 -21.47 10.11
N LEU B 1133 -18.82 -22.21 10.49
CA LEU B 1133 -18.67 -23.61 10.90
C LEU B 1133 -17.65 -23.73 12.02
N ASP B 1134 -17.70 -22.79 12.96
CA ASP B 1134 -16.80 -22.77 14.11
C ASP B 1134 -17.68 -22.53 15.34
N PRO B 1135 -18.06 -23.59 16.07
CA PRO B 1135 -18.99 -23.41 17.20
C PRO B 1135 -18.39 -22.64 18.35
N SER B 1136 -17.06 -22.58 18.49
CA SER B 1136 -16.40 -21.93 19.60
C SER B 1136 -15.96 -20.51 19.27
N LEU B 1137 -16.48 -19.92 18.20
CA LEU B 1137 -16.10 -18.57 17.81
C LEU B 1137 -16.47 -17.59 18.92
N GLU B 1138 -15.56 -16.65 19.18
CA GLU B 1138 -15.84 -15.65 20.20
C GLU B 1138 -15.61 -14.23 19.72
N ASP B 1139 -14.52 -13.97 18.98
CA ASP B 1139 -14.31 -12.67 18.36
C ASP B 1139 -15.31 -12.47 17.22
N LEU B 1140 -16.12 -11.40 17.30
CA LEU B 1140 -17.17 -11.14 16.35
C LEU B 1140 -16.91 -9.87 15.55
N ASP B 1141 -15.64 -9.47 15.46
CA ASP B 1141 -15.26 -8.27 14.68
C ASP B 1141 -15.00 -8.65 13.22
N ILE B 1142 -15.49 -7.84 12.28
CA ILE B 1142 -15.34 -8.15 10.83
C ILE B 1142 -13.87 -8.35 10.49
N ARG B 1143 -12.97 -7.70 11.21
CA ARG B 1143 -11.53 -7.79 10.85
C ARG B 1143 -11.01 -9.20 11.09
N THR B 1144 -11.76 -10.01 11.84
CA THR B 1144 -11.27 -11.36 12.17
C THR B 1144 -11.87 -12.38 11.22
N ILE B 1145 -12.98 -12.02 10.57
CA ILE B 1145 -13.69 -13.01 9.71
C ILE B 1145 -13.39 -12.76 8.23
N ILE B 1146 -12.68 -11.69 7.88
CA ILE B 1146 -12.49 -11.35 6.44
C ILE B 1146 -11.36 -12.16 5.80
N ASP B 1147 -11.58 -12.75 4.62
CA ASP B 1147 -10.49 -13.43 3.88
C ASP B 1147 -9.68 -12.34 3.20
N TRP B 1148 -8.96 -11.55 4.00
CA TRP B 1148 -8.09 -10.49 3.44
C TRP B 1148 -7.31 -11.04 2.24
N GLY B 1149 -6.87 -12.29 2.29
CA GLY B 1149 -6.25 -12.86 1.11
C GLY B 1149 -7.11 -12.72 -0.14
N TYR B 1150 -8.42 -12.96 -0.01
CA TYR B 1150 -9.32 -12.85 -1.14
C TYR B 1150 -9.33 -11.44 -1.69
N TYR B 1151 -9.50 -10.45 -0.81
CA TYR B 1151 -9.59 -9.07 -1.27
C TYR B 1151 -8.25 -8.54 -1.75
N ARG B 1152 -7.14 -9.12 -1.28
CA ARG B 1152 -5.82 -8.72 -1.79
C ARG B 1152 -5.61 -9.22 -3.21
N GLU B 1153 -6.06 -10.44 -3.53
CA GLU B 1153 -5.92 -10.93 -4.88
C GLU B 1153 -6.77 -10.13 -5.85
N ARG B 1154 -7.99 -9.75 -5.43
CA ARG B 1154 -8.88 -8.98 -6.31
C ARG B 1154 -8.32 -7.59 -6.58
N LEU B 1155 -8.05 -6.82 -5.52
CA LEU B 1155 -7.42 -5.52 -5.71
C LEU B 1155 -6.17 -5.64 -6.58
N GLY B 1156 -5.29 -6.58 -6.26
CA GLY B 1156 -4.09 -6.74 -7.06
C GLY B 1156 -4.38 -7.05 -8.51
N SER B 1157 -5.44 -7.83 -8.77
CA SER B 1157 -5.83 -8.12 -10.14
C SER B 1157 -6.21 -6.84 -10.90
N ALA B 1158 -6.83 -5.89 -10.20
CA ALA B 1158 -7.16 -4.61 -10.81
C ALA B 1158 -5.88 -3.82 -11.11
N ILE B 1159 -4.90 -3.83 -10.20
CA ILE B 1159 -3.66 -3.11 -10.45
C ILE B 1159 -2.98 -3.64 -11.71
N GLN B 1160 -3.05 -4.96 -11.91
CA GLN B 1160 -2.42 -5.55 -13.08
C GLN B 1160 -3.03 -5.01 -14.35
N LYS B 1161 -4.37 -4.96 -14.41
CA LYS B 1161 -5.01 -4.66 -15.68
C LYS B 1161 -4.99 -3.17 -16.02
N ILE B 1162 -4.94 -2.30 -15.01
CA ILE B 1162 -5.01 -0.86 -15.25
C ILE B 1162 -3.61 -0.24 -15.26
N ILE B 1163 -2.69 -0.81 -14.49
CA ILE B 1163 -1.41 -0.15 -14.28
C ILE B 1163 -0.22 -0.97 -14.78
N THR B 1164 0.06 -2.11 -14.13
CA THR B 1164 1.36 -2.76 -14.32
C THR B 1164 1.49 -3.44 -15.69
N ILE B 1165 0.49 -4.22 -16.09
CA ILE B 1165 0.60 -4.91 -17.38
C ILE B 1165 0.52 -3.90 -18.52
N PRO B 1166 -0.33 -2.86 -18.48
CA PRO B 1166 -0.20 -1.83 -19.52
C PRO B 1166 1.16 -1.17 -19.52
N ALA B 1167 1.77 -0.98 -18.34
CA ALA B 1167 3.07 -0.32 -18.29
C ALA B 1167 4.14 -1.14 -19.01
N ALA B 1168 4.14 -2.46 -18.79
CA ALA B 1168 5.12 -3.31 -19.45
C ALA B 1168 4.90 -3.35 -20.96
N LEU B 1169 3.66 -3.22 -21.42
CA LEU B 1169 3.40 -3.14 -22.85
C LEU B 1169 4.05 -1.91 -23.47
N GLN B 1170 4.32 -0.88 -22.67
CA GLN B 1170 4.99 0.33 -23.12
C GLN B 1170 6.44 0.40 -22.63
N GLY B 1171 7.04 -0.76 -22.36
CA GLY B 1171 8.45 -0.82 -22.03
C GLY B 1171 8.81 -0.23 -20.70
N VAL B 1172 7.83 0.00 -19.83
CA VAL B 1172 8.08 0.48 -18.48
C VAL B 1172 8.01 -0.71 -17.52
N SER B 1173 9.07 -0.90 -16.72
CA SER B 1173 9.17 -2.00 -15.78
C SER B 1173 8.16 -1.79 -14.64
N ASN B 1174 7.76 -2.91 -14.02
CA ASN B 1174 6.62 -2.95 -13.13
C ASN B 1174 6.67 -1.79 -12.15
N PRO B 1175 5.74 -0.82 -12.25
CA PRO B 1175 5.78 0.32 -11.32
C PRO B 1175 5.28 -0.05 -9.94
N VAL B 1176 4.54 -1.14 -9.81
CA VAL B 1176 4.05 -1.61 -8.52
C VAL B 1176 4.60 -3.01 -8.27
N PRO B 1177 5.85 -3.14 -7.82
CA PRO B 1177 6.47 -4.47 -7.75
C PRO B 1177 5.80 -5.40 -6.74
N ARG B 1178 5.09 -4.86 -5.75
CA ARG B 1178 4.36 -5.67 -4.78
C ARG B 1178 3.23 -6.48 -5.41
N VAL B 1179 2.92 -6.19 -6.67
CA VAL B 1179 1.99 -6.99 -7.46
C VAL B 1179 2.80 -7.61 -8.57
N GLU B 1180 3.01 -8.92 -8.47
CA GLU B 1180 3.93 -9.59 -9.39
C GLU B 1180 3.30 -9.69 -10.79
N HIS B 1181 4.17 -9.71 -11.79
CA HIS B 1181 3.67 -9.84 -13.15
C HIS B 1181 3.21 -11.27 -13.39
N PRO B 1182 2.25 -11.48 -14.31
CA PRO B 1182 1.91 -12.86 -14.69
C PRO B 1182 3.14 -13.54 -15.22
N ASP B 1183 3.16 -14.88 -15.10
CA ASP B 1183 4.36 -15.62 -15.47
C ASP B 1183 4.76 -15.38 -16.92
N TRP B 1184 3.81 -15.56 -17.85
CA TRP B 1184 4.11 -15.36 -19.26
C TRP B 1184 4.71 -13.97 -19.50
N LEU B 1185 4.26 -12.97 -18.76
CA LEU B 1185 4.79 -11.62 -18.93
C LEU B 1185 6.26 -11.56 -18.56
N LYS B 1186 6.65 -12.18 -17.44
CA LYS B 1186 8.06 -12.20 -17.06
C LYS B 1186 8.90 -12.91 -18.12
N ARG B 1187 8.37 -14.02 -18.67
CA ARG B 1187 9.09 -14.74 -19.73
C ARG B 1187 9.30 -13.85 -20.94
N LYS B 1188 8.24 -13.15 -21.39
CA LYS B 1188 8.39 -12.23 -22.50
C LYS B 1188 9.37 -11.11 -22.17
N ILE B 1189 9.35 -10.65 -20.91
CA ILE B 1189 10.31 -9.65 -20.46
C ILE B 1189 11.73 -10.19 -20.55
N ALA B 1190 11.92 -11.47 -20.19
CA ALA B 1190 13.22 -12.12 -20.34
C ALA B 1190 13.60 -12.35 -21.80
N THR B 1191 12.68 -12.08 -22.73
CA THR B 1191 12.91 -12.19 -24.17
C THR B 1191 13.22 -13.63 -24.58
N1 DOC C 11 -23.30 -0.33 -28.19
C2 DOC C 11 -24.30 -1.27 -28.45
N3 DOC C 11 -25.43 -1.24 -27.71
C4 DOC C 11 -25.58 -0.33 -26.75
C5 DOC C 11 -24.57 0.63 -26.47
C6 DOC C 11 -23.46 0.58 -27.21
O2 DOC C 11 -24.12 -2.10 -29.35
N4 DOC C 11 -26.71 -0.35 -26.05
C1' DOC C 11 -22.06 -0.37 -29.00
C2' DOC C 11 -22.15 0.37 -30.32
C3' DOC C 11 -21.54 1.71 -29.98
C4' DOC C 11 -20.47 1.35 -28.99
O4' DOC C 11 -21.04 0.25 -28.24
C5' DOC C 11 -20.12 2.45 -28.03
O5' DOC C 11 -18.70 2.41 -27.76
P DOC C 11 -18.20 2.60 -26.25
OP1 DOC C 11 -16.72 2.84 -26.31
OP2 DOC C 11 -18.98 3.74 -25.65
N1 DOC E 11 24.23 0.79 28.66
C2 DOC E 11 24.44 -0.44 28.04
N3 DOC E 11 25.50 -0.58 27.20
C4 DOC E 11 26.31 0.45 26.96
C5 DOC E 11 26.10 1.72 27.58
C6 DOC E 11 25.05 1.84 28.41
O2 DOC E 11 23.67 -1.38 28.29
N4 DOC E 11 27.32 0.26 26.13
C1' DOC E 11 23.07 0.94 29.56
C2' DOC E 11 23.31 0.47 30.98
C3' DOC E 11 23.46 1.76 31.76
C4' DOC E 11 22.60 2.73 30.99
O4' DOC E 11 22.75 2.32 29.62
C5' DOC E 11 23.03 4.15 31.12
O5' DOC E 11 21.87 5.01 30.96
P DOC E 11 22.05 6.39 30.17
OP1 DOC E 11 21.07 7.35 30.78
OP2 DOC E 11 23.48 6.82 30.27
PA UTP G . 26.96 1.36 33.66
O1A UTP G . 27.32 2.35 32.62
O2A UTP G . 26.35 1.85 34.92
O3A UTP G . 28.25 0.49 34.03
O5' UTP G . 26.02 0.23 33.01
PB UTP G . 28.84 -0.05 35.41
O1B UTP G . 27.77 -0.02 36.44
O2B UTP G . 29.55 -1.34 35.13
O3B UTP G . 29.92 1.07 35.74
PG UTP G . 29.87 2.42 36.61
O1G UTP G . 28.41 2.72 36.81
O2G UTP G . 30.57 3.47 35.80
O3G UTP G . 30.57 2.10 37.90
C5' UTP G . 25.52 -0.84 33.85
C4' UTP G . 25.81 -2.16 33.18
O4' UTP G . 25.73 -2.01 31.73
C1' UTP G . 26.52 -2.99 31.11
C2' UTP G . 27.35 -3.68 32.19
O2' UTP G . 26.79 -4.96 32.42
C3' UTP G . 27.22 -2.72 33.39
O3' UTP G . 27.33 -3.39 34.63
N1 UTP G . 27.38 -2.34 30.11
C6 UTP G . 27.62 -1.00 30.11
C2 UTP G . 27.98 -3.18 29.18
O2 UTP G . 27.80 -4.38 29.16
N3 UTP G . 28.79 -2.54 28.27
C4 UTP G . 29.07 -1.19 28.22
O4 UTP G . 29.82 -0.78 27.34
C5 UTP G . 28.42 -0.40 29.22
CA CA H . 26.62 1.65 37.02
CA CA I . 28.23 5.66 37.12
PA UTP J . -24.09 4.57 -31.07
O1A UTP J . -23.01 5.23 -31.85
O2A UTP J . -24.07 4.70 -29.58
O3A UTP J . -25.50 5.09 -31.61
O5' UTP J . -24.16 3.02 -31.46
PB UTP J . -25.99 5.85 -32.93
O1B UTP J . -27.31 5.30 -33.34
O2B UTP J . -24.87 5.88 -33.91
O3B UTP J . -26.21 7.33 -32.35
PG UTP J . -25.15 8.52 -32.13
O1G UTP J . -25.52 9.61 -33.08
O2G UTP J . -23.82 7.91 -32.43
O3G UTP J . -25.28 8.93 -30.69
C5' UTP J . -24.18 2.64 -32.85
C4' UTP J . -25.29 1.65 -33.08
O4' UTP J . -25.43 0.79 -31.92
C1' UTP J . -26.76 0.32 -31.85
C2' UTP J . -27.57 1.02 -32.95
O2' UTP J . -27.70 0.14 -34.03
C3' UTP J . -26.68 2.23 -33.26
O3' UTP J . -26.88 2.72 -34.57
N1 UTP J . -27.31 0.61 -30.51
C6 UTP J . -26.78 1.59 -29.72
C2 UTP J . -28.41 -0.14 -30.11
O2 UTP J . -28.90 -1.01 -30.80
N3 UTP J . -28.89 0.18 -28.87
C4 UTP J . -28.42 1.15 -28.01
O4 UTP J . -28.97 1.32 -26.93
C5 UTP J . -27.28 1.88 -28.50
CA CA K . -22.90 6.48 -33.69
CA CA L . -21.88 10.41 -31.47
C1 GOL M . 7.49 4.95 12.43
O1 GOL M . 7.98 4.56 11.17
C2 GOL M . 7.66 3.75 13.42
O2 GOL M . 7.12 2.55 12.98
C3 GOL M . 9.21 3.69 13.75
O3 GOL M . 9.82 4.89 13.33
#